data_4RXJ
# 
_entry.id   4RXJ 
# 
_audit_conform.dict_name       mmcif_pdbx.dic 
_audit_conform.dict_version    5.379 
_audit_conform.dict_location   http://mmcif.pdb.org/dictionaries/ascii/mmcif_pdbx.dic 
# 
loop_
_database_2.database_id 
_database_2.database_code 
_database_2.pdbx_database_accession 
_database_2.pdbx_DOI 
PDB   4RXJ         pdb_00004rxj 10.2210/pdb4rxj/pdb 
RCSB  RCSB087919   ?            ?                   
WWPDB D_1000087919 ?            ?                   
# 
_pdbx_database_status.entry_id                        4RXJ 
_pdbx_database_status.status_code                     REL 
_pdbx_database_status.deposit_site                    RCSB 
_pdbx_database_status.process_site                    RCSB 
_pdbx_database_status.recvd_initial_deposition_date   2014-12-11 
_pdbx_database_status.status_code_sf                  REL 
_pdbx_database_status.status_code_mr                  ? 
_pdbx_database_status.SG_entry                        Y 
_pdbx_database_status.status_code_cs                  ? 
_pdbx_database_status.methods_development_category    ? 
_pdbx_database_status.pdb_format_compatible           Y 
_pdbx_database_status.status_code_nmr_data            ? 
# 
loop_
_audit_author.name 
_audit_author.pdbx_ordinal 
'Qin, S.'                              1 
'Tempel, W.'                           2 
'Dong, A.'                             3 
'Li, Y.'                               4 
'Bountra, C.'                          5 
'Arrowsmith, C.H.'                     6 
'Edwards, A.M.'                        7 
'Min, J.'                              8 
'Structural Genomics Consortium (SGC)' 9 
# 
_citation.id                        primary 
_citation.title                     'Histone and DNA binding ability studies of the NSD subfamily of PWWP domains.' 
_citation.journal_abbrev            Biochem.Biophys.Res.Commun. 
_citation.journal_volume            569 
_citation.page_first                199 
_citation.page_last                 206 
_citation.year                      2021 
_citation.journal_id_ASTM           BBRCA9 
_citation.country                   US 
_citation.journal_id_ISSN           1090-2104 
_citation.journal_id_CSD            0146 
_citation.book_publisher            ? 
_citation.pdbx_database_id_PubMed   34271259 
_citation.pdbx_database_id_DOI      10.1016/j.bbrc.2021.07.017 
# 
loop_
_citation_author.citation_id 
_citation_author.name 
_citation_author.ordinal 
_citation_author.identifier_ORCID 
primary 'Zhang, M.'   1 ? 
primary 'Yang, Y.'    2 ? 
primary 'Zhou, M.'    3 ? 
primary 'Dong, A.'    4 ? 
primary 'Yan, X.'     5 ? 
primary 'Loppnau, P.' 6 ? 
primary 'Min, J.'     7 ? 
primary 'Liu, Y.'     8 ? 
# 
_cell.entry_id           4RXJ 
_cell.length_a           79.357 
_cell.length_b           99.476 
_cell.length_c           41.552 
_cell.angle_alpha        90.000 
_cell.angle_beta         90.000 
_cell.angle_gamma        90.000 
_cell.pdbx_unique_axis   ? 
_cell.Z_PDB              8 
_cell.length_a_esd       ? 
_cell.length_b_esd       ? 
_cell.length_c_esd       ? 
_cell.angle_alpha_esd    ? 
_cell.angle_beta_esd     ? 
_cell.angle_gamma_esd    ? 
# 
_symmetry.entry_id                         4RXJ 
_symmetry.space_group_name_H-M             'C 2 2 21' 
_symmetry.Int_Tables_number                20 
_symmetry.pdbx_full_space_group_name_H-M   ? 
_symmetry.cell_setting                     ? 
_symmetry.space_group_name_Hall            ? 
# 
loop_
_entity.id 
_entity.type 
_entity.src_method 
_entity.pdbx_description 
_entity.formula_weight 
_entity.pdbx_number_of_molecules 
_entity.pdbx_ec 
_entity.pdbx_mutation 
_entity.pdbx_fragment 
_entity.details 
1 polymer     man 'Histone-lysine N-methyltransferase NSD3' 13224.050 1  2.1.1.43 ? ? ? 
2 non-polymer syn 'UNKNOWN ATOM OR ION'                     ?         8  ?        ? ? ? 
3 water       nat water                                     18.015    30 ?        ? ? ? 
# 
_entity_name_com.entity_id   1 
_entity_name_com.name        
;Nuclear SET domain-containing protein 3, Protein whistle, WHSC1-like 1 isoform 9 with methyltransferase activity to lysine, Wolf-Hirschhorn syndrome candidate 1-like protein 1, WHSC1-like protein 1
;
# 
_entity_poly.entity_id                      1 
_entity_poly.type                           'polypeptide(L)' 
_entity_poly.nstd_linkage                   no 
_entity_poly.nstd_monomer                   no 
_entity_poly.pdbx_seq_one_letter_code       
;GKAGKKLHYKQIVWVKLGNYRWWPAEICNPRSVPLNIQGLKHDLGDFPVFFFGSHDYYWVHQGRVFPYVEGDKSFAEGQT
SINKTFKKALEEAAKRFQELKAQRESKEALEIE
;
_entity_poly.pdbx_seq_one_letter_code_can   
;GKAGKKLHYKQIVWVKLGNYRWWPAEICNPRSVPLNIQGLKHDLGDFPVFFFGSHDYYWVHQGRVFPYVEGDKSFAEGQT
SINKTFKKALEEAAKRFQELKAQRESKEALEIE
;
_entity_poly.pdbx_strand_id                 A 
_entity_poly.pdbx_target_identifier         ? 
# 
loop_
_entity_poly_seq.entity_id 
_entity_poly_seq.num 
_entity_poly_seq.mon_id 
_entity_poly_seq.hetero 
1 1   GLY n 
1 2   LYS n 
1 3   ALA n 
1 4   GLY n 
1 5   LYS n 
1 6   LYS n 
1 7   LEU n 
1 8   HIS n 
1 9   TYR n 
1 10  LYS n 
1 11  GLN n 
1 12  ILE n 
1 13  VAL n 
1 14  TRP n 
1 15  VAL n 
1 16  LYS n 
1 17  LEU n 
1 18  GLY n 
1 19  ASN n 
1 20  TYR n 
1 21  ARG n 
1 22  TRP n 
1 23  TRP n 
1 24  PRO n 
1 25  ALA n 
1 26  GLU n 
1 27  ILE n 
1 28  CYS n 
1 29  ASN n 
1 30  PRO n 
1 31  ARG n 
1 32  SER n 
1 33  VAL n 
1 34  PRO n 
1 35  LEU n 
1 36  ASN n 
1 37  ILE n 
1 38  GLN n 
1 39  GLY n 
1 40  LEU n 
1 41  LYS n 
1 42  HIS n 
1 43  ASP n 
1 44  LEU n 
1 45  GLY n 
1 46  ASP n 
1 47  PHE n 
1 48  PRO n 
1 49  VAL n 
1 50  PHE n 
1 51  PHE n 
1 52  PHE n 
1 53  GLY n 
1 54  SER n 
1 55  HIS n 
1 56  ASP n 
1 57  TYR n 
1 58  TYR n 
1 59  TRP n 
1 60  VAL n 
1 61  HIS n 
1 62  GLN n 
1 63  GLY n 
1 64  ARG n 
1 65  VAL n 
1 66  PHE n 
1 67  PRO n 
1 68  TYR n 
1 69  VAL n 
1 70  GLU n 
1 71  GLY n 
1 72  ASP n 
1 73  LYS n 
1 74  SER n 
1 75  PHE n 
1 76  ALA n 
1 77  GLU n 
1 78  GLY n 
1 79  GLN n 
1 80  THR n 
1 81  SER n 
1 82  ILE n 
1 83  ASN n 
1 84  LYS n 
1 85  THR n 
1 86  PHE n 
1 87  LYS n 
1 88  LYS n 
1 89  ALA n 
1 90  LEU n 
1 91  GLU n 
1 92  GLU n 
1 93  ALA n 
1 94  ALA n 
1 95  LYS n 
1 96  ARG n 
1 97  PHE n 
1 98  GLN n 
1 99  GLU n 
1 100 LEU n 
1 101 LYS n 
1 102 ALA n 
1 103 GLN n 
1 104 ARG n 
1 105 GLU n 
1 106 SER n 
1 107 LYS n 
1 108 GLU n 
1 109 ALA n 
1 110 LEU n 
1 111 GLU n 
1 112 ILE n 
1 113 GLU n 
# 
_entity_src_gen.entity_id                          1 
_entity_src_gen.pdbx_src_id                        1 
_entity_src_gen.pdbx_alt_source_flag               sample 
_entity_src_gen.pdbx_seq_type                      ? 
_entity_src_gen.pdbx_beg_seq_num                   ? 
_entity_src_gen.pdbx_end_seq_num                   ? 
_entity_src_gen.gene_src_common_name               human 
_entity_src_gen.gene_src_genus                     ? 
_entity_src_gen.pdbx_gene_src_gene                 'WHSC1L1, NSD3, DC28' 
_entity_src_gen.gene_src_species                   ? 
_entity_src_gen.gene_src_strain                    ? 
_entity_src_gen.gene_src_tissue                    ? 
_entity_src_gen.gene_src_tissue_fraction           ? 
_entity_src_gen.gene_src_details                   ? 
_entity_src_gen.pdbx_gene_src_fragment             ? 
_entity_src_gen.pdbx_gene_src_scientific_name      'Homo sapiens' 
_entity_src_gen.pdbx_gene_src_ncbi_taxonomy_id     9606 
_entity_src_gen.pdbx_gene_src_variant              ? 
_entity_src_gen.pdbx_gene_src_cell_line            ? 
_entity_src_gen.pdbx_gene_src_atcc                 ? 
_entity_src_gen.pdbx_gene_src_organ                ? 
_entity_src_gen.pdbx_gene_src_organelle            ? 
_entity_src_gen.pdbx_gene_src_cell                 ? 
_entity_src_gen.pdbx_gene_src_cellular_location    ? 
_entity_src_gen.host_org_common_name               ? 
_entity_src_gen.pdbx_host_org_scientific_name      'Escherichia coli' 
_entity_src_gen.pdbx_host_org_ncbi_taxonomy_id     562 
_entity_src_gen.host_org_genus                     ? 
_entity_src_gen.pdbx_host_org_gene                 ? 
_entity_src_gen.pdbx_host_org_organ                ? 
_entity_src_gen.host_org_species                   ? 
_entity_src_gen.pdbx_host_org_tissue               ? 
_entity_src_gen.pdbx_host_org_tissue_fraction      ? 
_entity_src_gen.pdbx_host_org_strain               'BL21(DE3)-V2R-pRARE2' 
_entity_src_gen.pdbx_host_org_variant              ? 
_entity_src_gen.pdbx_host_org_cell_line            ? 
_entity_src_gen.pdbx_host_org_atcc                 ? 
_entity_src_gen.pdbx_host_org_culture_collection   ? 
_entity_src_gen.pdbx_host_org_cell                 ? 
_entity_src_gen.pdbx_host_org_organelle            ? 
_entity_src_gen.pdbx_host_org_cellular_location    ? 
_entity_src_gen.pdbx_host_org_vector_type          ? 
_entity_src_gen.pdbx_host_org_vector               ? 
_entity_src_gen.host_org_details                   ? 
_entity_src_gen.expression_system_id               ? 
_entity_src_gen.plasmid_name                       pET28-MHL 
_entity_src_gen.plasmid_details                    ? 
_entity_src_gen.pdbx_description                   ? 
# 
_struct_ref.id                         1 
_struct_ref.db_name                    UNP 
_struct_ref.db_code                    NSD3_HUMAN 
_struct_ref.pdbx_db_accession          Q9BZ95 
_struct_ref.entity_id                  1 
_struct_ref.pdbx_seq_one_letter_code   
;KAGKKLHYKQIVWVKLGNYRWWPAEICNPRSVPLNIQGLKHDLGDFPVFFFGSHDYYWVHQGRVFPYVEGDKSFAEGQTS
INKTFKKALEEAAKRFQELKAQRESKEALEIE
;
_struct_ref.pdbx_align_begin           953 
_struct_ref.pdbx_db_isoform            ? 
# 
_struct_ref_seq.align_id                      1 
_struct_ref_seq.ref_id                        1 
_struct_ref_seq.pdbx_PDB_id_code              4RXJ 
_struct_ref_seq.pdbx_strand_id                A 
_struct_ref_seq.seq_align_beg                 2 
_struct_ref_seq.pdbx_seq_align_beg_ins_code   ? 
_struct_ref_seq.seq_align_end                 113 
_struct_ref_seq.pdbx_seq_align_end_ins_code   ? 
_struct_ref_seq.pdbx_db_accession             Q9BZ95 
_struct_ref_seq.db_align_beg                  953 
_struct_ref_seq.pdbx_db_align_beg_ins_code    ? 
_struct_ref_seq.db_align_end                  1064 
_struct_ref_seq.pdbx_db_align_end_ins_code    ? 
_struct_ref_seq.pdbx_auth_seq_align_beg       953 
_struct_ref_seq.pdbx_auth_seq_align_end       1064 
# 
_struct_ref_seq_dif.align_id                     1 
_struct_ref_seq_dif.pdbx_pdb_id_code             4RXJ 
_struct_ref_seq_dif.mon_id                       GLY 
_struct_ref_seq_dif.pdbx_pdb_strand_id           A 
_struct_ref_seq_dif.seq_num                      1 
_struct_ref_seq_dif.pdbx_pdb_ins_code            ? 
_struct_ref_seq_dif.pdbx_seq_db_name             UNP 
_struct_ref_seq_dif.pdbx_seq_db_accession_code   Q9BZ95 
_struct_ref_seq_dif.db_mon_id                    ? 
_struct_ref_seq_dif.pdbx_seq_db_seq_num          ? 
_struct_ref_seq_dif.details                      'expression tag' 
_struct_ref_seq_dif.pdbx_auth_seq_num            952 
_struct_ref_seq_dif.pdbx_ordinal                 1 
# 
loop_
_chem_comp.id 
_chem_comp.type 
_chem_comp.mon_nstd_flag 
_chem_comp.name 
_chem_comp.pdbx_synonyms 
_chem_comp.formula 
_chem_comp.formula_weight 
ALA 'L-peptide linking' y ALANINE               ? 'C3 H7 N O2'     89.093  
ARG 'L-peptide linking' y ARGININE              ? 'C6 H15 N4 O2 1' 175.209 
ASN 'L-peptide linking' y ASPARAGINE            ? 'C4 H8 N2 O3'    132.118 
ASP 'L-peptide linking' y 'ASPARTIC ACID'       ? 'C4 H7 N O4'     133.103 
CYS 'L-peptide linking' y CYSTEINE              ? 'C3 H7 N O2 S'   121.158 
GLN 'L-peptide linking' y GLUTAMINE             ? 'C5 H10 N2 O3'   146.144 
GLU 'L-peptide linking' y 'GLUTAMIC ACID'       ? 'C5 H9 N O4'     147.129 
GLY 'peptide linking'   y GLYCINE               ? 'C2 H5 N O2'     75.067  
HIS 'L-peptide linking' y HISTIDINE             ? 'C6 H10 N3 O2 1' 156.162 
HOH non-polymer         . WATER                 ? 'H2 O'           18.015  
ILE 'L-peptide linking' y ISOLEUCINE            ? 'C6 H13 N O2'    131.173 
LEU 'L-peptide linking' y LEUCINE               ? 'C6 H13 N O2'    131.173 
LYS 'L-peptide linking' y LYSINE                ? 'C6 H15 N2 O2 1' 147.195 
PHE 'L-peptide linking' y PHENYLALANINE         ? 'C9 H11 N O2'    165.189 
PRO 'L-peptide linking' y PROLINE               ? 'C5 H9 N O2'     115.130 
SER 'L-peptide linking' y SERINE                ? 'C3 H7 N O3'     105.093 
THR 'L-peptide linking' y THREONINE             ? 'C4 H9 N O3'     119.119 
TRP 'L-peptide linking' y TRYPTOPHAN            ? 'C11 H12 N2 O2'  204.225 
TYR 'L-peptide linking' y TYROSINE              ? 'C9 H11 N O3'    181.189 
UNX non-polymer         . 'UNKNOWN ATOM OR ION' ? ?                ?       
VAL 'L-peptide linking' y VALINE                ? 'C5 H11 N O2'    117.146 
# 
_exptl.crystals_number   1 
_exptl.entry_id          4RXJ 
_exptl.method            'X-RAY DIFFRACTION' 
# 
_exptl_crystal.id                    1 
_exptl_crystal.density_percent_sol   60.33 
_exptl_crystal.density_Matthews      3.10 
_exptl_crystal.density_meas          ? 
_exptl_crystal.description           ? 
_exptl_crystal.F_000                 ? 
_exptl_crystal.preparation           ? 
# 
_exptl_crystal_grow.crystal_id      1 
_exptl_crystal_grow.method          'VAPOR DIFFUSION' 
_exptl_crystal_grow.pH              3.5 
_exptl_crystal_grow.temp            293 
_exptl_crystal_grow.pdbx_details    '25% w/v PEG3350, 10% citric acid, pH 3.5, vapor diffusion, temperature 293K, VAPOR DIFFUSION' 
_exptl_crystal_grow.temp_details    ? 
_exptl_crystal_grow.pdbx_pH_range   ? 
# 
_diffrn.id                     1 
_diffrn.ambient_temp           100 
_diffrn.ambient_temp_details   ? 
_diffrn.crystal_id             1 
# 
_diffrn_detector.diffrn_id              1 
_diffrn_detector.detector               CCD 
_diffrn_detector.type                   'RIGAKU SATURN A200' 
_diffrn_detector.pdbx_collection_date   2014-08-20 
_diffrn_detector.details                ? 
# 
_diffrn_radiation.diffrn_id                        1 
_diffrn_radiation.pdbx_diffrn_protocol             'SINGLE WAVELENGTH' 
_diffrn_radiation.monochromator                    ? 
_diffrn_radiation.wavelength_id                    1 
_diffrn_radiation.pdbx_monochromatic_or_laue_m_l   M 
_diffrn_radiation.pdbx_scattering_type             x-ray 
# 
_diffrn_radiation_wavelength.id           1 
_diffrn_radiation_wavelength.wavelength   1.5418 
_diffrn_radiation_wavelength.wt           1.0 
# 
_diffrn_source.diffrn_id                   1 
_diffrn_source.source                      'ROTATING ANODE' 
_diffrn_source.type                        'RIGAKU FR-E' 
_diffrn_source.pdbx_wavelength_list        1.5418 
_diffrn_source.pdbx_wavelength             ? 
_diffrn_source.pdbx_synchrotron_site       ? 
_diffrn_source.pdbx_synchrotron_beamline   ? 
# 
_reflns.d_resolution_high            2.100 
_reflns.d_resolution_low             34.520 
_reflns.number_obs                   9973 
_reflns.pdbx_Rmerge_I_obs            0.070 
_reflns.pdbx_netI_over_sigmaI        18.600 
_reflns.pdbx_redundancy              6.900 
_reflns.percent_possible_obs         100.000 
_reflns.entry_id                     4RXJ 
_reflns.observed_criterion_sigma_F   ? 
_reflns.observed_criterion_sigma_I   ? 
_reflns.number_all                   ? 
_reflns.pdbx_Rsym_value              ? 
_reflns.B_iso_Wilson_estimate        ? 
_reflns.R_free_details               ? 
_reflns.limit_h_max                  ? 
_reflns.limit_h_min                  ? 
_reflns.limit_k_max                  ? 
_reflns.limit_k_min                  ? 
_reflns.limit_l_max                  ? 
_reflns.limit_l_min                  ? 
_reflns.observed_criterion_F_max     ? 
_reflns.observed_criterion_F_min     ? 
_reflns.pdbx_chi_squared             ? 
_reflns.pdbx_scaling_rejects         ? 
_reflns.pdbx_ordinal                 1 
_reflns.pdbx_diffrn_id               1 
# 
loop_
_reflns_shell.d_res_high 
_reflns_shell.d_res_low 
_reflns_shell.number_measured_obs 
_reflns_shell.number_measured_all 
_reflns_shell.number_unique_obs 
_reflns_shell.Rmerge_I_obs 
_reflns_shell.meanI_over_sigI_obs 
_reflns_shell.pdbx_Rsym_value 
_reflns_shell.pdbx_chi_squared 
_reflns_shell.pdbx_redundancy 
_reflns_shell.percent_possible_obs 
_reflns_shell.number_unique_all 
_reflns_shell.percent_possible_all 
_reflns_shell.pdbx_ordinal 
_reflns_shell.pdbx_diffrn_id 
2.100 2.160  ? 5621 ? 0.633 3.000  ? ? 6.900 ? 816 100.000 1 1 
8.910 34.520 ? 845  ? 0.026 59.000 ? ? 5.300 ? 158 99.000  2 1 
# 
_refine.entry_id                                 4RXJ 
_refine.ls_d_res_high                            2.1000 
_refine.ls_d_res_low                             34.5200 
_refine.pdbx_ls_sigma_F                          0.000 
_refine.pdbx_data_cutoff_high_absF               ? 
_refine.pdbx_data_cutoff_low_absF                ? 
_refine.ls_percent_reflns_obs                    98.8400 
_refine.ls_number_reflns_obs                     9378 
_refine.ls_number_reflns_all                     ? 
_refine.pdbx_ls_cross_valid_method               THROUGHOUT 
_refine.pdbx_R_Free_selection_details            RANDOM 
_refine.details                                  
;Arp/warp was used for automatic model rebuilding. 
Coot was used for interactive model building. 
PHENIX.molprobity was used for geometry validation.
;
_refine.ls_R_factor_all                          ? 
_refine.ls_R_factor_obs                          0.2315 
_refine.ls_R_factor_R_work                       0.2295 
_refine.ls_wR_factor_R_work                      0.2046 
_refine.ls_R_factor_R_free                       0.2720 
_refine.ls_wR_factor_R_free                      0.2526 
_refine.ls_percent_reflns_R_free                 4.8000 
_refine.ls_number_reflns_R_free                  474 
_refine.ls_R_factor_R_free_error                 ? 
_refine.B_iso_mean                               44.5550 
_refine.solvent_model_param_bsol                 ? 
_refine.solvent_model_param_ksol                 ? 
_refine.pdbx_isotropic_thermal_model             ? 
_refine.aniso_B[1][1]                            1.3100 
_refine.aniso_B[2][2]                            -0.4500 
_refine.aniso_B[3][3]                            -0.8600 
_refine.aniso_B[1][2]                            0.0000 
_refine.aniso_B[1][3]                            -0.0000 
_refine.aniso_B[2][3]                            0.0000 
_refine.correlation_coeff_Fo_to_Fc               0.9460 
_refine.correlation_coeff_Fo_to_Fc_free          0.9300 
_refine.overall_SU_R_Cruickshank_DPI             0.1989 
_refine.overall_SU_R_free                        0.1833 
_refine.pdbx_overall_ESU_R                       0.1990 
_refine.pdbx_overall_ESU_R_Free                  0.1830 
_refine.overall_SU_ML                            0.1570 
_refine.overall_SU_B                             12.3240 
_refine.solvent_model_details                    MASK 
_refine.pdbx_solvent_vdw_probe_radii             1.2000 
_refine.pdbx_solvent_ion_probe_radii             0.8000 
_refine.pdbx_solvent_shrinkage_radii             0.8000 
_refine.ls_number_parameters                     ? 
_refine.ls_number_restraints                     ? 
_refine.pdbx_starting_model                      'pdb entry 2DAQ' 
_refine.pdbx_method_to_determine_struct          'MOLECULAR REPLACEMENT' 
_refine.pdbx_stereochemistry_target_values       'MAXIMUM LIKELIHOOD' 
_refine.pdbx_stereochem_target_val_spec_case     ? 
_refine.overall_FOM_work_R_set                   0.7522 
_refine.B_iso_max                                101.110 
_refine.B_iso_min                                25.920 
_refine.pdbx_overall_phase_error                 ? 
_refine.occupancy_max                            ? 
_refine.occupancy_min                            ? 
_refine.pdbx_ls_sigma_I                          ? 
_refine.ls_redundancy_reflns_obs                 ? 
_refine.ls_R_factor_R_free_error_details         ? 
_refine.pdbx_data_cutoff_high_rms_absF           ? 
_refine.overall_FOM_free_R_set                   ? 
_refine.pdbx_diffrn_id                           1 
_refine.pdbx_refine_id                           'X-RAY DIFFRACTION' 
_refine.pdbx_TLS_residual_ADP_flag               ? 
_refine.pdbx_overall_SU_R_free_Cruickshank_DPI   ? 
_refine.pdbx_overall_SU_R_Blow_DPI               ? 
_refine.pdbx_overall_SU_R_free_Blow_DPI          ? 
# 
_refine_hist.pdbx_refine_id                   'X-RAY DIFFRACTION' 
_refine_hist.cycle_id                         LAST 
_refine_hist.pdbx_number_atoms_protein        862 
_refine_hist.pdbx_number_atoms_nucleic_acid   0 
_refine_hist.pdbx_number_atoms_ligand         8 
_refine_hist.number_atoms_solvent             30 
_refine_hist.number_atoms_total               900 
_refine_hist.d_res_high                       2.1000 
_refine_hist.d_res_low                        34.5200 
# 
loop_
_refine_ls_restr.type 
_refine_ls_restr.number 
_refine_ls_restr.dev_ideal 
_refine_ls_restr.dev_ideal_target 
_refine_ls_restr.weight 
_refine_ls_restr.pdbx_restraint_function 
_refine_ls_restr.pdbx_refine_id 
r_bond_refined_d       922  0.014  0.019  ? ? 'X-RAY DIFFRACTION' 
r_bond_other_d         817  0.001  0.020  ? ? 'X-RAY DIFFRACTION' 
r_angle_refined_deg    1261 1.484  1.910  ? ? 'X-RAY DIFFRACTION' 
r_angle_other_deg      1868 0.788  3.000  ? ? 'X-RAY DIFFRACTION' 
r_dihedral_angle_1_deg 116  6.052  5.000  ? ? 'X-RAY DIFFRACTION' 
r_dihedral_angle_2_deg 47   24.703 23.617 ? ? 'X-RAY DIFFRACTION' 
r_dihedral_angle_3_deg 135  12.406 15.000 ? ? 'X-RAY DIFFRACTION' 
r_dihedral_angle_4_deg 5    17.084 15.000 ? ? 'X-RAY DIFFRACTION' 
r_chiral_restr         128  0.088  0.200  ? ? 'X-RAY DIFFRACTION' 
r_gen_planes_refined   1089 0.007  0.021  ? ? 'X-RAY DIFFRACTION' 
r_gen_planes_other     244  0.001  0.020  ? ? 'X-RAY DIFFRACTION' 
r_mcbond_it            449  2.097  2.731  ? ? 'X-RAY DIFFRACTION' 
r_mcbond_other         448  2.090  2.727  ? ? 'X-RAY DIFFRACTION' 
r_mcangle_it           564  3.023  4.081  ? ? 'X-RAY DIFFRACTION' 
# 
_refine_ls_shell.d_res_high                       2.1000 
_refine_ls_shell.d_res_low                        2.1540 
_refine_ls_shell.pdbx_total_number_of_bins_used   20 
_refine_ls_shell.percent_reflns_obs               100.0000 
_refine_ls_shell.number_reflns_R_work             680 
_refine_ls_shell.R_factor_all                     ? 
_refine_ls_shell.R_factor_R_work                  0.2950 
_refine_ls_shell.R_factor_R_free                  0.2850 
_refine_ls_shell.percent_reflns_R_free            ? 
_refine_ls_shell.number_reflns_R_free             37 
_refine_ls_shell.R_factor_R_free_error            ? 
_refine_ls_shell.number_reflns_all                717 
_refine_ls_shell.number_reflns_obs                ? 
_refine_ls_shell.redundancy_reflns_obs            ? 
_refine_ls_shell.pdbx_refine_id                   'X-RAY DIFFRACTION' 
# 
_struct.entry_id                  4RXJ 
_struct.title                     'crystal structure of WHSC1L1-PWWP2' 
_struct.pdbx_model_details        ? 
_struct.pdbx_CASP_flag            ? 
_struct.pdbx_model_type_details   ? 
# 
_struct_keywords.entry_id        4RXJ 
_struct_keywords.text            'structural genomics, Structural Genomics Consortium, SGC, TRANSFERASE' 
_struct_keywords.pdbx_keywords   TRANSFERASE 
# 
loop_
_struct_asym.id 
_struct_asym.pdbx_blank_PDB_chainid_flag 
_struct_asym.pdbx_modified 
_struct_asym.entity_id 
_struct_asym.details 
A N N 1 ? 
B N N 2 ? 
C N N 2 ? 
D N N 2 ? 
E N N 2 ? 
F N N 2 ? 
G N N 2 ? 
H N N 2 ? 
I N N 2 ? 
J N N 3 ? 
# 
_struct_biol.id        1 
_struct_biol.details   ? 
# 
loop_
_struct_conf.conf_type_id 
_struct_conf.id 
_struct_conf.pdbx_PDB_helix_id 
_struct_conf.beg_label_comp_id 
_struct_conf.beg_label_asym_id 
_struct_conf.beg_label_seq_id 
_struct_conf.pdbx_beg_PDB_ins_code 
_struct_conf.end_label_comp_id 
_struct_conf.end_label_asym_id 
_struct_conf.end_label_seq_id 
_struct_conf.pdbx_end_PDB_ins_code 
_struct_conf.beg_auth_comp_id 
_struct_conf.beg_auth_asym_id 
_struct_conf.beg_auth_seq_id 
_struct_conf.end_auth_comp_id 
_struct_conf.end_auth_asym_id 
_struct_conf.end_auth_seq_id 
_struct_conf.pdbx_PDB_helix_class 
_struct_conf.details 
_struct_conf.pdbx_PDB_helix_length 
HELX_P HELX_P1 1 PRO A 34 ? GLY A 39  ? PRO A 985  GLY A 990  1 ? 6  
HELX_P HELX_P2 2 LYS A 73 ? ILE A 112 ? LYS A 1024 ILE A 1063 1 ? 40 
# 
_struct_conf_type.id          HELX_P 
_struct_conf_type.criteria    ? 
_struct_conf_type.reference   ? 
# 
_struct_sheet.id               A 
_struct_sheet.type             ? 
_struct_sheet.number_strands   5 
_struct_sheet.details          ? 
# 
loop_
_struct_sheet_order.sheet_id 
_struct_sheet_order.range_id_1 
_struct_sheet_order.range_id_2 
_struct_sheet_order.offset 
_struct_sheet_order.sense 
A 1 2 ? anti-parallel 
A 2 3 ? anti-parallel 
A 3 4 ? anti-parallel 
A 4 5 ? anti-parallel 
# 
loop_
_struct_sheet_range.sheet_id 
_struct_sheet_range.id 
_struct_sheet_range.beg_label_comp_id 
_struct_sheet_range.beg_label_asym_id 
_struct_sheet_range.beg_label_seq_id 
_struct_sheet_range.pdbx_beg_PDB_ins_code 
_struct_sheet_range.end_label_comp_id 
_struct_sheet_range.end_label_asym_id 
_struct_sheet_range.end_label_seq_id 
_struct_sheet_range.pdbx_end_PDB_ins_code 
_struct_sheet_range.beg_auth_comp_id 
_struct_sheet_range.beg_auth_asym_id 
_struct_sheet_range.beg_auth_seq_id 
_struct_sheet_range.end_auth_comp_id 
_struct_sheet_range.end_auth_asym_id 
_struct_sheet_range.end_auth_seq_id 
A 1 ASP A 56 ? HIS A 61 ? ASP A 1007 HIS A 1012 
A 2 ASP A 46 ? PHE A 51 ? ASP A 997  PHE A 1002 
A 3 ARG A 21 ? ILE A 27 ? ARG A 972  ILE A 978  
A 4 ILE A 12 ? GLY A 18 ? ILE A 963  GLY A 969  
A 5 VAL A 65 ? PRO A 67 ? VAL A 1016 PRO A 1018 
# 
loop_
_pdbx_struct_sheet_hbond.sheet_id 
_pdbx_struct_sheet_hbond.range_id_1 
_pdbx_struct_sheet_hbond.range_id_2 
_pdbx_struct_sheet_hbond.range_1_label_atom_id 
_pdbx_struct_sheet_hbond.range_1_label_comp_id 
_pdbx_struct_sheet_hbond.range_1_label_asym_id 
_pdbx_struct_sheet_hbond.range_1_label_seq_id 
_pdbx_struct_sheet_hbond.range_1_PDB_ins_code 
_pdbx_struct_sheet_hbond.range_1_auth_atom_id 
_pdbx_struct_sheet_hbond.range_1_auth_comp_id 
_pdbx_struct_sheet_hbond.range_1_auth_asym_id 
_pdbx_struct_sheet_hbond.range_1_auth_seq_id 
_pdbx_struct_sheet_hbond.range_2_label_atom_id 
_pdbx_struct_sheet_hbond.range_2_label_comp_id 
_pdbx_struct_sheet_hbond.range_2_label_asym_id 
_pdbx_struct_sheet_hbond.range_2_label_seq_id 
_pdbx_struct_sheet_hbond.range_2_PDB_ins_code 
_pdbx_struct_sheet_hbond.range_2_auth_atom_id 
_pdbx_struct_sheet_hbond.range_2_auth_comp_id 
_pdbx_struct_sheet_hbond.range_2_auth_asym_id 
_pdbx_struct_sheet_hbond.range_2_auth_seq_id 
A 1 2 O ASP A 56 ? O ASP A 1007 N PHE A 51 ? N PHE A 1002 
A 2 3 O PHE A 50 ? O PHE A 1001 N GLU A 26 ? N GLU A 977  
A 3 4 O ALA A 25 ? O ALA A 976  N VAL A 13 ? N VAL A 964  
A 4 5 N TRP A 14 ? N TRP A 965  O PHE A 66 ? O PHE A 1017 
# 
_atom_sites.entry_id                    4RXJ 
_atom_sites.fract_transf_matrix[1][1]   -0.00387667 
_atom_sites.fract_transf_matrix[1][2]   0.01181931 
_atom_sites.fract_transf_matrix[1][3]   0.00201507 
_atom_sites.fract_transf_matrix[2][1]   -0.00790219 
_atom_sites.fract_transf_matrix[2][2]   -0.00156661 
_atom_sites.fract_transf_matrix[2][3]   -0.00601364 
_atom_sites.fract_transf_matrix[3][1]   -0.01290336 
_atom_sites.fract_transf_matrix[3][2]   -0.00745405 
_atom_sites.fract_transf_matrix[3][3]   0.01889743 
_atom_sites.fract_transf_vector[1]      0.198856 
_atom_sites.fract_transf_vector[2]      0.463667 
_atom_sites.fract_transf_vector[3]      0.964633 
# 
loop_
_atom_type.symbol 
C 
N 
O 
S 
X 
# 
loop_
_atom_site.group_PDB 
_atom_site.id 
_atom_site.type_symbol 
_atom_site.label_atom_id 
_atom_site.label_alt_id 
_atom_site.label_comp_id 
_atom_site.label_asym_id 
_atom_site.label_entity_id 
_atom_site.label_seq_id 
_atom_site.pdbx_PDB_ins_code 
_atom_site.Cartn_x 
_atom_site.Cartn_y 
_atom_site.Cartn_z 
_atom_site.occupancy 
_atom_site.B_iso_or_equiv 
_atom_site.pdbx_formal_charge 
_atom_site.auth_seq_id 
_atom_site.auth_comp_id 
_atom_site.auth_asym_id 
_atom_site.auth_atom_id 
_atom_site.pdbx_PDB_model_num 
ATOM   1   N N   A LYS A 1 6   ? 18.037  -0.612  -12.507 0.50 50.09  ? 957  LYS A N   1 
ATOM   2   N N   B LYS A 1 6   ? 20.832  -1.466  -12.286 0.50 54.94  ? 957  LYS A N   1 
ATOM   3   C CA  A LYS A 1 6   ? 19.463  -0.612  -12.007 0.50 48.65  ? 957  LYS A CA  1 
ATOM   4   C CA  B LYS A 1 6   ? 19.615  -0.653  -12.003 0.50 50.71  ? 957  LYS A CA  1 
ATOM   5   C C   . LYS A 1 6   ? 19.499  -0.238  -10.519 1.00 47.12  ? 957  LYS A C   1 
ATOM   6   O O   . LYS A 1 6   ? 20.050  0.794   -10.129 1.00 47.72  ? 957  LYS A O   1 
ATOM   7   C CB  A LYS A 1 6   ? 20.298  0.376   -12.825 0.50 50.33  ? 957  LYS A CB  1 
ATOM   8   C CB  B LYS A 1 6   ? 18.354  -1.392  -12.491 0.50 52.99  ? 957  LYS A CB  1 
ATOM   9   N N   . LEU A 1 7   ? 18.825  -1.027  -9.678  1.00 42.53  ? 958  LEU A N   1 
ATOM   10  C CA  . LEU A 1 7   ? 18.585  -0.611  -8.311  1.00 40.06  ? 958  LEU A CA  1 
ATOM   11  C C   . LEU A 1 7   ? 19.847  -0.486  -7.494  1.00 39.26  ? 958  LEU A C   1 
ATOM   12  O O   . LEU A 1 7   ? 20.764  -1.269  -7.657  1.00 34.95  ? 958  LEU A O   1 
ATOM   13  C CB  . LEU A 1 7   ? 17.657  -1.554  -7.567  1.00 39.82  ? 958  LEU A CB  1 
ATOM   14  C CG  . LEU A 1 7   ? 16.301  -1.836  -8.212  1.00 42.66  ? 958  LEU A CG  1 
ATOM   15  C CD1 . LEU A 1 7   ? 15.578  -2.745  -7.235  1.00 40.16  ? 958  LEU A CD1 1 
ATOM   16  C CD2 . LEU A 1 7   ? 15.539  -0.553  -8.547  1.00 40.72  ? 958  LEU A CD2 1 
ATOM   17  N N   . HIS A 1 8   ? 19.853  0.478   -6.581  1.00 36.78  ? 959  HIS A N   1 
ATOM   18  C CA  . HIS A 1 8   ? 20.998  0.711   -5.716  1.00 39.10  ? 959  HIS A CA  1 
ATOM   19  C C   . HIS A 1 8   ? 20.593  1.292   -4.385  1.00 36.33  ? 959  HIS A C   1 
ATOM   20  O O   . HIS A 1 8   ? 19.499  1.868   -4.244  1.00 34.54  ? 959  HIS A O   1 
ATOM   21  C CB  . HIS A 1 8   ? 21.988  1.670   -6.357  1.00 41.76  ? 959  HIS A CB  1 
ATOM   22  C CG  . HIS A 1 8   ? 21.372  2.930   -6.899  1.00 44.69  ? 959  HIS A CG  1 
ATOM   23  N ND1 . HIS A 1 8   ? 21.270  4.099   -6.157  1.00 42.92  ? 959  HIS A ND1 1 
ATOM   24  C CD2 . HIS A 1 8   ? 20.901  3.229   -8.137  1.00 43.04  ? 959  HIS A CD2 1 
ATOM   25  C CE1 . HIS A 1 8   ? 20.728  5.044   -6.902  1.00 40.30  ? 959  HIS A CE1 1 
ATOM   26  N NE2 . HIS A 1 8   ? 20.493  4.543   -8.105  1.00 44.86  ? 959  HIS A NE2 1 
ATOM   27  N N   . TYR A 1 9   ? 21.502  1.172   -3.429  1.00 33.50  ? 960  TYR A N   1 
ATOM   28  C CA  . TYR A 1 9   ? 21.318  1.783   -2.107  1.00 35.11  ? 960  TYR A CA  1 
ATOM   29  C C   . TYR A 1 9   ? 21.109  3.297   -2.279  1.00 34.29  ? 960  TYR A C   1 
ATOM   30  O O   . TYR A 1 9   ? 21.730  3.916   -3.133  1.00 32.99  ? 960  TYR A O   1 
ATOM   31  C CB  . TYR A 1 9   ? 22.520  1.480   -1.192  1.00 37.65  ? 960  TYR A CB  1 
ATOM   32  C CG  . TYR A 1 9   ? 22.817  0.007   -0.975  1.00 36.67  ? 960  TYR A CG  1 
ATOM   33  C CD1 . TYR A 1 9   ? 21.792  -0.901  -0.807  1.00 38.19  ? 960  TYR A CD1 1 
ATOM   34  C CD2 . TYR A 1 9   ? 24.132  -0.474  -0.919  1.00 41.74  ? 960  TYR A CD2 1 
ATOM   35  C CE1 . TYR A 1 9   ? 22.044  -2.260  -0.603  1.00 38.22  ? 960  TYR A CE1 1 
ATOM   36  C CE2 . TYR A 1 9   ? 24.404  -1.844  -0.683  1.00 43.89  ? 960  TYR A CE2 1 
ATOM   37  C CZ  . TYR A 1 9   ? 23.336  -2.726  -0.539  1.00 44.54  ? 960  TYR A CZ  1 
ATOM   38  O OH  . TYR A 1 9   ? 23.468  -4.090  -0.310  1.00 45.65  ? 960  TYR A OH  1 
ATOM   39  N N   . LYS A 1 10  ? 20.210  3.853   -1.477  1.00 34.40  ? 961  LYS A N   1 
ATOM   40  C CA  . LYS A 1 10  ? 19.851  5.273   -1.424  1.00 35.34  ? 961  LYS A CA  1 
ATOM   41  C C   . LYS A 1 10  ? 18.899  5.672   -2.525  1.00 37.58  ? 961  LYS A C   1 
ATOM   42  O O   . LYS A 1 10  ? 18.555  6.823   -2.598  1.00 40.39  ? 961  LYS A O   1 
ATOM   43  C CB  . LYS A 1 10  ? 21.063  6.233   -1.470  1.00 37.63  ? 961  LYS A CB  1 
ATOM   44  C CG  . LYS A 1 10  ? 22.205  5.895   -0.526  1.00 38.20  ? 961  LYS A CG  1 
ATOM   45  C CD  . LYS A 1 10  ? 21.796  6.129   0.895   1.00 37.76  ? 961  LYS A CD  1 
ATOM   46  C CE  . LYS A 1 10  ? 22.922  5.748   1.832   1.00 42.06  ? 961  LYS A CE  1 
ATOM   47  N NZ  . LYS A 1 10  ? 24.081  6.668   1.785   1.00 42.08  ? 961  LYS A NZ  1 
ATOM   48  N N   . GLN A 1 11  ? 18.435  4.734   -3.368  1.00 34.25  ? 962  GLN A N   1 
ATOM   49  C CA  . GLN A 1 11  ? 17.637  5.104   -4.482  1.00 32.15  ? 962  GLN A CA  1 
ATOM   50  C C   . GLN A 1 11  ? 16.240  5.307   -3.989  1.00 30.04  ? 962  GLN A C   1 
ATOM   51  O O   . GLN A 1 11  ? 15.786  4.567   -3.155  1.00 29.29  ? 962  GLN A O   1 
ATOM   52  C CB  . GLN A 1 11  ? 17.638  3.996   -5.516  1.00 36.59  ? 962  GLN A CB  1 
ATOM   53  C CG  . GLN A 1 11  ? 16.922  4.360   -6.814  1.00 37.27  ? 962  GLN A CG  1 
ATOM   54  C CD  . GLN A 1 11  ? 17.088  3.226   -7.797  1.00 40.20  ? 962  GLN A CD  1 
ATOM   55  O OE1 . GLN A 1 11  ? 17.530  2.168   -7.421  1.00 38.27  ? 962  GLN A OE1 1 
ATOM   56  N NE2 . GLN A 1 11  ? 16.680  3.421   -9.016  1.00 40.81  ? 962  GLN A NE2 1 
ATOM   57  N N   . ILE A 1 12  ? 15.527  6.297   -4.528  1.00 29.92  ? 963  ILE A N   1 
ATOM   58  C CA  . ILE A 1 12  ? 14.098  6.386   -4.238  1.00 29.83  ? 963  ILE A CA  1 
ATOM   59  C C   . ILE A 1 12  ? 13.341  5.440   -5.183  1.00 31.63  ? 963  ILE A C   1 
ATOM   60  O O   . ILE A 1 12  ? 13.578  5.392   -6.401  1.00 32.38  ? 963  ILE A O   1 
ATOM   61  C CB  . ILE A 1 12  ? 13.545  7.810   -4.344  1.00 31.86  ? 963  ILE A CB  1 
ATOM   62  C CG1 . ILE A 1 12  ? 14.437  8.774   -3.548  1.00 30.70  ? 963  ILE A CG1 1 
ATOM   63  C CG2 . ILE A 1 12  ? 12.127  7.845   -3.821  1.00 33.32  ? 963  ILE A CG2 1 
ATOM   64  C CD1 . ILE A 1 12  ? 14.544  8.459   -2.078  1.00 29.72  ? 963  ILE A CD1 1 
ATOM   65  N N   . VAL A 1 13  ? 12.419  4.698   -4.608  1.00 31.95  ? 964  VAL A N   1 
ATOM   66  C CA  . VAL A 1 13  ? 11.718  3.626   -5.355  1.00 31.74  ? 964  VAL A CA  1 
ATOM   67  C C   . VAL A 1 13  ? 10.236  3.530   -5.005  1.00 34.51  ? 964  VAL A C   1 
ATOM   68  O O   . VAL A 1 13  ? 9.785   4.088   -3.996  1.00 34.54  ? 964  VAL A O   1 
ATOM   69  C CB  . VAL A 1 13  ? 12.347  2.266   -5.057  1.00 29.28  ? 964  VAL A CB  1 
ATOM   70  C CG1 . VAL A 1 13  ? 13.764  2.193   -5.608  1.00 27.60  ? 964  VAL A CG1 1 
ATOM   71  C CG2 . VAL A 1 13  ? 12.319  1.970   -3.571  1.00 29.26  ? 964  VAL A CG2 1 
ATOM   72  N N   . TRP A 1 14  ? 9.496   2.813   -5.868  1.00 36.35  ? 965  TRP A N   1 
ATOM   73  C CA  . TRP A 1 14  ? 8.157   2.371   -5.591  1.00 37.27  ? 965  TRP A CA  1 
ATOM   74  C C   . TRP A 1 14  ? 8.173   0.922   -5.199  1.00 35.23  ? 965  TRP A C   1 
ATOM   75  O O   . TRP A 1 14  ? 8.777   0.126   -5.852  1.00 39.31  ? 965  TRP A O   1 
ATOM   76  C CB  . TRP A 1 14  ? 7.260   2.558   -6.829  1.00 41.35  ? 965  TRP A CB  1 
ATOM   77  C CG  . TRP A 1 14  ? 6.989   4.004   -7.092  1.00 41.60  ? 965  TRP A CG  1 
ATOM   78  C CD1 . TRP A 1 14  ? 7.642   4.829   -7.985  1.00 42.34  ? 965  TRP A CD1 1 
ATOM   79  C CD2 . TRP A 1 14  ? 6.030   4.825   -6.407  1.00 44.41  ? 965  TRP A CD2 1 
ATOM   80  N NE1 . TRP A 1 14  ? 7.137   6.103   -7.898  1.00 44.87  ? 965  TRP A NE1 1 
ATOM   81  C CE2 . TRP A 1 14  ? 6.152   6.138   -6.939  1.00 44.66  ? 965  TRP A CE2 1 
ATOM   82  C CE3 . TRP A 1 14  ? 5.060   4.577   -5.412  1.00 44.33  ? 965  TRP A CE3 1 
ATOM   83  C CZ2 . TRP A 1 14  ? 5.342   7.187   -6.517  1.00 46.77  ? 965  TRP A CZ2 1 
ATOM   84  C CZ3 . TRP A 1 14  ? 4.227   5.636   -5.003  1.00 46.75  ? 965  TRP A CZ3 1 
ATOM   85  C CH2 . TRP A 1 14  ? 4.374   6.913   -5.558  1.00 48.18  ? 965  TRP A CH2 1 
ATOM   86  N N   . VAL A 1 15  ? 7.446   0.607   -4.142  1.00 37.52  ? 966  VAL A N   1 
ATOM   87  C CA  . VAL A 1 15  ? 7.299   -0.724  -3.644  1.00 39.10  ? 966  VAL A CA  1 
ATOM   88  C C   . VAL A 1 15  ? 5.856   -1.179  -3.755  1.00 41.90  ? 966  VAL A C   1 
ATOM   89  O O   . VAL A 1 15  ? 4.924   -0.525  -3.258  1.00 38.73  ? 966  VAL A O   1 
ATOM   90  C CB  . VAL A 1 15  ? 7.770   -0.808  -2.179  1.00 37.91  ? 966  VAL A CB  1 
ATOM   91  C CG1 . VAL A 1 15  ? 7.787   -2.270  -1.710  1.00 39.62  ? 966  VAL A CG1 1 
ATOM   92  C CG2 . VAL A 1 15  ? 9.155   -0.221  -2.088  1.00 35.79  ? 966  VAL A CG2 1 
ATOM   93  N N   . LYS A 1 16  ? 5.682   -2.309  -4.429  1.00 42.03  ? 967  LYS A N   1 
ATOM   94  C CA  . LYS A 1 16  ? 4.385   -2.933  -4.493  1.00 43.31  ? 967  LYS A CA  1 
ATOM   95  C C   . LYS A 1 16  ? 4.161   -3.635  -3.190  1.00 42.86  ? 967  LYS A C   1 
ATOM   96  O O   . LYS A 1 16  ? 4.848   -4.596  -2.850  1.00 42.77  ? 967  LYS A O   1 
ATOM   97  C CB  . LYS A 1 16  ? 4.320   -3.930  -5.643  1.00 45.26  ? 967  LYS A CB  1 
ATOM   98  C CG  . LYS A 1 16  ? 2.941   -4.544  -5.843  1.00 49.41  ? 967  LYS A CG  1 
ATOM   99  C CD  . LYS A 1 16  ? 2.897   -5.527  -7.027  1.00 50.99  ? 967  LYS A CD  1 
ATOM   100 C CE  . LYS A 1 16  ? 1.473   -5.671  -7.597  1.00 57.57  ? 967  LYS A CE  1 
ATOM   101 N N   . LEU A 1 17  ? 3.169   -3.173  -2.455  1.00 47.10  ? 968  LEU A N   1 
ATOM   102 C CA  . LEU A 1 17  ? 2.789   -3.803  -1.211  1.00 50.26  ? 968  LEU A CA  1 
ATOM   103 C C   . LEU A 1 17  ? 1.665   -4.842  -1.443  1.00 58.22  ? 968  LEU A C   1 
ATOM   104 O O   . LEU A 1 17  ? 1.542   -5.802  -0.700  1.00 60.04  ? 968  LEU A O   1 
ATOM   105 C CB  . LEU A 1 17  ? 2.384   -2.735  -0.192  1.00 52.26  ? 968  LEU A CB  1 
ATOM   106 C CG  . LEU A 1 17  ? 3.429   -1.693  0.152   1.00 50.82  ? 968  LEU A CG  1 
ATOM   107 C CD1 . LEU A 1 17  ? 2.825   -0.556  0.959   1.00 55.71  ? 968  LEU A CD1 1 
ATOM   108 C CD2 . LEU A 1 17  ? 4.545   -2.356  0.941   1.00 52.14  ? 968  LEU A CD2 1 
ATOM   109 N N   . GLY A 1 18  ? 0.846   -4.619  -2.460  1.00 60.99  ? 969  GLY A N   1 
ATOM   110 C CA  . GLY A 1 18  ? -0.098  -5.620  -2.966  1.00 63.43  ? 969  GLY A CA  1 
ATOM   111 C C   . GLY A 1 18  ? -0.498  -5.072  -4.314  1.00 65.51  ? 969  GLY A C   1 
ATOM   112 O O   . GLY A 1 18  ? 0.046   -4.042  -4.782  1.00 62.39  ? 969  GLY A O   1 
ATOM   113 N N   . ASN A 1 19  ? -1.467  -5.704  -4.946  1.00 69.16  ? 970  ASN A N   1 
ATOM   114 C CA  . ASN A 1 19  ? -1.832  -5.296  -6.322  1.00 72.26  ? 970  ASN A CA  1 
ATOM   115 C C   . ASN A 1 19  ? -2.479  -3.924  -6.424  1.00 69.29  ? 970  ASN A C   1 
ATOM   116 O O   . ASN A 1 19  ? -2.416  -3.251  -7.479  1.00 70.17  ? 970  ASN A O   1 
ATOM   117 C CB  . ASN A 1 19  ? -2.708  -6.362  -6.950  1.00 76.80  ? 970  ASN A CB  1 
ATOM   118 C CG  . ASN A 1 19  ? -1.996  -7.691  -7.010  1.00 78.85  ? 970  ASN A CG  1 
ATOM   119 O OD1 . ASN A 1 19  ? -0.802  -7.758  -7.309  1.00 78.00  ? 970  ASN A OD1 1 
ATOM   120 N ND2 . ASN A 1 19  ? -2.700  -8.743  -6.683  1.00 82.57  ? 970  ASN A ND2 1 
ATOM   121 N N   . TYR A 1 20  ? -3.079  -3.516  -5.312  1.00 62.80  ? 971  TYR A N   1 
ATOM   122 C CA  . TYR A 1 20  ? -3.754  -2.243  -5.248  1.00 62.38  ? 971  TYR A CA  1 
ATOM   123 C C   . TYR A 1 20  ? -3.080  -1.268  -4.282  1.00 56.60  ? 971  TYR A C   1 
ATOM   124 O O   . TYR A 1 20  ? -3.681  -0.285  -3.894  1.00 56.44  ? 971  TYR A O   1 
ATOM   125 C CB  . TYR A 1 20  ? -5.210  -2.500  -4.890  1.00 64.16  ? 971  TYR A CB  1 
ATOM   126 C CG  . TYR A 1 20  ? -5.919  -3.185  -6.011  1.00 65.95  ? 971  TYR A CG  1 
ATOM   127 C CD1 . TYR A 1 20  ? -5.944  -4.568  -6.114  1.00 66.67  ? 971  TYR A CD1 1 
ATOM   128 C CD2 . TYR A 1 20  ? -6.531  -2.438  -6.998  1.00 68.73  ? 971  TYR A CD2 1 
ATOM   129 C CE1 . TYR A 1 20  ? -6.604  -5.195  -7.171  1.00 69.59  ? 971  TYR A CE1 1 
ATOM   130 C CE2 . TYR A 1 20  ? -7.209  -3.036  -8.048  1.00 72.56  ? 971  TYR A CE2 1 
ATOM   131 C CZ  . TYR A 1 20  ? -7.233  -4.413  -8.140  1.00 73.38  ? 971  TYR A CZ  1 
ATOM   132 O OH  . TYR A 1 20  ? -7.917  -4.968  -9.210  1.00 78.39  ? 971  TYR A OH  1 
ATOM   133 N N   . ARG A 1 21  ? -1.828  -1.539  -3.920  1.00 52.28  ? 972  ARG A N   1 
ATOM   134 C CA  . ARG A 1 21  ? -1.096  -0.620  -3.052  1.00 48.50  ? 972  ARG A CA  1 
ATOM   135 C C   . ARG A 1 21  ? 0.348   -0.537  -3.418  1.00 46.30  ? 972  ARG A C   1 
ATOM   136 O O   . ARG A 1 21  ? 1.057   -1.556  -3.403  1.00 42.26  ? 972  ARG A O   1 
ATOM   137 C CB  . ARG A 1 21  ? -1.235  -0.984  -1.570  1.00 48.40  ? 972  ARG A CB  1 
ATOM   138 C CG  . ARG A 1 21  ? -0.653  0.076   -0.655  1.00 48.09  ? 972  ARG A CG  1 
ATOM   139 C CD  . ARG A 1 21  ? -1.592  1.289   -0.480  1.00 50.02  ? 972  ARG A CD  1 
ATOM   140 N NE  . ARG A 1 21  ? -2.724  0.934   0.353   1.00 52.38  ? 972  ARG A NE  1 
ATOM   141 C CZ  . ARG A 1 21  ? -3.615  1.797   0.840   1.00 56.86  ? 972  ARG A CZ  1 
ATOM   142 N NH1 . ARG A 1 21  ? -3.489  3.102   0.627   1.00 59.07  ? 972  ARG A NH1 1 
ATOM   143 N NH2 . ARG A 1 21  ? -4.615  1.359   1.573   1.00 58.98  ? 972  ARG A NH2 1 
ATOM   144 N N   . TRP A 1 22  ? 0.777   0.702   -3.722  1.00 46.52  ? 973  TRP A N   1 
ATOM   145 C CA  . TRP A 1 22  ? 2.163   1.017   -4.036  1.00 46.79  ? 973  TRP A CA  1 
ATOM   146 C C   . TRP A 1 22  ? 2.607   2.102   -3.072  1.00 45.35  ? 973  TRP A C   1 
ATOM   147 O O   . TRP A 1 22  ? 1.791   2.927   -2.664  1.00 44.16  ? 973  TRP A O   1 
ATOM   148 C CB  . TRP A 1 22  ? 2.289   1.532   -5.467  1.00 50.45  ? 973  TRP A CB  1 
ATOM   149 C CG  . TRP A 1 22  ? 2.167   0.441   -6.476  1.00 53.22  ? 973  TRP A CG  1 
ATOM   150 C CD1 . TRP A 1 22  ? 1.008   -0.093  -6.987  1.00 56.61  ? 973  TRP A CD1 1 
ATOM   151 C CD2 . TRP A 1 22  ? 3.241   -0.271  -7.082  1.00 52.42  ? 973  TRP A CD2 1 
ATOM   152 N NE1 . TRP A 1 22  ? 1.304   -1.105  -7.870  1.00 56.77  ? 973  TRP A NE1 1 
ATOM   153 C CE2 . TRP A 1 22  ? 2.667   -1.229  -7.955  1.00 57.67  ? 973  TRP A CE2 1 
ATOM   154 C CE3 . TRP A 1 22  ? 4.638   -0.206  -6.960  1.00 51.69  ? 973  TRP A CE3 1 
ATOM   155 C CZ2 . TRP A 1 22  ? 3.444   -2.097  -8.723  1.00 56.49  ? 973  TRP A CZ2 1 
ATOM   156 C CZ3 . TRP A 1 22  ? 5.404   -1.044  -7.716  1.00 50.81  ? 973  TRP A CZ3 1 
ATOM   157 C CH2 . TRP A 1 22  ? 4.803   -1.989  -8.598  1.00 53.77  ? 973  TRP A CH2 1 
ATOM   158 N N   . TRP A 1 23  ? 3.880   2.113   -2.726  1.00 40.48  ? 974  TRP A N   1 
ATOM   159 C CA  . TRP A 1 23  ? 4.376   3.041   -1.683  1.00 41.44  ? 974  TRP A CA  1 
ATOM   160 C C   . TRP A 1 23  ? 5.790   3.466   -1.991  1.00 41.20  ? 974  TRP A C   1 
ATOM   161 O O   . TRP A 1 23  ? 6.634   2.603   -2.384  1.00 40.87  ? 974  TRP A O   1 
ATOM   162 C CB  . TRP A 1 23  ? 4.346   2.374   -0.310  1.00 42.23  ? 974  TRP A CB  1 
ATOM   163 C CG  . TRP A 1 23  ? 4.183   3.326   0.809   1.00 44.55  ? 974  TRP A CG  1 
ATOM   164 C CD1 . TRP A 1 23  ? 5.167   4.002   1.439   1.00 43.79  ? 974  TRP A CD1 1 
ATOM   165 C CD2 . TRP A 1 23  ? 2.950   3.755   1.411   1.00 50.05  ? 974  TRP A CD2 1 
ATOM   166 N NE1 . TRP A 1 23  ? 4.651   4.816   2.401   1.00 47.01  ? 974  TRP A NE1 1 
ATOM   167 C CE2 . TRP A 1 23  ? 3.285   4.689   2.406   1.00 49.62  ? 974  TRP A CE2 1 
ATOM   168 C CE3 . TRP A 1 23  ? 1.598   3.441   1.202   1.00 53.47  ? 974  TRP A CE3 1 
ATOM   169 C CZ2 . TRP A 1 23  ? 2.337   5.297   3.199   1.00 52.92  ? 974  TRP A CZ2 1 
ATOM   170 C CZ3 . TRP A 1 23  ? 0.650   4.046   1.989   1.00 55.93  ? 974  TRP A CZ3 1 
ATOM   171 C CH2 . TRP A 1 23  ? 1.017   4.956   2.985   1.00 59.74  ? 974  TRP A CH2 1 
ATOM   172 N N   . PRO A 1 24  ? 6.068   4.789   -1.837  1.00 40.77  ? 975  PRO A N   1 
ATOM   173 C CA  . PRO A 1 24  ? 7.420   5.281   -2.048  1.00 36.48  ? 975  PRO A CA  1 
ATOM   174 C C   . PRO A 1 24  ? 8.303   4.972   -0.855  1.00 35.40  ? 975  PRO A C   1 
ATOM   175 O O   . PRO A 1 24  ? 7.870   5.026   0.302   1.00 36.14  ? 975  PRO A O   1 
ATOM   176 C CB  . PRO A 1 24  ? 7.216   6.789   -2.210  1.00 40.02  ? 975  PRO A CB  1 
ATOM   177 C CG  . PRO A 1 24  ? 6.030   7.083   -1.360  1.00 42.52  ? 975  PRO A CG  1 
ATOM   178 C CD  . PRO A 1 24  ? 5.128   5.894   -1.515  1.00 41.59  ? 975  PRO A CD  1 
ATOM   179 N N   . ALA A 1 25  ? 9.557   4.675   -1.150  1.00 33.67  ? 976  ALA A N   1 
ATOM   180 C CA  . ALA A 1 25  ? 10.531  4.293   -0.138  1.00 32.82  ? 976  ALA A CA  1 
ATOM   181 C C   . ALA A 1 25  ? 11.942  4.617   -0.625  1.00 31.86  ? 976  ALA A C   1 
ATOM   182 O O   . ALA A 1 25  ? 12.166  5.002   -1.793  1.00 32.88  ? 976  ALA A O   1 
ATOM   183 C CB  . ALA A 1 25  ? 10.404  2.798   0.131   1.00 33.77  ? 976  ALA A CB  1 
ATOM   184 N N   . GLU A 1 26  ? 12.908  4.376   0.241   1.00 29.42  ? 977  GLU A N   1 
ATOM   185 C CA  . GLU A 1 26  ? 14.293  4.545   -0.129  1.00 27.98  ? 977  GLU A CA  1 
ATOM   186 C C   . GLU A 1 26  ? 15.021  3.255   0.204   1.00 27.32  ? 977  GLU A C   1 
ATOM   187 O O   . GLU A 1 26  ? 14.915  2.764   1.328   1.00 27.70  ? 977  GLU A O   1 
ATOM   188 C CB  . GLU A 1 26  ? 14.944  5.727   0.674   1.00 25.92  ? 977  GLU A CB  1 
ATOM   189 C CG  . GLU A 1 26  ? 16.399  5.960   0.298   1.00 26.36  ? 977  GLU A CG  1 
ATOM   190 C CD  . GLU A 1 26  ? 17.031  7.211   0.880   1.00 26.60  ? 977  GLU A CD  1 
ATOM   191 O OE1 . GLU A 1 26  ? 18.288  7.398   0.813   1.00 28.11  ? 977  GLU A OE1 1 
ATOM   192 O OE2 . GLU A 1 26  ? 16.283  8.009   1.405   1.00 28.92  ? 977  GLU A OE2 1 
ATOM   193 N N   . ILE A 1 27  ? 15.774  2.731   -0.750  1.00 30.32  ? 978  ILE A N   1 
ATOM   194 C CA  . ILE A 1 27  ? 16.547  1.502   -0.513  1.00 32.45  ? 978  ILE A CA  1 
ATOM   195 C C   . ILE A 1 27  ? 17.707  1.754   0.485   1.00 33.01  ? 978  ILE A C   1 
ATOM   196 O O   . ILE A 1 27  ? 18.513  2.692   0.323   1.00 31.02  ? 978  ILE A O   1 
ATOM   197 C CB  . ILE A 1 27  ? 17.117  0.923   -1.836  1.00 33.36  ? 978  ILE A CB  1 
ATOM   198 C CG1 . ILE A 1 27  ? 16.006  0.519   -2.832  1.00 32.61  ? 978  ILE A CG1 1 
ATOM   199 C CG2 . ILE A 1 27  ? 18.046  -0.258  -1.542  1.00 31.58  ? 978  ILE A CG2 1 
ATOM   200 C CD1 . ILE A 1 27  ? 16.553  0.042   -4.182  1.00 32.54  ? 978  ILE A CD1 1 
ATOM   201 N N   . CYS A 1 28  ? 17.820  0.858   1.462   1.00 31.46  ? 979  CYS A N   1 
ATOM   202 C CA  . CYS A 1 28  ? 18.816  0.942   2.484   1.00 32.17  ? 979  CYS A CA  1 
ATOM   203 C C   . CYS A 1 28  ? 19.964  -0.034  2.236   1.00 36.83  ? 979  CYS A C   1 
ATOM   204 O O   . CYS A 1 28  ? 19.774  -1.154  1.752   1.00 36.02  ? 979  CYS A O   1 
ATOM   205 C CB  . CYS A 1 28  ? 18.190  0.609   3.842   1.00 33.79  ? 979  CYS A CB  1 
ATOM   206 S SG  . CYS A 1 28  ? 16.721  1.594   4.273   1.00 33.48  ? 979  CYS A SG  1 
ATOM   207 N N   . ASN A 1 29  ? 21.170  0.399   2.551   1.00 35.83  ? 980  ASN A N   1 
ATOM   208 C CA  . ASN A 1 29  ? 22.245  -0.559  2.724   1.00 34.61  ? 980  ASN A CA  1 
ATOM   209 C C   . ASN A 1 29  ? 21.951  -1.372  3.986   1.00 36.15  ? 980  ASN A C   1 
ATOM   210 O O   . ASN A 1 29  ? 21.704  -0.790  5.050   1.00 36.21  ? 980  ASN A O   1 
ATOM   211 C CB  . ASN A 1 29  ? 23.526  0.194   2.878   1.00 36.89  ? 980  ASN A CB  1 
ATOM   212 C CG  . ASN A 1 29  ? 24.718  -0.715  2.903   1.00 38.41  ? 980  ASN A CG  1 
ATOM   213 O OD1 . ASN A 1 29  ? 24.665  -1.877  3.308   1.00 38.81  ? 980  ASN A OD1 1 
ATOM   214 N ND2 . ASN A 1 29  ? 25.780  -0.191  2.432   1.00 37.70  ? 980  ASN A ND2 1 
ATOM   215 N N   . PRO A 1 30  ? 21.909  -2.718  3.881   1.00 36.34  ? 981  PRO A N   1 
ATOM   216 C CA  . PRO A 1 30  ? 21.670  -3.516  5.080   1.00 38.73  ? 981  PRO A CA  1 
ATOM   217 C C   . PRO A 1 30  ? 22.715  -3.307  6.185   1.00 41.40  ? 981  PRO A C   1 
ATOM   218 O O   . PRO A 1 30  ? 22.423  -3.513  7.356   1.00 45.22  ? 981  PRO A O   1 
ATOM   219 C CB  . PRO A 1 30  ? 21.704  -4.973  4.555   1.00 40.21  ? 981  PRO A CB  1 
ATOM   220 C CG  . PRO A 1 30  ? 22.373  -4.903  3.235   1.00 39.45  ? 981  PRO A CG  1 
ATOM   221 C CD  . PRO A 1 30  ? 21.953  -3.555  2.679   1.00 37.57  ? 981  PRO A CD  1 
ATOM   222 N N   . ARG A 1 31  ? 23.926  -2.893  5.828   1.00 42.20  ? 982  ARG A N   1 
ATOM   223 C CA  . ARG A 1 31  ? 24.926  -2.663  6.842   1.00 44.78  ? 982  ARG A CA  1 
ATOM   224 C C   . ARG A 1 31  ? 24.596  -1.389  7.635   1.00 45.84  ? 982  ARG A C   1 
ATOM   225 O O   . ARG A 1 31  ? 25.160  -1.209  8.685   1.00 46.23  ? 982  ARG A O   1 
ATOM   226 C CB  . ARG A 1 31  ? 26.313  -2.560  6.222   1.00 47.73  ? 982  ARG A CB  1 
ATOM   227 C CG  . ARG A 1 31  ? 26.662  -3.756  5.341   1.00 51.50  ? 982  ARG A CG  1 
ATOM   228 N N   . SER A 1 32  ? 23.666  -0.542  7.151   1.00 42.83  ? 983  SER A N   1 
ATOM   229 C CA  . SER A 1 32  ? 23.442  0.786   7.745   1.00 43.21  ? 983  SER A CA  1 
ATOM   230 C C   . SER A 1 32  ? 22.208  0.884   8.611   1.00 43.80  ? 983  SER A C   1 
ATOM   231 O O   . SER A 1 32  ? 22.111  1.797   9.406   1.00 47.17  ? 983  SER A O   1 
ATOM   232 C CB  . SER A 1 32  ? 23.326  1.858   6.659   1.00 43.07  ? 983  SER A CB  1 
ATOM   233 O OG  . SER A 1 32  ? 24.541  1.982   5.935   1.00 43.75  ? 983  SER A OG  1 
ATOM   234 N N   . VAL A 1 33  ? 21.263  -0.041  8.454   1.00 39.48  ? 984  VAL A N   1 
ATOM   235 C CA  . VAL A 1 33  ? 20.014  0.002   9.204   1.00 38.02  ? 984  VAL A CA  1 
ATOM   236 C C   . VAL A 1 33  ? 20.189  -0.458  10.679  1.00 40.55  ? 984  VAL A C   1 
ATOM   237 O O   . VAL A 1 33  ? 21.210  -1.040  11.047  1.00 43.44  ? 984  VAL A O   1 
ATOM   238 C CB  . VAL A 1 33  ? 18.902  -0.788  8.495   1.00 34.23  ? 984  VAL A CB  1 
ATOM   239 C CG1 . VAL A 1 33  ? 18.767  -0.304  7.072   1.00 33.38  ? 984  VAL A CG1 1 
ATOM   240 C CG2 . VAL A 1 33  ? 19.162  -2.302  8.519   1.00 36.29  ? 984  VAL A CG2 1 
ATOM   241 N N   . PRO A 1 34  ? 19.184  -0.225  11.514  1.00 40.22  ? 985  PRO A N   1 
ATOM   242 C CA  . PRO A 1 34  ? 19.475  -0.586  12.909  1.00 46.36  ? 985  PRO A CA  1 
ATOM   243 C C   . PRO A 1 34  ? 19.610  -2.096  13.153  1.00 49.15  ? 985  PRO A C   1 
ATOM   244 O O   . PRO A 1 34  ? 19.191  -2.900  12.300  1.00 46.41  ? 985  PRO A O   1 
ATOM   245 C CB  . PRO A 1 34  ? 18.284  -0.009  13.674  1.00 46.37  ? 985  PRO A CB  1 
ATOM   246 C CG  . PRO A 1 34  ? 17.767  1.090   12.785  1.00 42.33  ? 985  PRO A CG  1 
ATOM   247 C CD  . PRO A 1 34  ? 17.952  0.575   11.383  1.00 39.49  ? 985  PRO A CD  1 
ATOM   248 N N   . LEU A 1 35  ? 20.193  -2.473  14.291  1.00 52.47  ? 986  LEU A N   1 
ATOM   249 C CA  . LEU A 1 35  ? 20.447  -3.894  14.601  1.00 55.67  ? 986  LEU A CA  1 
ATOM   250 C C   . LEU A 1 35  ? 19.147  -4.701  14.514  1.00 54.23  ? 986  LEU A C   1 
ATOM   251 O O   . LEU A 1 35  ? 19.130  -5.777  13.952  1.00 55.54  ? 986  LEU A O   1 
ATOM   252 C CB  . LEU A 1 35  ? 21.095  -4.072  15.987  1.00 58.54  ? 986  LEU A CB  1 
ATOM   253 N N   . ASN A 1 36  ? 18.067  -4.159  15.054  1.00 53.44  ? 987  ASN A N   1 
ATOM   254 C CA  . ASN A 1 36  ? 16.805  -4.872  15.130  1.00 53.95  ? 987  ASN A CA  1 
ATOM   255 C C   . ASN A 1 36  ? 16.161  -5.043  13.756  1.00 49.56  ? 987  ASN A C   1 
ATOM   256 O O   . ASN A 1 36  ? 15.358  -5.959  13.570  1.00 48.98  ? 987  ASN A O   1 
ATOM   257 C CB  . ASN A 1 36  ? 15.828  -4.136  16.024  1.00 55.18  ? 987  ASN A CB  1 
ATOM   258 C CG  . ASN A 1 36  ? 15.251  -2.919  15.338  1.00 52.33  ? 987  ASN A CG  1 
ATOM   259 O OD1 . ASN A 1 36  ? 15.979  -2.108  14.790  1.00 51.00  ? 987  ASN A OD1 1 
ATOM   260 N ND2 . ASN A 1 36  ? 13.944  -2.813  15.327  1.00 52.77  ? 987  ASN A ND2 1 
ATOM   261 N N   . ILE A 1 37  ? 16.473  -4.151  12.818  1.00 46.18  ? 988  ILE A N   1 
ATOM   262 C CA  . ILE A 1 37  ? 16.094  -4.380  11.411  1.00 45.12  ? 988  ILE A CA  1 
ATOM   263 C C   . ILE A 1 37  ? 17.007  -5.421  10.749  1.00 46.20  ? 988  ILE A C   1 
ATOM   264 O O   . ILE A 1 37  ? 16.525  -6.280  9.994   1.00 45.01  ? 988  ILE A O   1 
ATOM   265 C CB  . ILE A 1 37  ? 16.040  -3.096  10.571  1.00 41.86  ? 988  ILE A CB  1 
ATOM   266 C CG1 . ILE A 1 37  ? 15.085  -2.064  11.206  1.00 43.34  ? 988  ILE A CG1 1 
ATOM   267 C CG2 . ILE A 1 37  ? 15.653  -3.401  9.109   1.00 40.55  ? 988  ILE A CG2 1 
ATOM   268 C CD1 . ILE A 1 37  ? 13.678  -2.556  11.461  1.00 44.47  ? 988  ILE A CD1 1 
ATOM   269 N N   . GLN A 1 38  ? 18.304  -5.354  11.017  1.00 48.18  ? 989  GLN A N   1 
ATOM   270 C CA  . GLN A 1 38  ? 19.242  -6.375  10.496  1.00 53.86  ? 989  GLN A CA  1 
ATOM   271 C C   . GLN A 1 38  ? 18.813  -7.804  10.855  1.00 53.10  ? 989  GLN A C   1 
ATOM   272 O O   . GLN A 1 38  ? 18.887  -8.714  10.017  1.00 58.04  ? 989  GLN A O   1 
ATOM   273 C CB  . GLN A 1 38  ? 20.660  -6.114  10.984  1.00 56.54  ? 989  GLN A CB  1 
ATOM   274 C CG  . GLN A 1 38  ? 21.213  -4.829  10.398  1.00 60.41  ? 989  GLN A CG  1 
ATOM   275 C CD  . GLN A 1 38  ? 22.563  -4.479  10.940  1.00 62.55  ? 989  GLN A CD  1 
ATOM   276 O OE1 . GLN A 1 38  ? 22.873  -4.781  12.071  1.00 70.13  ? 989  GLN A OE1 1 
ATOM   277 N NE2 . GLN A 1 38  ? 23.368  -3.821  10.133  1.00 65.29  ? 989  GLN A NE2 1 
ATOM   278 N N   . GLY A 1 39  ? 18.324  -7.966  12.077  1.00 55.36  ? 990  GLY A N   1 
ATOM   279 C CA  . GLY A 1 39  ? 18.008  -9.281  12.640  1.00 59.53  ? 990  GLY A CA  1 
ATOM   280 C C   . GLY A 1 39  ? 16.604  -9.784  12.350  1.00 58.49  ? 990  GLY A C   1 
ATOM   281 O O   . GLY A 1 39  ? 16.254  -10.856 12.811  1.00 61.33  ? 990  GLY A O   1 
ATOM   282 N N   . LEU A 1 40  ? 15.804  -9.032  11.590  1.00 53.31  ? 991  LEU A N   1 
ATOM   283 C CA  . LEU A 1 40  ? 14.458  -9.463  11.242  1.00 54.54  ? 991  LEU A CA  1 
ATOM   284 C C   . LEU A 1 40  ? 14.600  -10.562 10.208  1.00 52.40  ? 991  LEU A C   1 
ATOM   285 O O   . LEU A 1 40  ? 15.183  -10.302 9.174   1.00 46.62  ? 991  LEU A O   1 
ATOM   286 C CB  . LEU A 1 40  ? 13.655  -8.341  10.564  1.00 50.74  ? 991  LEU A CB  1 
ATOM   287 C CG  . LEU A 1 40  ? 13.088  -7.199  11.391  1.00 55.34  ? 991  LEU A CG  1 
ATOM   288 C CD1 . LEU A 1 40  ? 12.430  -6.174  10.479  1.00 53.38  ? 991  LEU A CD1 1 
ATOM   289 C CD2 . LEU A 1 40  ? 12.113  -7.704  12.458  1.00 59.88  ? 991  LEU A CD2 1 
ATOM   290 N N   . LYS A 1 41  ? 14.022  -11.738 10.457  1.00 55.09  ? 992  LYS A N   1 
ATOM   291 C CA  . LYS A 1 41  ? 13.940  -12.792 9.429   1.00 58.02  ? 992  LYS A CA  1 
ATOM   292 C C   . LYS A 1 41  ? 13.374  -12.179 8.126   1.00 56.26  ? 992  LYS A C   1 
ATOM   293 O O   . LYS A 1 41  ? 12.461  -11.328 8.147   1.00 55.28  ? 992  LYS A O   1 
ATOM   294 C CB  . LYS A 1 41  ? 13.087  -14.006 9.869   1.00 62.98  ? 992  LYS A CB  1 
ATOM   295 C CG  . LYS A 1 41  ? 13.830  -15.072 10.671  1.00 64.41  ? 992  LYS A CG  1 
ATOM   296 N N   . HIS A 1 42  ? 13.975  -12.563 6.999   1.00 51.68  ? 993  HIS A N   1 
ATOM   297 C CA  . HIS A 1 42  ? 13.491  -12.178 5.687   1.00 47.13  ? 993  HIS A CA  1 
ATOM   298 C C   . HIS A 1 42  ? 13.957  -13.240 4.680   1.00 47.19  ? 993  HIS A C   1 
ATOM   299 O O   . HIS A 1 42  ? 14.810  -14.092 4.977   1.00 45.67  ? 993  HIS A O   1 
ATOM   300 C CB  . HIS A 1 42  ? 14.045  -10.790 5.324   1.00 44.82  ? 993  HIS A CB  1 
ATOM   301 C CG  . HIS A 1 42  ? 15.541  -10.715 5.400   1.00 46.43  ? 993  HIS A CG  1 
ATOM   302 N ND1 . HIS A 1 42  ? 16.216  -10.431 6.571   1.00 48.11  ? 993  HIS A ND1 1 
ATOM   303 C CD2 . HIS A 1 42  ? 16.493  -10.914 4.457   1.00 45.42  ? 993  HIS A CD2 1 
ATOM   304 C CE1 . HIS A 1 42  ? 17.519  -10.463 6.346   1.00 46.08  ? 993  HIS A CE1 1 
ATOM   305 N NE2 . HIS A 1 42  ? 17.711  -10.764 5.078   1.00 46.66  ? 993  HIS A NE2 1 
ATOM   306 N N   . ASP A 1 43  ? 13.382  -13.188 3.489   1.00 44.70  ? 994  ASP A N   1 
ATOM   307 C CA  . ASP A 1 43  ? 13.742  -14.127 2.430   1.00 45.48  ? 994  ASP A CA  1 
ATOM   308 C C   . ASP A 1 43  ? 15.115  -13.782 1.867   1.00 42.68  ? 994  ASP A C   1 
ATOM   309 O O   . ASP A 1 43  ? 15.471  -12.633 1.743   1.00 36.26  ? 994  ASP A O   1 
ATOM   310 C CB  . ASP A 1 43  ? 12.688  -14.051 1.325   1.00 47.14  ? 994  ASP A CB  1 
ATOM   311 C CG  . ASP A 1 43  ? 11.339  -14.650 1.757   1.00 50.76  ? 994  ASP A CG  1 
ATOM   312 O OD1 . ASP A 1 43  ? 11.309  -15.484 2.676   1.00 51.78  ? 994  ASP A OD1 1 
ATOM   313 O OD2 . ASP A 1 43  ? 10.308  -14.266 1.202   1.00 50.67  ? 994  ASP A OD2 1 
ATOM   314 N N   . LEU A 1 44  ? 15.870  -14.803 1.513   1.00 44.96  ? 995  LEU A N   1 
ATOM   315 C CA  . LEU A 1 44  ? 17.182  -14.639 0.926   1.00 44.56  ? 995  LEU A CA  1 
ATOM   316 C C   . LEU A 1 44  ? 17.065  -13.846 -0.386  1.00 45.17  ? 995  LEU A C   1 
ATOM   317 O O   . LEU A 1 44  ? 16.266  -14.201 -1.250  1.00 48.20  ? 995  LEU A O   1 
ATOM   318 C CB  . LEU A 1 44  ? 17.757  -16.024 0.675   1.00 48.48  ? 995  LEU A CB  1 
ATOM   319 C CG  . LEU A 1 44  ? 19.199  -16.115 0.224   1.00 49.58  ? 995  LEU A CG  1 
ATOM   320 C CD1 . LEU A 1 44  ? 20.101  -15.562 1.321   1.00 50.72  ? 995  LEU A CD1 1 
ATOM   321 C CD2 . LEU A 1 44  ? 19.524  -17.536 -0.105  1.00 52.04  ? 995  LEU A CD2 1 
ATOM   322 N N   . GLY A 1 45  ? 17.861  -12.788 -0.522  1.00 43.20  ? 996  GLY A N   1 
ATOM   323 C CA  . GLY A 1 45  ? 17.843  -11.923 -1.705  1.00 43.25  ? 996  GLY A CA  1 
ATOM   324 C C   . GLY A 1 45  ? 16.920  -10.683 -1.556  1.00 44.14  ? 996  GLY A C   1 
ATOM   325 O O   . GLY A 1 45  ? 16.725  -9.907  -2.552  1.00 55.78  ? 996  GLY A O   1 
ATOM   326 N N   . ASP A 1 46  ? 16.284  -10.532 -0.367  1.00 40.95  ? 997  ASP A N   1 
ATOM   327 C CA  . ASP A 1 46  ? 15.566  -9.279  -0.029  1.00 38.60  ? 997  ASP A CA  1 
ATOM   328 C C   . ASP A 1 46  ? 16.599  -8.217  0.294   1.00 36.15  ? 997  ASP A C   1 
ATOM   329 O O   . ASP A 1 46  ? 17.722  -8.491  0.664   1.00 38.98  ? 997  ASP A O   1 
ATOM   330 C CB  . ASP A 1 46  ? 14.642  -9.434  1.192   1.00 39.21  ? 997  ASP A CB  1 
ATOM   331 C CG  . ASP A 1 46  ? 13.405  -10.314 0.940   1.00 41.07  ? 997  ASP A CG  1 
ATOM   332 O OD1 . ASP A 1 46  ? 13.178  -10.871 -0.176  1.00 38.70  ? 997  ASP A OD1 1 
ATOM   333 O OD2 . ASP A 1 46  ? 12.652  -10.474 1.913   1.00 43.81  ? 997  ASP A OD2 1 
ATOM   334 N N   . PHE A 1 47  ? 16.217  -6.978  0.154   1.00 38.93  ? 998  PHE A N   1 
ATOM   335 C CA  . PHE A 1 47  ? 17.003  -5.897  0.702   1.00 37.24  ? 998  PHE A CA  1 
ATOM   336 C C   . PHE A 1 47  ? 16.042  -5.015  1.511   1.00 38.17  ? 998  PHE A C   1 
ATOM   337 O O   . PHE A 1 47  ? 14.819  -5.101  1.317   1.00 34.15  ? 998  PHE A O   1 
ATOM   338 C CB  . PHE A 1 47  ? 17.715  -5.150  -0.422  1.00 37.14  ? 998  PHE A CB  1 
ATOM   339 C CG  . PHE A 1 47  ? 16.816  -4.746  -1.572  1.00 36.30  ? 998  PHE A CG  1 
ATOM   340 C CD1 . PHE A 1 47  ? 15.964  -3.666  -1.457  1.00 36.77  ? 998  PHE A CD1 1 
ATOM   341 C CD2 . PHE A 1 47  ? 16.855  -5.428  -2.779  1.00 39.13  ? 998  PHE A CD2 1 
ATOM   342 C CE1 . PHE A 1 47  ? 15.166  -3.267  -2.507  1.00 36.01  ? 998  PHE A CE1 1 
ATOM   343 C CE2 . PHE A 1 47  ? 16.080  -5.010  -3.839  1.00 37.35  ? 998  PHE A CE2 1 
ATOM   344 C CZ  . PHE A 1 47  ? 15.229  -3.951  -3.702  1.00 37.36  ? 998  PHE A CZ  1 
ATOM   345 N N   . PRO A 1 48  ? 16.586  -4.186  2.433   1.00 35.82  ? 999  PRO A N   1 
ATOM   346 C CA  . PRO A 1 48  ? 15.716  -3.334  3.233   1.00 33.37  ? 999  PRO A CA  1 
ATOM   347 C C   . PRO A 1 48  ? 15.342  -2.025  2.511   1.00 31.74  ? 999  PRO A C   1 
ATOM   348 O O   . PRO A 1 48  ? 16.131  -1.479  1.733   1.00 31.99  ? 999  PRO A O   1 
ATOM   349 C CB  . PRO A 1 48  ? 16.551  -3.059  4.508   1.00 35.06  ? 999  PRO A CB  1 
ATOM   350 C CG  . PRO A 1 48  ? 17.957  -3.390  4.153   1.00 37.01  ? 999  PRO A CG  1 
ATOM   351 C CD  . PRO A 1 48  ? 18.005  -3.963  2.756   1.00 36.15  ? 999  PRO A CD  1 
ATOM   352 N N   . VAL A 1 49  ? 14.137  -1.532  2.768   1.00 32.03  ? 1000 VAL A N   1 
ATOM   353 C CA  . VAL A 1 49  ? 13.784  -0.162  2.341   1.00 29.13  ? 1000 VAL A CA  1 
ATOM   354 C C   . VAL A 1 49  ? 13.296  0.562   3.568   1.00 29.74  ? 1000 VAL A C   1 
ATOM   355 O O   . VAL A 1 49  ? 12.901  -0.062  4.571   1.00 33.50  ? 1000 VAL A O   1 
ATOM   356 C CB  . VAL A 1 49  ? 12.692  -0.102  1.233   1.00 28.81  ? 1000 VAL A CB  1 
ATOM   357 C CG1 . VAL A 1 49  ? 13.150  -0.857  -0.029  1.00 29.48  ? 1000 VAL A CG1 1 
ATOM   358 C CG2 . VAL A 1 49  ? 11.367  -0.659  1.766   1.00 33.79  ? 1000 VAL A CG2 1 
ATOM   359 N N   . PHE A 1 50  ? 13.290  1.876   3.454   1.00 31.86  ? 1001 PHE A N   1 
ATOM   360 C CA  . PHE A 1 50  ? 12.667  2.770   4.410   1.00 33.83  ? 1001 PHE A CA  1 
ATOM   361 C C   . PHE A 1 50  ? 11.432  3.385   3.764   1.00 32.52  ? 1001 PHE A C   1 
ATOM   362 O O   . PHE A 1 50  ? 11.556  4.125   2.781   1.00 30.67  ? 1001 PHE A O   1 
ATOM   363 C CB  . PHE A 1 50  ? 13.667  3.888   4.738   1.00 33.22  ? 1001 PHE A CB  1 
ATOM   364 C CG  . PHE A 1 50  ? 13.098  4.988   5.598   1.00 34.36  ? 1001 PHE A CG  1 
ATOM   365 C CD1 . PHE A 1 50  ? 12.987  4.812   6.974   1.00 33.70  ? 1001 PHE A CD1 1 
ATOM   366 C CD2 . PHE A 1 50  ? 12.707  6.229   5.031   1.00 35.38  ? 1001 PHE A CD2 1 
ATOM   367 C CE1 . PHE A 1 50  ? 12.487  5.843   7.777   1.00 34.83  ? 1001 PHE A CE1 1 
ATOM   368 C CE2 . PHE A 1 50  ? 12.213  7.255   5.844   1.00 34.41  ? 1001 PHE A CE2 1 
ATOM   369 C CZ  . PHE A 1 50  ? 12.094  7.052   7.199   1.00 34.24  ? 1001 PHE A CZ  1 
ATOM   370 N N   . PHE A 1 51  ? 10.263  3.134   4.334   1.00 34.86  ? 1002 PHE A N   1 
ATOM   371 C CA  . PHE A 1 51  ? 9.040   3.730   3.833   1.00 35.84  ? 1002 PHE A CA  1 
ATOM   372 C C   . PHE A 1 51  ? 8.796   5.120   4.367   1.00 36.87  ? 1002 PHE A C   1 
ATOM   373 O O   . PHE A 1 51  ? 8.700   5.330   5.579   1.00 32.95  ? 1002 PHE A O   1 
ATOM   374 C CB  . PHE A 1 51  ? 7.839   2.883   4.181   1.00 40.28  ? 1002 PHE A CB  1 
ATOM   375 C CG  . PHE A 1 51  ? 7.820   1.542   3.477   1.00 41.84  ? 1002 PHE A CG  1 
ATOM   376 C CD1 . PHE A 1 51  ? 7.435   1.440   2.153   1.00 44.21  ? 1002 PHE A CD1 1 
ATOM   377 C CD2 . PHE A 1 51  ? 8.203   0.392   4.141   1.00 46.50  ? 1002 PHE A CD2 1 
ATOM   378 C CE1 . PHE A 1 51  ? 7.368   0.209   1.521   1.00 46.99  ? 1002 PHE A CE1 1 
ATOM   379 C CE2 . PHE A 1 51  ? 8.148   -0.850  3.512   1.00 51.98  ? 1002 PHE A CE2 1 
ATOM   380 C CZ  . PHE A 1 51  ? 7.725   -0.939  2.201   1.00 46.57  ? 1002 PHE A CZ  1 
ATOM   381 N N   . PHE A 1 52  ? 8.615   6.037   3.427   1.00 35.66  ? 1003 PHE A N   1 
ATOM   382 C CA  . PHE A 1 52  ? 8.239   7.408   3.760   1.00 39.46  ? 1003 PHE A CA  1 
ATOM   383 C C   . PHE A 1 52  ? 6.806   7.459   4.291   1.00 39.62  ? 1003 PHE A C   1 
ATOM   384 O O   . PHE A 1 52  ? 6.045   6.512   4.127   1.00 38.37  ? 1003 PHE A O   1 
ATOM   385 C CB  . PHE A 1 52  ? 8.379   8.302   2.534   1.00 39.37  ? 1003 PHE A CB  1 
ATOM   386 C CG  . PHE A 1 52  ? 9.768   8.377   2.017   1.00 36.19  ? 1003 PHE A CG  1 
ATOM   387 C CD1 . PHE A 1 52  ? 10.727  9.088   2.708   1.00 37.30  ? 1003 PHE A CD1 1 
ATOM   388 C CD2 . PHE A 1 52  ? 10.119  7.741   0.833   1.00 35.59  ? 1003 PHE A CD2 1 
ATOM   389 C CE1 . PHE A 1 52  ? 12.041  9.164   2.233   1.00 35.45  ? 1003 PHE A CE1 1 
ATOM   390 C CE2 . PHE A 1 52  ? 11.416  7.843   0.350   1.00 36.14  ? 1003 PHE A CE2 1 
ATOM   391 C CZ  . PHE A 1 52  ? 12.369  8.558   1.044   1.00 33.99  ? 1003 PHE A CZ  1 
ATOM   392 N N   . GLY A 1 53  ? 6.471   8.562   4.944   1.00 43.29  ? 1004 GLY A N   1 
ATOM   393 C CA  . GLY A 1 53  ? 5.164   8.731   5.619   1.00 46.05  ? 1004 GLY A CA  1 
ATOM   394 C C   . GLY A 1 53  ? 5.159   7.941   6.924   1.00 48.57  ? 1004 GLY A C   1 
ATOM   395 O O   . GLY A 1 53  ? 5.112   8.519   8.006   1.00 52.57  ? 1004 GLY A O   1 
ATOM   396 N N   . SER A 1 54  ? 5.222   6.610   6.826   1.00 47.75  ? 1005 SER A N   1 
ATOM   397 C CA  . SER A 1 54  ? 5.229   5.746   8.011   1.00 48.35  ? 1005 SER A CA  1 
ATOM   398 C C   . SER A 1 54  ? 6.591   5.656   8.696   1.00 48.18  ? 1005 SER A C   1 
ATOM   399 O O   . SER A 1 54  ? 6.648   5.336   9.874   1.00 48.36  ? 1005 SER A O   1 
ATOM   400 C CB  . SER A 1 54  ? 4.779   4.329   7.640   1.00 46.30  ? 1005 SER A CB  1 
ATOM   401 O OG  . SER A 1 54  ? 5.610   3.830   6.644   1.00 42.80  ? 1005 SER A OG  1 
ATOM   402 N N   . HIS A 1 55  ? 7.675   5.906   7.956   1.00 46.00  ? 1006 HIS A N   1 
ATOM   403 C CA  . HIS A 1 55  ? 9.041   5.936   8.514   1.00 46.32  ? 1006 HIS A CA  1 
ATOM   404 C C   . HIS A 1 55  ? 9.427   4.597   9.166   1.00 46.57  ? 1006 HIS A C   1 
ATOM   405 O O   . HIS A 1 55  ? 9.944   4.547   10.276  1.00 48.16  ? 1006 HIS A O   1 
ATOM   406 C CB  . HIS A 1 55  ? 9.246   7.100   9.527   1.00 48.75  ? 1006 HIS A CB  1 
ATOM   407 C CG  . HIS A 1 55  ? 8.597   8.393   9.136   1.00 50.16  ? 1006 HIS A CG  1 
ATOM   408 N ND1 . HIS A 1 55  ? 7.792   9.099   9.998   1.00 57.38  ? 1006 HIS A ND1 1 
ATOM   409 C CD2 . HIS A 1 55  ? 8.646   9.118   7.995   1.00 49.38  ? 1006 HIS A CD2 1 
ATOM   410 C CE1 . HIS A 1 55  ? 7.355   10.197  9.405   1.00 58.19  ? 1006 HIS A CE1 1 
ATOM   411 N NE2 . HIS A 1 55  ? 7.842   10.218  8.178   1.00 54.80  ? 1006 HIS A NE2 1 
ATOM   412 N N   . ASP A 1 56  ? 9.141   3.494   8.500   1.00 47.12  ? 1007 ASP A N   1 
ATOM   413 C CA  . ASP A 1 56  ? 9.576   2.215   9.044   1.00 45.99  ? 1007 ASP A CA  1 
ATOM   414 C C   . ASP A 1 56  ? 10.285  1.433   7.991   1.00 37.33  ? 1007 ASP A C   1 
ATOM   415 O O   . ASP A 1 56  ? 10.132  1.681   6.783   1.00 35.16  ? 1007 ASP A O   1 
ATOM   416 C CB  . ASP A 1 56  ? 8.445   1.423   9.705   1.00 52.53  ? 1007 ASP A CB  1 
ATOM   417 C CG  . ASP A 1 56  ? 7.133   1.526   8.962   1.00 56.76  ? 1007 ASP A CG  1 
ATOM   418 O OD1 . ASP A 1 56  ? 7.145   1.653   7.716   1.00 56.54  ? 1007 ASP A OD1 1 
ATOM   419 O OD2 . ASP A 1 56  ? 6.087   1.487   9.646   1.00 56.80  ? 1007 ASP A OD2 1 
ATOM   420 N N   . TYR A 1 57  ? 11.127  0.536   8.458   1.00 35.82  ? 1008 TYR A N   1 
ATOM   421 C CA  . TYR A 1 57  ? 11.961  -0.254  7.578   1.00 34.27  ? 1008 TYR A CA  1 
ATOM   422 C C   . TYR A 1 57  ? 11.311  -1.617  7.364   1.00 38.09  ? 1008 TYR A C   1 
ATOM   423 O O   . TYR A 1 57  ? 10.676  -2.143  8.249   1.00 38.09  ? 1008 TYR A O   1 
ATOM   424 C CB  . TYR A 1 57  ? 13.340  -0.476  8.179   1.00 34.33  ? 1008 TYR A CB  1 
ATOM   425 C CG  . TYR A 1 57  ? 14.112  0.785   8.461   1.00 36.46  ? 1008 TYR A CG  1 
ATOM   426 C CD1 . TYR A 1 57  ? 13.927  1.518   9.656   1.00 38.24  ? 1008 TYR A CD1 1 
ATOM   427 C CD2 . TYR A 1 57  ? 15.041  1.205   7.576   1.00 33.90  ? 1008 TYR A CD2 1 
ATOM   428 C CE1 . TYR A 1 57  ? 14.652  2.691   9.904   1.00 40.40  ? 1008 TYR A CE1 1 
ATOM   429 C CE2 . TYR A 1 57  ? 15.769  2.353   7.791   1.00 35.71  ? 1008 TYR A CE2 1 
ATOM   430 C CZ  . TYR A 1 57  ? 15.579  3.095   8.941   1.00 37.18  ? 1008 TYR A CZ  1 
ATOM   431 O OH  . TYR A 1 57  ? 16.367  4.173   9.046   1.00 33.60  ? 1008 TYR A OH  1 
ATOM   432 N N   . TYR A 1 58  ? 11.461  -2.185  6.172   1.00 40.67  ? 1009 TYR A N   1 
ATOM   433 C CA  . TYR A 1 58  ? 11.060  -3.574  5.950   1.00 42.22  ? 1009 TYR A CA  1 
ATOM   434 C C   . TYR A 1 58  ? 11.942  -4.122  4.831   1.00 40.47  ? 1009 TYR A C   1 
ATOM   435 O O   . TYR A 1 58  ? 12.488  -3.383  3.972   1.00 36.54  ? 1009 TYR A O   1 
ATOM   436 C CB  . TYR A 1 58  ? 9.547   -3.748  5.689   1.00 46.35  ? 1009 TYR A CB  1 
ATOM   437 C CG  . TYR A 1 58  ? 8.745   -4.432  6.825   1.00 51.02  ? 1009 TYR A CG  1 
ATOM   438 N N   . TRP A 1 59  ? 12.120  -5.426  4.915   1.00 39.62  ? 1010 TRP A N   1 
ATOM   439 C CA  . TRP A 1 59  ? 12.804  -6.196  3.907   1.00 41.36  ? 1010 TRP A CA  1 
ATOM   440 C C   . TRP A 1 59  ? 11.825  -6.529  2.784   1.00 40.89  ? 1010 TRP A C   1 
ATOM   441 O O   . TRP A 1 59  ? 10.700  -6.954  3.028   1.00 38.22  ? 1010 TRP A O   1 
ATOM   442 C CB  . TRP A 1 59  ? 13.331  -7.468  4.537   1.00 41.10  ? 1010 TRP A CB  1 
ATOM   443 C CG  . TRP A 1 59  ? 14.445  -7.212  5.498   1.00 40.97  ? 1010 TRP A CG  1 
ATOM   444 C CD1 . TRP A 1 59  ? 14.334  -6.971  6.830   1.00 40.34  ? 1010 TRP A CD1 1 
ATOM   445 C CD2 . TRP A 1 59  ? 15.854  -7.198  5.201   1.00 38.82  ? 1010 TRP A CD2 1 
ATOM   446 N NE1 . TRP A 1 59  ? 15.579  -6.818  7.390   1.00 40.88  ? 1010 TRP A NE1 1 
ATOM   447 C CE2 . TRP A 1 59  ? 16.533  -6.954  6.418   1.00 38.89  ? 1010 TRP A CE2 1 
ATOM   448 C CE3 . TRP A 1 59  ? 16.602  -7.405  4.044   1.00 41.14  ? 1010 TRP A CE3 1 
ATOM   449 C CZ2 . TRP A 1 59  ? 17.941  -6.907  6.504   1.00 40.02  ? 1010 TRP A CZ2 1 
ATOM   450 C CZ3 . TRP A 1 59  ? 18.013  -7.351  4.125   1.00 44.13  ? 1010 TRP A CZ3 1 
ATOM   451 C CH2 . TRP A 1 59  ? 18.658  -7.090  5.348   1.00 42.50  ? 1010 TRP A CH2 1 
ATOM   452 N N   . VAL A 1 60  ? 12.256  -6.326  1.557   1.00 38.54  ? 1011 VAL A N   1 
ATOM   453 C CA  . VAL A 1 60  ? 11.367  -6.501  0.412   1.00 38.46  ? 1011 VAL A CA  1 
ATOM   454 C C   . VAL A 1 60  ? 12.023  -7.339  -0.683  1.00 39.79  ? 1011 VAL A C   1 
ATOM   455 O O   . VAL A 1 60  ? 13.267  -7.392  -0.782  1.00 36.24  ? 1011 VAL A O   1 
ATOM   456 C CB  . VAL A 1 60  ? 10.922  -5.142  -0.172  1.00 38.17  ? 1011 VAL A CB  1 
ATOM   457 C CG1 . VAL A 1 60  ? 10.144  -4.369  0.904   1.00 41.10  ? 1011 VAL A CG1 1 
ATOM   458 C CG2 . VAL A 1 60  ? 12.121  -4.338  -0.690  1.00 35.25  ? 1011 VAL A CG2 1 
ATOM   459 N N   . HIS A 1 61  ? 11.171  -7.988  -1.475  1.00 40.74  ? 1012 HIS A N   1 
ATOM   460 C CA  . HIS A 1 61  ? 11.592  -8.713  -2.667  1.00 46.21  ? 1012 HIS A CA  1 
ATOM   461 C C   . HIS A 1 61  ? 11.965  -7.751  -3.763  1.00 43.21  ? 1012 HIS A C   1 
ATOM   462 O O   . HIS A 1 61  ? 11.199  -6.816  -4.097  1.00 37.81  ? 1012 HIS A O   1 
ATOM   463 C CB  . HIS A 1 61  ? 10.480  -9.613  -3.201  1.00 48.17  ? 1012 HIS A CB  1 
ATOM   464 C CG  . HIS A 1 61  ? 9.908   -10.534 -2.177  1.00 58.15  ? 1012 HIS A CG  1 
ATOM   465 N ND1 . HIS A 1 61  ? 10.667  -11.097 -1.178  1.00 64.93  ? 1012 HIS A ND1 1 
ATOM   466 C CD2 . HIS A 1 61  ? 8.647   -10.982 -1.987  1.00 67.52  ? 1012 HIS A CD2 1 
ATOM   467 C CE1 . HIS A 1 61  ? 9.903   -11.858 -0.419  1.00 67.12  ? 1012 HIS A CE1 1 
ATOM   468 N NE2 . HIS A 1 61  ? 8.672   -11.800 -0.884  1.00 72.53  ? 1012 HIS A NE2 1 
ATOM   469 N N   . GLN A 1 62  ? 13.112  -8.036  -4.363  1.00 43.18  ? 1013 GLN A N   1 
ATOM   470 C CA  . GLN A 1 62  ? 13.645  -7.258  -5.474  1.00 42.56  ? 1013 GLN A CA  1 
ATOM   471 C C   . GLN A 1 62  ? 12.640  -7.126  -6.618  1.00 41.23  ? 1013 GLN A C   1 
ATOM   472 O O   . GLN A 1 62  ? 12.591  -6.044  -7.240  1.00 41.07  ? 1013 GLN A O   1 
ATOM   473 C CB  . GLN A 1 62  ? 14.986  -7.847  -5.988  1.00 45.12  ? 1013 GLN A CB  1 
ATOM   474 C CG  . GLN A 1 62  ? 14.859  -9.177  -6.688  1.00 49.42  ? 1013 GLN A CG  1 
ATOM   475 C CD  . GLN A 1 62  ? 16.188  -9.800  -7.194  1.00 53.25  ? 1013 GLN A CD  1 
ATOM   476 O OE1 . GLN A 1 62  ? 16.142  -10.806 -7.887  1.00 55.05  ? 1013 GLN A OE1 1 
ATOM   477 N NE2 . GLN A 1 62  ? 17.346  -9.194  -6.886  1.00 51.98  ? 1013 GLN A NE2 1 
ATOM   478 N N   . GLY A 1 63  ? 11.810  -8.156  -6.840  1.00 39.22  ? 1014 GLY A N   1 
ATOM   479 C CA  . GLY A 1 63  ? 10.747  -8.093  -7.863  1.00 42.38  ? 1014 GLY A CA  1 
ATOM   480 C C   . GLY A 1 63  ? 9.601   -7.087  -7.647  1.00 43.26  ? 1014 GLY A C   1 
ATOM   481 O O   . GLY A 1 63  ? 8.834   -6.805  -8.574  1.00 43.56  ? 1014 GLY A O   1 
ATOM   482 N N   . ARG A 1 64  ? 9.522   -6.510  -6.438  1.00 40.63  ? 1015 ARG A N   1 
ATOM   483 C CA  A ARG A 1 64  ? 8.420   -5.632  -6.040  0.50 39.32  ? 1015 ARG A CA  1 
ATOM   484 C CA  B ARG A 1 64  ? 8.426   -5.632  -6.024  0.50 39.07  ? 1015 ARG A CA  1 
ATOM   485 C C   . ARG A 1 64  ? 8.866   -4.165  -5.981  1.00 37.41  ? 1015 ARG A C   1 
ATOM   486 O O   . ARG A 1 64  ? 8.137   -3.312  -5.551  1.00 35.29  ? 1015 ARG A O   1 
ATOM   487 C CB  A ARG A 1 64  ? 7.853   -6.101  -4.690  0.50 40.30  ? 1015 ARG A CB  1 
ATOM   488 C CB  B ARG A 1 64  ? 7.935   -6.065  -4.642  0.50 39.43  ? 1015 ARG A CB  1 
ATOM   489 C CG  A ARG A 1 64  ? 6.909   -7.319  -4.814  0.50 43.78  ? 1015 ARG A CG  1 
ATOM   490 C CG  B ARG A 1 64  ? 7.427   -7.518  -4.572  0.50 42.33  ? 1015 ARG A CG  1 
ATOM   491 C CD  A ARG A 1 64  ? 6.499   -7.915  -3.474  0.50 44.19  ? 1015 ARG A CD  1 
ATOM   492 C CD  B ARG A 1 64  ? 5.947   -7.678  -4.926  0.50 44.82  ? 1015 ARG A CD  1 
ATOM   493 N NE  A ARG A 1 64  ? 6.265   -6.885  -2.452  0.50 45.54  ? 1015 ARG A NE  1 
ATOM   494 N NE  B ARG A 1 64  ? 5.580   -9.090  -4.999  0.50 49.92  ? 1015 ARG A NE  1 
ATOM   495 C CZ  A ARG A 1 64  ? 7.004   -6.687  -1.351  0.50 40.24  ? 1015 ARG A CZ  1 
ATOM   496 C CZ  B ARG A 1 64  ? 5.517   -9.892  -3.943  0.50 51.04  ? 1015 ARG A CZ  1 
ATOM   497 N NH1 A ARG A 1 64  ? 8.080   -7.447  -1.072  0.50 36.02  ? 1015 ARG A NH1 1 
ATOM   498 N NH1 B ARG A 1 64  ? 5.771   -9.416  -2.737  0.50 49.17  ? 1015 ARG A NH1 1 
ATOM   499 N NH2 A ARG A 1 64  ? 6.643   -5.720  -0.528  0.50 37.56  ? 1015 ARG A NH2 1 
ATOM   500 N NH2 B ARG A 1 64  ? 5.196   -11.166 -4.091  0.50 56.10  ? 1015 ARG A NH2 1 
ATOM   501 N N   . VAL A 1 65  ? 10.068  -3.886  -6.466  1.00 37.86  ? 1016 VAL A N   1 
ATOM   502 C CA  . VAL A 1 65  ? 10.693  -2.570  -6.296  1.00 37.41  ? 1016 VAL A CA  1 
ATOM   503 C C   . VAL A 1 65  ? 11.119  -2.026  -7.646  1.00 41.68  ? 1016 VAL A C   1 
ATOM   504 O O   . VAL A 1 65  ? 11.859  -2.700  -8.396  1.00 38.42  ? 1016 VAL A O   1 
ATOM   505 C CB  . VAL A 1 65  ? 11.941  -2.648  -5.420  1.00 33.84  ? 1016 VAL A CB  1 
ATOM   506 C CG1 . VAL A 1 65  ? 12.570  -1.276  -5.280  1.00 35.59  ? 1016 VAL A CG1 1 
ATOM   507 C CG2 . VAL A 1 65  ? 11.635  -3.274  -4.045  1.00 34.49  ? 1016 VAL A CG2 1 
ATOM   508 N N   . PHE A 1 66  ? 10.663  -0.795  -7.920  1.00 38.31  ? 1017 PHE A N   1 
ATOM   509 C CA  . PHE A 1 66  ? 10.902  -0.139  -9.172  1.00 42.09  ? 1017 PHE A CA  1 
ATOM   510 C C   . PHE A 1 66  ? 11.379  1.307   -8.936  1.00 43.18  ? 1017 PHE A C   1 
ATOM   511 O O   . PHE A 1 66  ? 11.011  1.938   -7.943  1.00 37.21  ? 1017 PHE A O   1 
ATOM   512 C CB  . PHE A 1 66  ? 9.635   -0.133  -10.016 1.00 45.39  ? 1017 PHE A CB  1 
ATOM   513 C CG  . PHE A 1 66  ? 9.159   -1.502  -10.390 1.00 48.81  ? 1017 PHE A CG  1 
ATOM   514 C CD1 . PHE A 1 66  ? 8.408   -2.264  -9.487  1.00 49.21  ? 1017 PHE A CD1 1 
ATOM   515 C CD2 . PHE A 1 66  ? 9.520   -2.074  -11.613 1.00 50.85  ? 1017 PHE A CD2 1 
ATOM   516 C CE1 . PHE A 1 66  ? 8.011   -3.571  -9.820  1.00 50.23  ? 1017 PHE A CE1 1 
ATOM   517 C CE2 . PHE A 1 66  ? 9.117   -3.370  -11.940 1.00 55.40  ? 1017 PHE A CE2 1 
ATOM   518 C CZ  . PHE A 1 66  ? 8.353   -4.112  -11.053 1.00 51.63  ? 1017 PHE A CZ  1 
ATOM   519 N N   . PRO A 1 67  ? 12.196  1.834   -9.854  1.00 45.24  ? 1018 PRO A N   1 
ATOM   520 C CA  . PRO A 1 67  ? 12.742  3.188   -9.692  1.00 44.26  ? 1018 PRO A CA  1 
ATOM   521 C C   . PRO A 1 67  ? 11.665  4.274   -9.603  1.00 43.73  ? 1018 PRO A C   1 
ATOM   522 O O   . PRO A 1 67  ? 10.678  4.185   -10.301 1.00 46.41  ? 1018 PRO A O   1 
ATOM   523 C CB  . PRO A 1 67  ? 13.542  3.379   -10.982 1.00 46.31  ? 1018 PRO A CB  1 
ATOM   524 C CG  . PRO A 1 67  ? 13.955  1.992   -11.362 1.00 50.25  ? 1018 PRO A CG  1 
ATOM   525 C CD  . PRO A 1 67  ? 12.770  1.141   -11.027 1.00 47.49  ? 1018 PRO A CD  1 
ATOM   526 N N   . TYR A 1 68  ? 11.861  5.258   -8.734  1.00 42.33  ? 1019 TYR A N   1 
ATOM   527 C CA  . TYR A 1 68  ? 11.072  6.498   -8.712  1.00 41.39  ? 1019 TYR A CA  1 
ATOM   528 C C   . TYR A 1 68  ? 11.696  7.471   -9.699  1.00 45.15  ? 1019 TYR A C   1 
ATOM   529 O O   . TYR A 1 68  ? 12.891  7.785   -9.617  1.00 48.69  ? 1019 TYR A O   1 
ATOM   530 C CB  . TYR A 1 68  ? 11.154  7.062   -7.299  1.00 41.31  ? 1019 TYR A CB  1 
ATOM   531 C CG  . TYR A 1 68  ? 10.403  8.321   -6.976  1.00 42.30  ? 1019 TYR A CG  1 
ATOM   532 C CD1 . TYR A 1 68  ? 10.948  9.585   -7.306  1.00 40.95  ? 1019 TYR A CD1 1 
ATOM   533 C CD2 . TYR A 1 68  ? 9.227   8.283   -6.241  1.00 40.46  ? 1019 TYR A CD2 1 
ATOM   534 C CE1 . TYR A 1 68  ? 10.314  10.754  -6.954  1.00 42.21  ? 1019 TYR A CE1 1 
ATOM   535 C CE2 . TYR A 1 68  ? 8.579   9.463   -5.907  1.00 43.27  ? 1019 TYR A CE2 1 
ATOM   536 C CZ  . TYR A 1 68  ? 9.153   10.700  -6.259  1.00 42.98  ? 1019 TYR A CZ  1 
ATOM   537 O OH  . TYR A 1 68  ? 8.572   11.894  -5.923  1.00 46.26  ? 1019 TYR A OH  1 
ATOM   538 N N   . VAL A 1 69  ? 10.891  7.968   -10.624 1.00 46.41  ? 1020 VAL A N   1 
ATOM   539 C CA  . VAL A 1 69  ? 11.373  8.744   -11.745 1.00 50.08  ? 1020 VAL A CA  1 
ATOM   540 C C   . VAL A 1 69  ? 10.664  10.065  -11.639 1.00 54.87  ? 1020 VAL A C   1 
ATOM   541 O O   . VAL A 1 69  ? 9.419   10.102  -11.628 1.00 53.34  ? 1020 VAL A O   1 
ATOM   542 C CB  . VAL A 1 69  ? 10.990  8.071   -13.076 1.00 53.20  ? 1020 VAL A CB  1 
ATOM   543 C CG1 . VAL A 1 69  ? 11.272  8.979   -14.290 1.00 57.68  ? 1020 VAL A CG1 1 
ATOM   544 C CG2 . VAL A 1 69  ? 11.690  6.725   -13.187 1.00 52.20  ? 1020 VAL A CG2 1 
ATOM   545 N N   . GLU A 1 70  ? 11.464  11.135  -11.567 1.00 54.40  ? 1021 GLU A N   1 
ATOM   546 C CA  A GLU A 1 70  ? 10.943  12.486  -11.532 0.50 57.93  ? 1021 GLU A CA  1 
ATOM   547 C CA  B GLU A 1 70  ? 10.964  12.474  -11.339 0.50 57.64  ? 1021 GLU A CA  1 
ATOM   548 C C   A GLU A 1 70  ? 10.023  12.724  -12.757 0.50 63.29  ? 1021 GLU A C   1 
ATOM   549 C C   B GLU A 1 70  ? 9.717   12.824  -12.181 0.50 63.89  ? 1021 GLU A C   1 
ATOM   550 O O   A GLU A 1 70  ? 10.343  12.306  -13.883 0.50 62.68  ? 1021 GLU A O   1 
ATOM   551 O O   B GLU A 1 70  ? 8.673   13.180  -11.612 0.50 65.40  ? 1021 GLU A O   1 
ATOM   552 C CB  . GLU A 1 70  ? 12.105  13.478  -11.560 1.00 59.78  ? 1021 GLU A CB  1 
ATOM   553 C CG  . GLU A 1 70  ? 11.713  14.939  -11.400 1.00 62.76  ? 1021 GLU A CG  1 
ATOM   554 C CD  . GLU A 1 70  ? 12.911  15.859  -11.253 1.00 62.72  ? 1021 GLU A CD  1 
ATOM   555 O OE1 . GLU A 1 70  ? 14.086  15.459  -11.476 1.00 58.86  ? 1021 GLU A OE1 1 
ATOM   556 O OE2 . GLU A 1 70  ? 12.647  17.008  -10.902 1.00 67.20  ? 1021 GLU A OE2 1 
ATOM   557 N N   A GLY A 1 71  ? 8.887   13.389  -12.520 0.50 66.14  ? 1022 GLY A N   1 
ATOM   558 N N   B GLY A 1 71  ? 9.814   12.678  -13.508 0.50 66.10  ? 1022 GLY A N   1 
ATOM   559 C CA  A GLY A 1 71  ? 7.917   13.715  -13.574 0.50 69.49  ? 1022 GLY A CA  1 
ATOM   560 C CA  B GLY A 1 71  ? 8.784   13.178  -14.437 0.50 70.11  ? 1022 GLY A CA  1 
ATOM   561 C C   A GLY A 1 71  ? 6.827   12.663  -13.767 0.50 69.62  ? 1022 GLY A C   1 
ATOM   562 C C   B GLY A 1 71  ? 7.646   12.213  -14.766 0.50 71.18  ? 1022 GLY A C   1 
ATOM   563 O O   A GLY A 1 71  ? 5.634   13.002  -13.853 0.50 69.70  ? 1022 GLY A O   1 
ATOM   564 O O   B GLY A 1 71  ? 7.019   12.310  -15.837 0.50 72.57  ? 1022 GLY A O   1 
ATOM   565 N N   A ASP A 1 72  ? 7.242   11.391  -13.847 0.50 72.65  ? 1023 ASP A N   1 
ATOM   566 N N   B ASP A 1 72  ? 7.357   11.305  -13.832 0.50 72.95  ? 1023 ASP A N   1 
ATOM   567 C CA  A ASP A 1 72  ? 6.314   10.260  -14.052 0.50 72.01  ? 1023 ASP A CA  1 
ATOM   568 C CA  B ASP A 1 72  ? 6.352   10.260  -14.043 0.50 72.18  ? 1023 ASP A CA  1 
ATOM   569 C C   . ASP A 1 72  ? 5.452   10.036  -12.831 1.00 69.65  ? 1023 ASP A C   1 
ATOM   570 O O   . ASP A 1 72  ? 5.768   9.192   -11.989 1.00 71.86  ? 1023 ASP A O   1 
ATOM   571 C CB  . ASP A 1 72  ? 7.046   8.948   -14.390 1.00 71.36  ? 1023 ASP A CB  1 
ATOM   572 N N   . LYS A 1 73  ? 4.333   10.771  -12.767 1.00 69.09  ? 1024 LYS A N   1 
ATOM   573 C CA  . LYS A 1 73  ? 3.330   10.617  -11.703 1.00 66.99  ? 1024 LYS A CA  1 
ATOM   574 C C   . LYS A 1 73  ? 2.369   9.396   -11.888 1.00 66.02  ? 1024 LYS A C   1 
ATOM   575 O O   . LYS A 1 73  ? 1.301   9.356   -11.276 1.00 61.75  ? 1024 LYS A O   1 
ATOM   576 C CB  . LYS A 1 73  ? 2.532   11.923  -11.560 1.00 69.70  ? 1024 LYS A CB  1 
ATOM   577 N N   . SER A 1 74  ? 2.781   8.391   -12.682 1.00 68.69  ? 1025 SER A N   1 
ATOM   578 C CA  . SER A 1 74  ? 1.966   7.176   -12.970 1.00 67.51  ? 1025 SER A CA  1 
ATOM   579 C C   . SER A 1 74  ? 1.507   6.485   -11.705 1.00 65.22  ? 1025 SER A C   1 
ATOM   580 O O   . SER A 1 74  ? 0.310   6.234   -11.508 1.00 63.21  ? 1025 SER A O   1 
ATOM   581 C CB  . SER A 1 74  ? 2.776   6.170   -13.807 1.00 69.60  ? 1025 SER A CB  1 
ATOM   582 N N   . PHE A 1 75  ? 2.465   6.173   -10.836 1.00 60.27  ? 1026 PHE A N   1 
ATOM   583 C CA  . PHE A 1 75  ? 2.156   5.448   -9.593  1.00 57.34  ? 1026 PHE A CA  1 
ATOM   584 C C   . PHE A 1 75  ? 1.414   6.322   -8.605  1.00 52.30  ? 1026 PHE A C   1 
ATOM   585 O O   . PHE A 1 75  ? 0.518   5.866   -7.901  1.00 49.53  ? 1026 PHE A O   1 
ATOM   586 C CB  . PHE A 1 75  ? 3.428   5.023   -8.887  1.00 57.85  ? 1026 PHE A CB  1 
ATOM   587 C CG  . PHE A 1 75  ? 4.241   4.008   -9.634  1.00 60.83  ? 1026 PHE A CG  1 
ATOM   588 C CD1 . PHE A 1 75  ? 3.934   2.654   -9.551  1.00 61.91  ? 1026 PHE A CD1 1 
ATOM   589 C CD2 . PHE A 1 75  ? 5.363   4.404   -10.384 1.00 62.62  ? 1026 PHE A CD2 1 
ATOM   590 C CE1 . PHE A 1 75  ? 4.723   1.708   -10.211 1.00 66.01  ? 1026 PHE A CE1 1 
ATOM   591 C CE2 . PHE A 1 75  ? 6.161   3.459   -11.045 1.00 64.76  ? 1026 PHE A CE2 1 
ATOM   592 C CZ  . PHE A 1 75  ? 5.837   2.109   -10.950 1.00 67.40  ? 1026 PHE A CZ  1 
ATOM   593 N N   . ALA A 1 76  ? 1.847   7.575   -8.529  1.00 49.89  ? 1027 ALA A N   1 
ATOM   594 C CA  . ALA A 1 76  ? 1.303   8.528   -7.585  1.00 50.31  ? 1027 ALA A CA  1 
ATOM   595 C C   . ALA A 1 76  ? -0.198  8.777   -7.840  1.00 52.23  ? 1027 ALA A C   1 
ATOM   596 O O   . ALA A 1 76  ? -1.012  8.637   -6.927  1.00 48.74  ? 1027 ALA A O   1 
ATOM   597 C CB  . ALA A 1 76  ? 2.088   9.834   -7.661  1.00 52.84  ? 1027 ALA A CB  1 
ATOM   598 N N   . GLU A 1 77  ? -0.527  9.086   -9.091  1.00 57.91  ? 1028 GLU A N   1 
ATOM   599 C CA  . GLU A 1 77  ? -1.889  9.426   -9.508  1.00 67.11  ? 1028 GLU A CA  1 
ATOM   600 C C   . GLU A 1 77  ? -2.825  8.214   -9.444  1.00 65.47  ? 1028 GLU A C   1 
ATOM   601 O O   . GLU A 1 77  ? -3.933  8.299   -8.875  1.00 62.55  ? 1028 GLU A O   1 
ATOM   602 C CB  . GLU A 1 77  ? -1.861  10.051  -10.911 1.00 75.68  ? 1028 GLU A CB  1 
ATOM   603 C CG  . GLU A 1 77  ? -1.334  11.485  -10.901 1.00 82.63  ? 1028 GLU A CG  1 
ATOM   604 C CD  . GLU A 1 77  ? -0.848  11.948  -12.252 1.00 91.53  ? 1028 GLU A CD  1 
ATOM   605 O OE1 . GLU A 1 77  ? -1.192  11.293  -13.256 1.00 96.48  ? 1028 GLU A OE1 1 
ATOM   606 O OE2 . GLU A 1 77  ? -0.119  12.962  -12.304 1.00 101.11 ? 1028 GLU A OE2 1 
ATOM   607 N N   . GLY A 1 78  ? -2.350  7.087   -9.985  1.00 63.67  ? 1029 GLY A N   1 
ATOM   608 C CA  . GLY A 1 78  ? -2.959  5.783   -9.723  1.00 59.78  ? 1029 GLY A CA  1 
ATOM   609 C C   . GLY A 1 78  ? -3.344  5.594   -8.255  1.00 56.80  ? 1029 GLY A C   1 
ATOM   610 O O   . GLY A 1 78  ? -4.508  5.280   -7.936  1.00 60.47  ? 1029 GLY A O   1 
ATOM   611 N N   . GLN A 1 79  ? -2.405  5.814   -7.338  1.00 51.54  ? 1030 GLN A N   1 
ATOM   612 C CA  . GLN A 1 79  ? -2.687  5.561   -5.920  1.00 48.82  ? 1030 GLN A CA  1 
ATOM   613 C C   . GLN A 1 79  ? -3.711  6.539   -5.302  1.00 49.90  ? 1030 GLN A C   1 
ATOM   614 O O   . GLN A 1 79  ? -4.679  6.098   -4.698  1.00 45.87  ? 1030 GLN A O   1 
ATOM   615 C CB  . GLN A 1 79  ? -1.390  5.462   -5.093  1.00 48.22  ? 1030 GLN A CB  1 
ATOM   616 C CG  . GLN A 1 79  ? -0.577  4.212   -5.418  1.00 45.27  ? 1030 GLN A CG  1 
ATOM   617 C CD  . GLN A 1 79  ? -1.305  2.947   -5.032  1.00 47.25  ? 1030 GLN A CD  1 
ATOM   618 O OE1 . GLN A 1 79  ? -1.654  2.736   -3.855  1.00 44.58  ? 1030 GLN A OE1 1 
ATOM   619 N NE2 . GLN A 1 79  ? -1.558  2.091   -6.017  1.00 50.32  ? 1030 GLN A NE2 1 
ATOM   620 N N   A THR A 1 80  ? -3.498  7.844   -5.489  0.50 50.64  ? 1031 THR A N   1 
ATOM   621 N N   B THR A 1 80  ? -3.501  7.839   -5.481  0.50 51.51  ? 1031 THR A N   1 
ATOM   622 C CA  A THR A 1 80  ? -4.387  8.864   -4.927  0.50 51.91  ? 1031 THR A CA  1 
ATOM   623 C CA  B THR A 1 80  ? -4.380  8.837   -4.886  0.50 53.34  ? 1031 THR A CA  1 
ATOM   624 C C   A THR A 1 80  ? -5.827  8.712   -5.436  0.50 52.03  ? 1031 THR A C   1 
ATOM   625 C C   B THR A 1 80  ? -5.826  8.752   -5.437  0.50 53.05  ? 1031 THR A C   1 
ATOM   626 O O   A THR A 1 80  ? -6.772  8.781   -4.649  0.50 51.64  ? 1031 THR A O   1 
ATOM   627 O O   B THR A 1 80  ? -6.778  8.895   -4.669  0.50 52.90  ? 1031 THR A O   1 
ATOM   628 C CB  A THR A 1 80  ? -3.916  10.304  -5.257  0.50 54.55  ? 1031 THR A CB  1 
ATOM   629 C CB  B THR A 1 80  ? -3.802  10.263  -5.056  0.50 56.97  ? 1031 THR A CB  1 
ATOM   630 O OG1 A THR A 1 80  ? -4.387  10.694  -6.556  0.50 54.97  ? 1031 THR A OG1 1 
ATOM   631 O OG1 B THR A 1 80  ? -2.618  10.407  -4.246  0.50 57.17  ? 1031 THR A OG1 1 
ATOM   632 C CG2 A THR A 1 80  ? -2.386  10.418  -5.186  0.50 53.97  ? 1031 THR A CG2 1 
ATOM   633 C CG2 B THR A 1 80  ? -4.837  11.320  -4.662  0.50 58.88  ? 1031 THR A CG2 1 
ATOM   634 N N   . SER A 1 81  ? -5.988  8.512   -6.741  1.00 52.25  ? 1032 SER A N   1 
ATOM   635 C CA  . SER A 1 81  ? -7.340  8.333   -7.327  1.00 59.09  ? 1032 SER A CA  1 
ATOM   636 C C   . SER A 1 81  ? -8.066  7.040   -6.836  1.00 56.88  ? 1032 SER A C   1 
ATOM   637 O O   . SER A 1 81  ? -9.265  7.087   -6.606  1.00 57.91  ? 1032 SER A O   1 
ATOM   638 C CB  . SER A 1 81  ? -7.330  8.458   -8.861  1.00 64.19  ? 1032 SER A CB  1 
ATOM   639 O OG  . SER A 1 81  ? -6.913  7.270   -9.492  1.00 68.12  ? 1032 SER A OG  1 
ATOM   640 N N   . ILE A 1 82  ? -7.336  5.931   -6.631  1.00 55.63  ? 1033 ILE A N   1 
ATOM   641 C CA  . ILE A 1 82  ? -7.857  4.746   -5.905  1.00 53.36  ? 1033 ILE A CA  1 
ATOM   642 C C   . ILE A 1 82  ? -8.215  5.139   -4.474  1.00 52.15  ? 1033 ILE A C   1 
ATOM   643 O O   . ILE A 1 82  ? -9.274  4.759   -3.968  1.00 50.89  ? 1033 ILE A O   1 
ATOM   644 C CB  . ILE A 1 82  ? -6.836  3.560   -5.785  1.00 53.50  ? 1033 ILE A CB  1 
ATOM   645 C CG1 . ILE A 1 82  ? -6.430  2.985   -7.138  1.00 52.97  ? 1033 ILE A CG1 1 
ATOM   646 C CG2 . ILE A 1 82  ? -7.411  2.408   -4.959  1.00 53.03  ? 1033 ILE A CG2 1 
ATOM   647 C CD1 . ILE A 1 82  ? -5.215  2.064   -7.048  1.00 52.53  ? 1033 ILE A CD1 1 
ATOM   648 N N   . ASN A 1 83  ? -7.309  5.855   -3.809  1.00 50.21  ? 1034 ASN A N   1 
ATOM   649 C CA  . ASN A 1 83  ? -7.499  6.219   -2.404  1.00 49.99  ? 1034 ASN A CA  1 
ATOM   650 C C   . ASN A 1 83  ? -8.729  7.135   -2.231  1.00 52.18  ? 1034 ASN A C   1 
ATOM   651 O O   . ASN A 1 83  ? -9.369  7.094   -1.180  1.00 53.81  ? 1034 ASN A O   1 
ATOM   652 C CB  . ASN A 1 83  ? -6.241  6.937   -1.817  1.00 50.66  ? 1034 ASN A CB  1 
ATOM   653 C CG  . ASN A 1 83  ? -5.046  5.988   -1.577  1.00 52.64  ? 1034 ASN A CG  1 
ATOM   654 O OD1 . ASN A 1 83  ? -5.197  4.771   -1.540  1.00 48.69  ? 1034 ASN A OD1 1 
ATOM   655 N ND2 . ASN A 1 83  ? -3.852  6.564   -1.409  1.00 49.89  ? 1034 ASN A ND2 1 
ATOM   656 N N   . LYS A 1 84  ? -8.998  7.980   -3.238  1.00 54.05  ? 1035 LYS A N   1 
ATOM   657 C CA  . LYS A 1 84  ? -10.141 8.933   -3.237  1.00 61.02  ? 1035 LYS A CA  1 
ATOM   658 C C   . LYS A 1 84  ? -11.475 8.174   -3.350  1.00 59.63  ? 1035 LYS A C   1 
ATOM   659 O O   . LYS A 1 84  ? -12.376 8.337   -2.528  1.00 65.15  ? 1035 LYS A O   1 
ATOM   660 C CB  . LYS A 1 84  ? -9.990  9.955   -4.392  1.00 63.79  ? 1035 LYS A CB  1 
ATOM   661 N N   . THR A 1 85  ? -11.550 7.305   -4.359  1.00 55.19  ? 1036 THR A N   1 
ATOM   662 C CA  . THR A 1 85  ? -12.672 6.407   -4.564  1.00 52.76  ? 1036 THR A CA  1 
ATOM   663 C C   . THR A 1 85  ? -13.043 5.619   -3.345  1.00 50.28  ? 1036 THR A C   1 
ATOM   664 O O   . THR A 1 85  ? -14.176 5.197   -3.221  1.00 51.34  ? 1036 THR A O   1 
ATOM   665 C CB  . THR A 1 85  ? -12.360 5.409   -5.688  1.00 51.06  ? 1036 THR A CB  1 
ATOM   666 O OG1 . THR A 1 85  ? -11.913 6.141   -6.821  1.00 48.33  ? 1036 THR A OG1 1 
ATOM   667 C CG2 . THR A 1 85  ? -13.626 4.605   -6.103  1.00 51.90  ? 1036 THR A CG2 1 
ATOM   668 N N   . PHE A 1 86  ? -12.079 5.407   -2.455  1.00 50.65  ? 1037 PHE A N   1 
ATOM   669 C CA  . PHE A 1 86  ? -12.294 4.590   -1.281  1.00 47.95  ? 1037 PHE A CA  1 
ATOM   670 C C   . PHE A 1 86  ? -13.334 5.247   -0.393  1.00 47.96  ? 1037 PHE A C   1 
ATOM   671 O O   . PHE A 1 86  ? -14.247 4.578   0.036   1.00 47.23  ? 1037 PHE A O   1 
ATOM   672 C CB  . PHE A 1 86  ? -10.980 4.314   -0.531  1.00 45.42  ? 1037 PHE A CB  1 
ATOM   673 C CG  . PHE A 1 86  ? -11.151 3.480   0.728   1.00 43.10  ? 1037 PHE A CG  1 
ATOM   674 C CD1 . PHE A 1 86  ? -11.439 2.122   0.654   1.00 42.31  ? 1037 PHE A CD1 1 
ATOM   675 C CD2 . PHE A 1 86  ? -11.049 4.057   1.976   1.00 43.12  ? 1037 PHE A CD2 1 
ATOM   676 C CE1 . PHE A 1 86  ? -11.585 1.352   1.802   1.00 41.56  ? 1037 PHE A CE1 1 
ATOM   677 C CE2 . PHE A 1 86  ? -11.239 3.303   3.118   1.00 44.56  ? 1037 PHE A CE2 1 
ATOM   678 C CZ  . PHE A 1 86  ? -11.507 1.946   3.033   1.00 43.76  ? 1037 PHE A CZ  1 
ATOM   679 N N   . LYS A 1 87  ? -13.175 6.541   -0.136  1.00 48.67  ? 1038 LYS A N   1 
ATOM   680 C CA  . LYS A 1 87  ? -14.200 7.375   0.509   1.00 50.66  ? 1038 LYS A CA  1 
ATOM   681 C C   . LYS A 1 87  ? -15.617 7.160   -0.017  1.00 48.01  ? 1038 LYS A C   1 
ATOM   682 O O   . LYS A 1 87  ? -16.540 6.969   0.789   1.00 48.91  ? 1038 LYS A O   1 
ATOM   683 C CB  . LYS A 1 87  ? -13.857 8.868   0.379   1.00 50.57  ? 1038 LYS A CB  1 
ATOM   684 N N   . LYS A 1 88  ? -15.790 7.212   -1.339  1.00 48.10  ? 1039 LYS A N   1 
ATOM   685 C CA  . LYS A 1 88  ? -17.119 6.989   -1.987  1.00 50.52  ? 1039 LYS A CA  1 
ATOM   686 C C   . LYS A 1 88  ? -17.598 5.548   -1.658  1.00 46.99  ? 1039 LYS A C   1 
ATOM   687 O O   . LYS A 1 88  ? -18.753 5.285   -1.324  1.00 44.52  ? 1039 LYS A O   1 
ATOM   688 C CB  . LYS A 1 88  ? -17.007 7.214   -3.510  1.00 53.55  ? 1039 LYS A CB  1 
ATOM   689 C CG  . LYS A 1 88  ? -18.342 7.363   -4.255  1.00 60.18  ? 1039 LYS A CG  1 
ATOM   690 C CD  . LYS A 1 88  ? -18.140 7.627   -5.753  1.00 64.34  ? 1039 LYS A CD  1 
ATOM   691 C CE  . LYS A 1 88  ? -19.454 7.573   -6.524  1.00 67.36  ? 1039 LYS A CE  1 
ATOM   692 N N   . ALA A 1 89  ? -16.654 4.623   -1.722  1.00 44.69  ? 1040 ALA A N   1 
ATOM   693 C CA  . ALA A 1 89  ? -16.920 3.228   -1.467  1.00 40.21  ? 1040 ALA A CA  1 
ATOM   694 C C   . ALA A 1 89  ? -17.442 3.060   -0.071  1.00 39.00  ? 1040 ALA A C   1 
ATOM   695 O O   . ALA A 1 89  ? -18.421 2.347   0.134   1.00 35.83  ? 1040 ALA A O   1 
ATOM   696 C CB  . ALA A 1 89  ? -15.667 2.400   -1.676  1.00 41.85  ? 1040 ALA A CB  1 
ATOM   697 N N   . LEU A 1 90  ? -16.823 3.719   0.914   1.00 39.53  ? 1041 LEU A N   1 
ATOM   698 C CA  . LEU A 1 90  ? -17.323 3.573   2.289   1.00 38.73  ? 1041 LEU A CA  1 
ATOM   699 C C   . LEU A 1 90  ? -18.778 4.070   2.432   1.00 42.70  ? 1041 LEU A C   1 
ATOM   700 O O   . LEU A 1 90  ? -19.593 3.391   3.126   1.00 42.09  ? 1041 LEU A O   1 
ATOM   701 C CB  . LEU A 1 90  ? -16.459 4.279   3.311   1.00 41.50  ? 1041 LEU A CB  1 
ATOM   702 C CG  . LEU A 1 90  ? -15.039 3.782   3.569   1.00 41.87  ? 1041 LEU A CG  1 
ATOM   703 C CD1 . LEU A 1 90  ? -14.276 4.705   4.524   1.00 46.36  ? 1041 LEU A CD1 1 
ATOM   704 C CD2 . LEU A 1 90  ? -15.067 2.354   4.089   1.00 40.59  ? 1041 LEU A CD2 1 
ATOM   705 N N   . GLU A 1 91  ? -19.110 5.204   1.805   1.00 40.87  ? 1042 GLU A N   1 
ATOM   706 C CA  . GLU A 1 91  ? -20.457 5.761   1.979   1.00 48.58  ? 1042 GLU A CA  1 
ATOM   707 C C   . GLU A 1 91  ? -21.504 4.919   1.264   1.00 45.72  ? 1042 GLU A C   1 
ATOM   708 O O   . GLU A 1 91  ? -22.556 4.638   1.817   1.00 42.44  ? 1042 GLU A O   1 
ATOM   709 C CB  . GLU A 1 91  ? -20.565 7.265   1.655   1.00 56.93  ? 1042 GLU A CB  1 
ATOM   710 C CG  . GLU A 1 91  ? -20.165 7.752   0.272   1.00 62.35  ? 1042 GLU A CG  1 
ATOM   711 C CD  . GLU A 1 91  ? -19.701 9.219   0.286   1.00 70.97  ? 1042 GLU A CD  1 
ATOM   712 O OE1 . GLU A 1 91  ? -19.499 9.809   -0.792  1.00 77.12  ? 1042 GLU A OE1 1 
ATOM   713 O OE2 . GLU A 1 91  ? -19.514 9.804   1.374   1.00 76.67  ? 1042 GLU A OE2 1 
ATOM   714 N N   . GLU A 1 92  ? -21.182 4.486   0.052   1.00 46.25  ? 1043 GLU A N   1 
ATOM   715 C CA  . GLU A 1 92  ? -22.030 3.582   -0.684  1.00 43.31  ? 1043 GLU A CA  1 
ATOM   716 C C   . GLU A 1 92  ? -22.303 2.327   0.095   1.00 42.29  ? 1043 GLU A C   1 
ATOM   717 O O   . GLU A 1 92  ? -23.446 1.905   0.166   1.00 39.12  ? 1043 GLU A O   1 
ATOM   718 C CB  . GLU A 1 92  ? -21.422 3.239   -2.030  1.00 44.54  ? 1043 GLU A CB  1 
ATOM   719 C CG  . GLU A 1 92  ? -21.420 4.423   -2.988  1.00 47.61  ? 1043 GLU A CG  1 
ATOM   720 C CD  . GLU A 1 92  ? -21.005 4.018   -4.381  1.00 51.84  ? 1043 GLU A CD  1 
ATOM   721 O OE1 . GLU A 1 92  ? -20.613 2.826   -4.580  1.00 48.07  ? 1043 GLU A OE1 1 
ATOM   722 O OE2 . GLU A 1 92  ? -21.073 4.869   -5.283  1.00 56.81  ? 1043 GLU A OE2 1 
ATOM   723 N N   . ALA A 1 93  ? -21.273 1.722   0.690   1.00 38.71  ? 1044 ALA A N   1 
ATOM   724 C CA  . ALA A 1 93  ? -21.469 0.449   1.400   1.00 35.65  ? 1044 ALA A CA  1 
ATOM   725 C C   . ALA A 1 93  ? -22.303 0.585   2.667   1.00 36.10  ? 1044 ALA A C   1 
ATOM   726 O O   . ALA A 1 93  ? -23.086 -0.320  3.031   1.00 33.41  ? 1044 ALA A O   1 
ATOM   727 C CB  . ALA A 1 93  ? -20.120 -0.201  1.723   1.00 38.24  ? 1044 ALA A CB  1 
ATOM   728 N N   . ALA A 1 94  ? -22.067 1.677   3.400   1.00 36.34  ? 1045 ALA A N   1 
ATOM   729 C CA  . ALA A 1 94  ? -22.823 1.977   4.611   1.00 38.09  ? 1045 ALA A CA  1 
ATOM   730 C C   . ALA A 1 94  ? -24.322 2.178   4.237   1.00 37.17  ? 1045 ALA A C   1 
ATOM   731 O O   . ALA A 1 94  ? -25.199 1.584   4.839   1.00 36.30  ? 1045 ALA A O   1 
ATOM   732 C CB  . ALA A 1 94  ? -22.216 3.203   5.346   1.00 40.31  ? 1045 ALA A CB  1 
ATOM   733 N N   . LYS A 1 95  ? -24.568 2.907   3.154   1.00 39.42  ? 1046 LYS A N   1 
ATOM   734 C CA  . LYS A 1 95  ? -25.909 3.123   2.592   1.00 41.79  ? 1046 LYS A CA  1 
ATOM   735 C C   . LYS A 1 95  ? -26.576 1.803   2.202   1.00 40.64  ? 1046 LYS A C   1 
ATOM   736 O O   . LYS A 1 95  ? -27.701 1.479   2.645   1.00 34.36  ? 1046 LYS A O   1 
ATOM   737 C CB  . LYS A 1 95  ? -25.754 4.024   1.376   1.00 47.02  ? 1046 LYS A CB  1 
ATOM   738 C CG  . LYS A 1 95  ? -27.046 4.571   0.789   1.00 54.77  ? 1046 LYS A CG  1 
ATOM   739 C CD  . LYS A 1 95  ? -26.768 6.002   0.307   1.00 62.34  ? 1046 LYS A CD  1 
ATOM   740 C CE  . LYS A 1 95  ? -28.037 6.803   0.183   1.00 70.70  ? 1046 LYS A CE  1 
ATOM   741 N NZ  . LYS A 1 95  ? -28.979 6.103   -0.730  1.00 71.44  ? 1046 LYS A NZ  1 
ATOM   742 N N   . ARG A 1 96  ? -25.839 0.966   1.467   1.00 38.59  ? 1047 ARG A N   1 
ATOM   743 C CA  . ARG A 1 96  ? -26.392 -0.317  1.025   1.00 36.26  ? 1047 ARG A CA  1 
ATOM   744 C C   . ARG A 1 96  ? -26.611 -1.223  2.202   1.00 36.08  ? 1047 ARG A C   1 
ATOM   745 O O   . ARG A 1 96  ? -27.667 -1.891  2.327   1.00 36.18  ? 1047 ARG A O   1 
ATOM   746 C CB  . ARG A 1 96  ? -25.512 -0.948  -0.056  1.00 37.70  ? 1047 ARG A CB  1 
ATOM   747 C CG  . ARG A 1 96  ? -26.044 -2.250  -0.657  1.00 37.82  ? 1047 ARG A CG  1 
ATOM   748 C CD  . ARG A 1 96  ? -27.378 -2.144  -1.376  1.00 37.48  ? 1047 ARG A CD  1 
ATOM   749 N NE  . ARG A 1 96  ? -27.406 -1.146  -2.457  1.00 38.66  ? 1047 ARG A NE  1 
ATOM   750 C CZ  . ARG A 1 96  ? -26.875 -1.296  -3.659  1.00 40.38  ? 1047 ARG A CZ  1 
ATOM   751 N NH1 . ARG A 1 96  ? -26.972 -0.328  -4.552  1.00 43.52  ? 1047 ARG A NH1 1 
ATOM   752 N NH2 . ARG A 1 96  ? -26.234 -2.411  -3.978  1.00 42.75  ? 1047 ARG A NH2 1 
ATOM   753 N N   . PHE A 1 97  ? -25.659 -1.249  3.111   1.00 34.62  ? 1048 PHE A N   1 
ATOM   754 C CA  . PHE A 1 97  ? -25.854 -2.070  4.280   1.00 35.66  ? 1048 PHE A CA  1 
ATOM   755 C C   . PHE A 1 97  ? -27.180 -1.746  5.034   1.00 38.11  ? 1048 PHE A C   1 
ATOM   756 O O   . PHE A 1 97  ? -27.920 -2.649  5.407   1.00 37.29  ? 1048 PHE A O   1 
ATOM   757 C CB  . PHE A 1 97  ? -24.684 -1.955  5.240   1.00 37.54  ? 1048 PHE A CB  1 
ATOM   758 C CG  . PHE A 1 97  ? -24.860 -2.781  6.482   1.00 40.03  ? 1048 PHE A CG  1 
ATOM   759 C CD1 . PHE A 1 97  ? -24.456 -4.115  6.510   1.00 38.30  ? 1048 PHE A CD1 1 
ATOM   760 C CD2 . PHE A 1 97  ? -25.456 -2.226  7.639   1.00 43.03  ? 1048 PHE A CD2 1 
ATOM   761 C CE1 . PHE A 1 97  ? -24.620 -4.881  7.658   1.00 42.29  ? 1048 PHE A CE1 1 
ATOM   762 C CE2 . PHE A 1 97  ? -25.643 -3.002  8.784   1.00 44.10  ? 1048 PHE A CE2 1 
ATOM   763 C CZ  . PHE A 1 97  ? -25.242 -4.338  8.787   1.00 44.95  ? 1048 PHE A CZ  1 
ATOM   764 N N   . GLN A 1 98  ? -27.448 -0.474  5.297   1.00 41.51  ? 1049 GLN A N   1 
ATOM   765 C CA  . GLN A 1 98  ? -28.687 -0.072  5.990   1.00 42.49  ? 1049 GLN A CA  1 
ATOM   766 C C   . GLN A 1 98  ? -29.967 -0.466  5.238   1.00 40.35  ? 1049 GLN A C   1 
ATOM   767 O O   . GLN A 1 98  ? -30.914 -0.909  5.868   1.00 38.16  ? 1049 GLN A O   1 
ATOM   768 C CB  . GLN A 1 98  ? -28.704 1.442   6.226   1.00 46.12  ? 1049 GLN A CB  1 
ATOM   769 C CG  . GLN A 1 98  ? -27.729 1.878   7.298   1.00 51.77  ? 1049 GLN A CG  1 
ATOM   770 C CD  . GLN A 1 98  ? -27.931 1.099   8.591   1.00 58.10  ? 1049 GLN A CD  1 
ATOM   771 O OE1 . GLN A 1 98  ? -29.058 0.757   8.960   1.00 56.85  ? 1049 GLN A OE1 1 
ATOM   772 N NE2 . GLN A 1 98  ? -26.825 0.775   9.270   1.00 61.64  ? 1049 GLN A NE2 1 
ATOM   773 N N   . GLU A 1 99  ? -29.984 -0.292  3.908   1.00 36.74  ? 1050 GLU A N   1 
ATOM   774 C CA  . GLU A 1 99  ? -31.162 -0.636  3.095   1.00 37.92  ? 1050 GLU A CA  1 
ATOM   775 C C   . GLU A 1 99  ? -31.421 -2.098  3.241   1.00 37.72  ? 1050 GLU A C   1 
ATOM   776 O O   . GLU A 1 99  ? -32.553 -2.508  3.439   1.00 34.49  ? 1050 GLU A O   1 
ATOM   777 C CB  . GLU A 1 99  ? -30.959 -0.349  1.590   1.00 38.84  ? 1050 GLU A CB  1 
ATOM   778 C CG  . GLU A 1 99  ? -30.659 1.108   1.295   1.00 47.49  ? 1050 GLU A CG  1 
ATOM   779 C CD  . GLU A 1 99  ? -30.133 1.351   -0.117  1.00 56.41  ? 1050 GLU A CD  1 
ATOM   780 O OE1 . GLU A 1 99  ? -29.883 0.348   -0.837  1.00 58.51  ? 1050 GLU A OE1 1 
ATOM   781 O OE2 . GLU A 1 99  ? -30.004 2.553   -0.502  1.00 59.60  ? 1050 GLU A OE2 1 
ATOM   782 N N   . LEU A 1 100 ? -30.360 -2.905  3.119   1.00 34.99  ? 1051 LEU A N   1 
ATOM   783 C CA  . LEU A 1 100 ? -30.529 -4.342  3.160   1.00 33.65  ? 1051 LEU A CA  1 
ATOM   784 C C   . LEU A 1 100 ? -30.975 -4.795  4.510   1.00 35.43  ? 1051 LEU A C   1 
ATOM   785 O O   . LEU A 1 100 ? -31.857 -5.654  4.612   1.00 38.59  ? 1051 LEU A O   1 
ATOM   786 C CB  . LEU A 1 100 ? -29.236 -5.062  2.794   1.00 33.78  ? 1051 LEU A CB  1 
ATOM   787 C CG  . LEU A 1 100 ? -28.802 -4.875  1.326   1.00 34.65  ? 1051 LEU A CG  1 
ATOM   788 C CD1 . LEU A 1 100 ? -27.420 -5.529  1.131   1.00 37.00  ? 1051 LEU A CD1 1 
ATOM   789 C CD2 . LEU A 1 100 ? -29.795 -5.448  0.337   1.00 32.97  ? 1051 LEU A CD2 1 
ATOM   790 N N   . LYS A 1 101 ? -30.337 -4.262  5.549   1.00 37.24  ? 1052 LYS A N   1 
ATOM   791 C CA  . LYS A 1 101 ? -30.768 -4.481  6.930   1.00 40.16  ? 1052 LYS A CA  1 
ATOM   792 C C   . LYS A 1 101 ? -32.269 -4.072  7.148   1.00 38.42  ? 1052 LYS A C   1 
ATOM   793 O O   . LYS A 1 101 ? -32.987 -4.766  7.820   1.00 39.98  ? 1052 LYS A O   1 
ATOM   794 C CB  . LYS A 1 101 ? -29.885 -3.666  7.873   1.00 41.29  ? 1052 LYS A CB  1 
ATOM   795 C CG  . LYS A 1 101 ? -30.123 -3.991  9.325   1.00 47.15  ? 1052 LYS A CG  1 
ATOM   796 C CD  . LYS A 1 101 ? -29.231 -3.154  10.229  1.00 52.93  ? 1052 LYS A CD  1 
ATOM   797 C CE  . LYS A 1 101 ? -29.908 -2.882  11.558  1.00 56.03  ? 1052 LYS A CE  1 
ATOM   798 N NZ  . LYS A 1 101 ? -29.138 -1.850  12.286  1.00 61.22  ? 1052 LYS A NZ  1 
ATOM   799 N N   . ALA A 1 102 ? -32.678 -2.930  6.599   1.00 35.01  ? 1053 ALA A N   1 
ATOM   800 C CA  . ALA A 1 102 ? -34.020 -2.408  6.770   1.00 36.09  ? 1053 ALA A CA  1 
ATOM   801 C C   . ALA A 1 102 ? -34.998 -3.373  6.142   1.00 36.35  ? 1053 ALA A C   1 
ATOM   802 O O   . ALA A 1 102 ? -36.002 -3.664  6.754   1.00 37.33  ? 1053 ALA A O   1 
ATOM   803 C CB  . ALA A 1 102 ? -34.151 -0.999  6.189   1.00 37.78  ? 1053 ALA A CB  1 
ATOM   804 N N   . GLN A 1 103 ? -34.650 -3.932  4.967   1.00 34.93  ? 1054 GLN A N   1 
ATOM   805 C CA  . GLN A 1 103 ? -35.447 -4.950  4.318   1.00 31.60  ? 1054 GLN A CA  1 
ATOM   806 C C   . GLN A 1 103 ? -35.565 -6.205  5.120   1.00 35.00  ? 1054 GLN A C   1 
ATOM   807 O O   . GLN A 1 103 ? -36.687 -6.757  5.247   1.00 32.38  ? 1054 GLN A O   1 
ATOM   808 C CB  . GLN A 1 103 ? -34.900 -5.290  2.935   1.00 31.84  ? 1054 GLN A CB  1 
ATOM   809 C CG  . GLN A 1 103 ? -35.010 -4.126  1.963   1.00 35.11  ? 1054 GLN A CG  1 
ATOM   810 C CD  . GLN A 1 103 ? -34.451 -4.465  0.621   1.00 36.18  ? 1054 GLN A CD  1 
ATOM   811 O OE1 . GLN A 1 103 ? -34.792 -5.474  0.045   1.00 37.41  ? 1054 GLN A OE1 1 
ATOM   812 N NE2 . GLN A 1 103 ? -33.573 -3.618  0.119   1.00 37.72  ? 1054 GLN A NE2 1 
ATOM   813 N N   . ARG A 1 104 ? -34.420 -6.711  5.607   1.00 35.55  ? 1055 ARG A N   1 
ATOM   814 C CA  . ARG A 1 104 ? -34.428 -7.929  6.398   1.00 38.53  ? 1055 ARG A CA  1 
ATOM   815 C C   . ARG A 1 104 ? -35.333 -7.700  7.622   1.00 39.17  ? 1055 ARG A C   1 
ATOM   816 O O   . ARG A 1 104 ? -36.176 -8.553  7.959   1.00 39.25  ? 1055 ARG A O   1 
ATOM   817 C CB  . ARG A 1 104 ? -32.982 -8.349  6.822   1.00 45.88  ? 1055 ARG A CB  1 
ATOM   818 C CG  . ARG A 1 104 ? -32.927 -9.606  7.713   1.00 55.42  ? 1055 ARG A CG  1 
ATOM   819 C CD  . ARG A 1 104 ? -31.508 -9.995  8.163   1.00 61.05  ? 1055 ARG A CD  1 
ATOM   820 N NE  . ARG A 1 104 ? -30.796 -8.885  8.815   1.00 68.07  ? 1055 ARG A NE  1 
ATOM   821 C CZ  . ARG A 1 104 ? -31.019 -8.420  10.058  1.00 72.79  ? 1055 ARG A CZ  1 
ATOM   822 N NH1 . ARG A 1 104 ? -30.298 -7.392  10.509  1.00 75.95  ? 1055 ARG A NH1 1 
ATOM   823 N NH2 . ARG A 1 104 ? -31.953 -8.946  10.858  1.00 73.97  ? 1055 ARG A NH2 1 
ATOM   824 N N   . GLU A 1 105 ? -35.156 -6.553  8.284   1.00 34.70  ? 1056 GLU A N   1 
ATOM   825 C CA  . GLU A 1 105 ? -35.925 -6.234  9.490   1.00 37.29  ? 1056 GLU A CA  1 
ATOM   826 C C   . GLU A 1 105 ? -37.403 -6.150  9.181   1.00 35.53  ? 1056 GLU A C   1 
ATOM   827 O O   . GLU A 1 105 ? -38.224 -6.645  9.950   1.00 36.43  ? 1056 GLU A O   1 
ATOM   828 C CB  . GLU A 1 105 ? -35.428 -4.926  10.127  1.00 40.74  ? 1056 GLU A CB  1 
ATOM   829 C CG  . GLU A 1 105 ? -34.181 -5.128  10.989  1.00 45.45  ? 1056 GLU A CG  1 
ATOM   830 C CD  . GLU A 1 105 ? -33.518 -3.834  11.469  1.00 47.85  ? 1056 GLU A CD  1 
ATOM   831 O OE1 . GLU A 1 105 ? -33.778 -2.742  10.912  1.00 53.40  ? 1056 GLU A OE1 1 
ATOM   832 O OE2 . GLU A 1 105 ? -32.685 -3.914  12.375  1.00 56.05  ? 1056 GLU A OE2 1 
ATOM   833 N N   . SER A 1 106 ? -37.754 -5.520  8.055   1.00 33.38  ? 1057 SER A N   1 
ATOM   834 C CA  . SER A 1 106 ? -39.149 -5.385  7.661   1.00 33.56  ? 1057 SER A CA  1 
ATOM   835 C C   . SER A 1 106 ? -39.821 -6.777  7.438   1.00 33.57  ? 1057 SER A C   1 
ATOM   836 O O   . SER A 1 106 ? -40.951 -7.024  7.914   1.00 32.30  ? 1057 SER A O   1 
ATOM   837 C CB  . SER A 1 106 ? -39.270 -4.472  6.425   1.00 35.78  ? 1057 SER A CB  1 
ATOM   838 O OG  . SER A 1 106 ? -40.633 -4.372  6.064   1.00 36.47  ? 1057 SER A OG  1 
ATOM   839 N N   . LYS A 1 107 ? -39.134 -7.694  6.744   1.00 35.10  ? 1058 LYS A N   1 
ATOM   840 C CA  . LYS A 1 107 ? -39.688 -9.053  6.513   1.00 36.10  ? 1058 LYS A CA  1 
ATOM   841 C C   . LYS A 1 107 ? -39.849 -9.793  7.822   1.00 36.98  ? 1058 LYS A C   1 
ATOM   842 O O   . LYS A 1 107 ? -40.842 -10.485 8.028   1.00 37.87  ? 1058 LYS A O   1 
ATOM   843 C CB  . LYS A 1 107 ? -38.806 -9.897  5.592   1.00 34.66  ? 1058 LYS A CB  1 
ATOM   844 N N   . GLU A 1 108 ? -38.841 -9.678  8.687   1.00 38.47  ? 1059 GLU A N   1 
ATOM   845 C CA  . GLU A 1 108 ? -38.885 -10.292 10.033  1.00 41.32  ? 1059 GLU A CA  1 
ATOM   846 C C   . GLU A 1 108 ? -40.075 -9.778  10.827  1.00 39.22  ? 1059 GLU A C   1 
ATOM   847 O O   . GLU A 1 108 ? -40.744 -10.545 11.495  1.00 38.84  ? 1059 GLU A O   1 
ATOM   848 C CB  . GLU A 1 108 ? -37.570 -10.057 10.795  1.00 45.70  ? 1059 GLU A CB  1 
ATOM   849 C CG  . GLU A 1 108 ? -36.451 -11.038 10.380  1.00 51.61  ? 1059 GLU A CG  1 
ATOM   850 C CD  . GLU A 1 108 ? -35.057 -10.631 10.873  1.00 59.27  ? 1059 GLU A CD  1 
ATOM   851 O OE1 . GLU A 1 108 ? -34.937 -9.543  11.476  1.00 59.57  ? 1059 GLU A OE1 1 
ATOM   852 O OE2 . GLU A 1 108 ? -34.071 -11.375 10.620  1.00 60.37  ? 1059 GLU A OE2 1 
ATOM   853 N N   . ALA A 1 109 ? -40.351 -8.477  10.730  1.00 37.41  ? 1060 ALA A N   1 
ATOM   854 C CA  . ALA A 1 109 ? -41.468 -7.905  11.475  1.00 37.46  ? 1060 ALA A CA  1 
ATOM   855 C C   . ALA A 1 109 ? -42.765 -8.534  10.972  1.00 33.64  ? 1060 ALA A C   1 
ATOM   856 O O   . ALA A 1 109 ? -43.591 -8.872  11.751  1.00 34.13  ? 1060 ALA A O   1 
ATOM   857 C CB  . ALA A 1 109 ? -41.483 -6.401  11.335  1.00 38.77  ? 1060 ALA A CB  1 
ATOM   858 N N   . LEU A 1 110 ? -42.903 -8.733  9.658   1.00 32.06  ? 1061 LEU A N   1 
ATOM   859 C CA  . LEU A 1 110 ? -44.113 -9.291  9.048   1.00 30.36  ? 1061 LEU A CA  1 
ATOM   860 C C   . LEU A 1 110 ? -44.381 -10.772 9.398   1.00 30.75  ? 1061 LEU A C   1 
ATOM   861 O O   . LEU A 1 110 ? -45.530 -11.262 9.327   1.00 29.85  ? 1061 LEU A O   1 
ATOM   862 C CB  . LEU A 1 110 ? -44.043 -9.133  7.521   1.00 31.99  ? 1061 LEU A CB  1 
ATOM   863 C CG  . LEU A 1 110 ? -44.098 -7.712  7.009   1.00 34.71  ? 1061 LEU A CG  1 
ATOM   864 C CD1 . LEU A 1 110 ? -44.073 -7.776  5.506   1.00 33.41  ? 1061 LEU A CD1 1 
ATOM   865 C CD2 . LEU A 1 110 ? -45.341 -6.998  7.582   1.00 35.63  ? 1061 LEU A CD2 1 
ATOM   866 N N   . GLU A 1 111 ? -43.323 -11.479 9.742   1.00 30.40  ? 1062 GLU A N   1 
ATOM   867 C CA  . GLU A 1 111 ? -43.417 -12.884 10.176  1.00 35.35  ? 1062 GLU A CA  1 
ATOM   868 C C   . GLU A 1 111 ? -43.784 -13.053 11.637  1.00 37.52  ? 1062 GLU A C   1 
ATOM   869 O O   . GLU A 1 111 ? -44.056 -14.176 12.060  1.00 39.07  ? 1062 GLU A O   1 
ATOM   870 C CB  . GLU A 1 111 ? -42.078 -13.591 9.929   1.00 38.76  ? 1062 GLU A CB  1 
ATOM   871 C CG  . GLU A 1 111 ? -41.757 -13.670 8.444   1.00 41.02  ? 1062 GLU A CG  1 
ATOM   872 C CD  . GLU A 1 111 ? -40.303 -13.995 8.145   1.00 48.91  ? 1062 GLU A CD  1 
ATOM   873 O OE1 . GLU A 1 111 ? -39.381 -13.274 8.577   1.00 52.44  ? 1062 GLU A OE1 1 
ATOM   874 O OE2 . GLU A 1 111 ? -40.094 -14.985 7.442   1.00 62.88  ? 1062 GLU A OE2 1 
ATOM   875 N N   . ILE A 1 112 ? -43.747 -11.978 12.426  1.00 39.10  ? 1063 ILE A N   1 
ATOM   876 C CA  . ILE A 1 112 ? -44.122 -12.055 13.855  1.00 46.32  ? 1063 ILE A CA  1 
ATOM   877 C C   . ILE A 1 112 ? -45.504 -11.438 14.020  1.00 48.14  ? 1063 ILE A C   1 
ATOM   878 O O   . ILE A 1 112 ? -45.761 -10.322 13.516  1.00 52.35  ? 1063 ILE A O   1 
ATOM   879 C CB  . ILE A 1 112 ? -43.131 -11.301 14.735  1.00 52.16  ? 1063 ILE A CB  1 
ATOM   880 C CG1 . ILE A 1 112 ? -41.675 -11.726 14.414  1.00 55.28  ? 1063 ILE A CG1 1 
ATOM   881 C CG2 . ILE A 1 112 ? -43.449 -11.539 16.225  1.00 58.68  ? 1063 ILE A CG2 1 
ATOM   882 C CD1 . ILE A 1 112 ? -41.453 -13.218 14.280  1.00 56.34  ? 1063 ILE A CD1 1 
ATOM   883 N N   . GLU A 1 113 ? -46.422 -12.176 14.614  1.00 49.78  ? 1064 GLU A N   1 
ATOM   884 C CA  . GLU A 1 113 ? -47.753 -11.629 14.893  1.00 55.05  ? 1064 GLU A CA  1 
ATOM   885 C C   . GLU A 1 113 ? -47.500 -10.756 16.120  1.00 61.20  ? 1064 GLU A C   1 
ATOM   886 O O   . GLU A 1 113 ? -46.698 -11.087 17.018  1.00 67.72  ? 1064 GLU A O   1 
ATOM   887 C CB  . GLU A 1 113 ? -48.826 -12.712 15.164  1.00 54.78  ? 1064 GLU A CB  1 
ATOM   888 C CG  . GLU A 1 113 ? -50.257 -12.338 14.709  1.00 55.42  ? 1064 GLU A CG  1 
ATOM   889 O OXT . GLU A 1 113 ? -48.078 -9.682  16.184  1.00 65.79  ? 1064 GLU A OXT 1 
HETATM 890 X UNK . UNX B 2 .   ? -10.882 -1.540  -6.538  1.00 43.26  ? 1101 UNX A UNK 1 
HETATM 891 X UNK . UNX C 2 .   ? 14.717  0.414   14.350  1.00 41.20  ? 1102 UNX A UNK 1 
HETATM 892 X UNK . UNX D 2 .   ? -27.397 -9.291  5.923   1.00 53.51  ? 1103 UNX A UNK 1 
HETATM 893 X UNK . UNX E 2 .   ? -25.093 2.427   -2.000  1.00 32.45  ? 1104 UNX A UNK 1 
HETATM 894 X UNK . UNX F 2 .   ? 23.549  -3.098  -10.663 1.00 44.30  ? 1105 UNX A UNK 1 
HETATM 895 X UNK . UNX G 2 .   ? 15.285  13.579  -12.491 1.00 51.93  ? 1106 UNX A UNK 1 
HETATM 896 X UNK . UNX H 2 .   ? 10.961  0.344   11.503  1.00 40.88  ? 1107 UNX A UNK 1 
HETATM 897 X UNK . UNX I 2 .   ? 20.255  -6.817  1.160   1.00 42.62  ? 1108 UNX A UNK 1 
HETATM 898 O O   . HOH J 3 .   ? -1.663  4.366   -1.694  1.00 44.79  ? 1201 HOH A O   1 
HETATM 899 O O   . HOH J 3 .   ? 24.310  3.495   3.852   1.00 35.14  ? 1202 HOH A O   1 
HETATM 900 O O   . HOH J 3 .   ? 16.224  5.077   11.494  1.00 33.30  ? 1203 HOH A O   1 
HETATM 901 O O   . HOH J 3 .   ? 21.495  3.093   3.800   1.00 33.92  ? 1204 HOH A O   1 
HETATM 902 O O   . HOH J 3 .   ? 14.948  6.769   -8.184  1.00 42.63  ? 1205 HOH A O   1 
HETATM 903 O O   . HOH J 3 .   ? 23.883  -0.461  -4.199  1.00 34.56  ? 1206 HOH A O   1 
HETATM 904 O O   . HOH J 3 .   ? -42.817 -4.715  8.265   1.00 37.84  ? 1207 HOH A O   1 
HETATM 905 O O   . HOH J 3 .   ? 25.468  2.594   1.350   1.00 42.38  ? 1208 HOH A O   1 
HETATM 906 O O   . HOH J 3 .   ? 17.394  -14.894 4.529   1.00 43.07  ? 1209 HOH A O   1 
HETATM 907 O O   . HOH J 3 .   ? 11.897  -15.433 5.719   1.00 48.79  ? 1210 HOH A O   1 
HETATM 908 O O   . HOH J 3 .   ? 14.228  10.682  -12.507 1.00 44.97  ? 1211 HOH A O   1 
HETATM 909 O O   . HOH J 3 .   ? 10.446  -11.319 3.066   1.00 51.50  ? 1212 HOH A O   1 
HETATM 910 O O   . HOH J 3 .   ? -31.274 -0.025  8.343   1.00 49.52  ? 1213 HOH A O   1 
HETATM 911 O O   . HOH J 3 .   ? -37.999 -6.679  12.679  1.00 45.84  ? 1214 HOH A O   1 
HETATM 912 O O   . HOH J 3 .   ? -36.920 -13.767 7.753   0.70 45.51  ? 1215 HOH A O   1 
HETATM 913 O O   . HOH J 3 .   ? 22.380  2.121   12.106  0.70 41.32  ? 1216 HOH A O   1 
HETATM 914 O O   . HOH J 3 .   ? -4.091  9.233   -1.023  1.00 46.20  ? 1217 HOH A O   1 
HETATM 915 O O   . HOH J 3 .   ? 25.941  5.752   4.100   1.00 47.96  ? 1218 HOH A O   1 
HETATM 916 O O   . HOH J 3 .   ? -27.565 1.670   -1.968  1.00 47.83  ? 1219 HOH A O   1 
HETATM 917 O O   . HOH J 3 .   ? 16.693  8.219   -6.202  1.00 38.66  ? 1220 HOH A O   1 
HETATM 918 O O   . HOH J 3 .   ? -3.235  -4.202  -2.692  1.00 45.61  ? 1221 HOH A O   1 
HETATM 919 O O   . HOH J 3 .   ? -2.570  -0.030  -7.400  0.70 47.43  ? 1222 HOH A O   1 
HETATM 920 O O   . HOH J 3 .   ? 14.894  -17.289 2.359   1.00 41.58  ? 1223 HOH A O   1 
HETATM 921 O O   . HOH J 3 .   ? 13.147  -17.762 0.340   1.00 42.41  ? 1224 HOH A O   1 
HETATM 922 O O   . HOH J 3 .   ? 14.127  -16.051 -1.365  1.00 47.72  ? 1225 HOH A O   1 
HETATM 923 O O   . HOH J 3 .   ? 11.865  -10.977 -6.234  1.00 41.44  ? 1226 HOH A O   1 
HETATM 924 O O   . HOH J 3 .   ? 8.732   -10.817 -5.813  1.00 54.45  ? 1227 HOH A O   1 
HETATM 925 O O   . HOH J 3 .   ? 14.036  4.916   13.075  1.00 37.14  ? 1228 HOH A O   1 
HETATM 926 O O   . HOH J 3 .   ? 15.037  -8.065  14.724  1.00 57.33  ? 1229 HOH A O   1 
HETATM 927 O O   . HOH J 3 .   ? -23.719 6.288   3.423   1.00 47.69  ? 1230 HOH A O   1 
# 
loop_
_atom_site_anisotrop.id 
_atom_site_anisotrop.type_symbol 
_atom_site_anisotrop.pdbx_label_atom_id 
_atom_site_anisotrop.pdbx_label_alt_id 
_atom_site_anisotrop.pdbx_label_comp_id 
_atom_site_anisotrop.pdbx_label_asym_id 
_atom_site_anisotrop.pdbx_label_seq_id 
_atom_site_anisotrop.pdbx_PDB_ins_code 
_atom_site_anisotrop.U[1][1] 
_atom_site_anisotrop.U[2][2] 
_atom_site_anisotrop.U[3][3] 
_atom_site_anisotrop.U[1][2] 
_atom_site_anisotrop.U[1][3] 
_atom_site_anisotrop.U[2][3] 
_atom_site_anisotrop.pdbx_auth_seq_id 
_atom_site_anisotrop.pdbx_auth_comp_id 
_atom_site_anisotrop.pdbx_auth_asym_id 
_atom_site_anisotrop.pdbx_auth_atom_id 
1   N N   A LYS A 6   ? 0.7092 0.7134 0.4803 -0.0014 0.0490  -0.0671 957  LYS A N   
2   N N   B LYS A 6   ? 0.7462 0.7947 0.5466 0.0259  0.1213  -0.0758 957  LYS A N   
3   C CA  A LYS A 6   ? 0.6701 0.7044 0.4741 0.0093  0.0815  -0.0625 957  LYS A CA  
4   C CA  B LYS A 6   ? 0.6950 0.7316 0.4999 0.0106  0.0853  -0.0629 957  LYS A CA  
5   C C   . LYS A 6   ? 0.6217 0.6747 0.4939 0.0118  0.0732  -0.0534 957  LYS A C   
6   O O   . LYS A 6   ? 0.6114 0.6885 0.5132 0.0059  0.0755  -0.0350 957  LYS A O   
7   C CB  A LYS A 6   ? 0.6927 0.7460 0.4737 0.0005  0.0992  -0.0428 957  LYS A CB  
8   C CB  B LYS A 6   ? 0.7490 0.7484 0.5159 0.0070  0.0619  -0.0811 957  LYS A CB  
9   N N   . LEU A 7   ? 0.5614 0.5996 0.4550 0.0178  0.0618  -0.0659 958  LEU A N   
10  C CA  . LEU A 7   ? 0.5101 0.5591 0.4530 0.0170  0.0509  -0.0578 958  LEU A CA  
11  C C   . LEU A 7   ? 0.4783 0.5562 0.4570 0.0254  0.0660  -0.0505 958  LEU A C   
12  O O   . LEU A 7   ? 0.4206 0.5066 0.4004 0.0386  0.0850  -0.0570 958  LEU A O   
13  C CB  . LEU A 7   ? 0.5103 0.5375 0.4651 0.0202  0.0409  -0.0705 958  LEU A CB  
14  C CG  . LEU A 7   ? 0.5616 0.5637 0.4953 0.0105  0.0217  -0.0803 958  LEU A CG  
15  C CD1 . LEU A 7   ? 0.5269 0.5134 0.4856 0.0119  0.0182  -0.0893 958  LEU A CD1 
16  C CD2 . LEU A 7   ? 0.5335 0.5424 0.4712 -0.0020 0.0010  -0.0669 958  LEU A CD2 
17  N N   . HIS A 8   ? 0.4313 0.5236 0.4422 0.0181  0.0557  -0.0389 959  HIS A N   
18  C CA  . HIS A 8   ? 0.4391 0.5603 0.4860 0.0225  0.0623  -0.0319 959  HIS A CA  
19  C C   . HIS A 8   ? 0.3961 0.5170 0.4673 0.0169  0.0462  -0.0290 959  HIS A C   
20  O O   . HIS A 8   ? 0.3806 0.4842 0.4475 0.0080  0.0335  -0.0298 959  HIS A O   
21  C CB  . HIS A 8   ? 0.4605 0.6094 0.5166 0.0138  0.0732  -0.0186 959  HIS A CB  
22  C CG  . HIS A 8   ? 0.5056 0.6438 0.5486 -0.0036 0.0623  -0.0068 959  HIS A CG  
23  N ND1 . HIS A 8   ? 0.4729 0.6140 0.5437 -0.0154 0.0482  0.0021  959  HIS A ND1 
24  C CD2 . HIS A 8   ? 0.5031 0.6253 0.5067 -0.0110 0.0624  -0.0012 959  HIS A CD2 
25  C CE1 . HIS A 8   ? 0.4500 0.5757 0.5051 -0.0273 0.0404  0.0136  959  HIS A CE1 
26  N NE2 . HIS A 8   ? 0.5254 0.6407 0.5384 -0.0252 0.0473  0.0138  959  HIS A NE2 
27  N N   . TYR A 9   ? 0.3447 0.4860 0.4418 0.0225  0.0463  -0.0262 960  TYR A N   
28  C CA  . TYR A 9   ? 0.3603 0.5017 0.4720 0.0160  0.0317  -0.0251 960  TYR A CA  
29  C C   . TYR A 9   ? 0.3464 0.4894 0.4670 -0.0011 0.0241  -0.0199 960  TYR A C   
30  O O   . TYR A 9   ? 0.3226 0.4804 0.4504 -0.0083 0.0300  -0.0107 960  TYR A O   
31  C CB  . TYR A 9   ? 0.3758 0.5429 0.5116 0.0235  0.0282  -0.0209 960  TYR A CB  
32  C CG  . TYR A 9   ? 0.3662 0.5283 0.4988 0.0432  0.0336  -0.0226 960  TYR A CG  
33  C CD1 . TYR A 9   ? 0.4058 0.5327 0.5123 0.0486  0.0349  -0.0290 960  TYR A CD1 
34  C CD2 . TYR A 9   ? 0.4102 0.6029 0.5728 0.0567  0.0368  -0.0170 960  TYR A CD2 
35  C CE1 . TYR A 9   ? 0.4114 0.5255 0.5154 0.0661  0.0393  -0.0292 960  TYR A CE1 
36  C CE2 . TYR A 9   ? 0.4403 0.6231 0.6041 0.0781  0.0402  -0.0174 960  TYR A CE2 
37  C CZ  . TYR A 9   ? 0.4740 0.6132 0.6050 0.0822  0.0414  -0.0233 960  TYR A CZ  
38  O OH  . TYR A 9   ? 0.4959 0.6136 0.6249 0.1016  0.0444  -0.0229 960  TYR A OH  
39  N N   . LYS A 10  ? 0.3541 0.4789 0.4739 -0.0072 0.0135  -0.0256 961  LYS A N   
40  C CA  . LYS A 10  ? 0.3649 0.4815 0.4961 -0.0204 0.0049  -0.0239 961  LYS A CA  
41  C C   . LYS A 10  ? 0.4018 0.5012 0.5246 -0.0233 0.0031  -0.0194 961  LYS A C   
42  O O   . LYS A 10  ? 0.4371 0.5255 0.5718 -0.0317 -0.0049 -0.0155 961  LYS A O   
43  C CB  . LYS A 10  ? 0.3795 0.5169 0.5335 -0.0323 0.0023  -0.0149 961  LYS A CB  
44  C CG  . LYS A 10  ? 0.3727 0.5360 0.5426 -0.0308 -0.0016 -0.0167 961  LYS A CG  
45  C CD  . LYS A 10  ? 0.3746 0.5229 0.5368 -0.0328 -0.0141 -0.0292 961  LYS A CD  
46  C CE  . LYS A 10  ? 0.4176 0.5907 0.5896 -0.0313 -0.0246 -0.0290 961  LYS A CE  
47  N NZ  . LYS A 10  ? 0.3972 0.5971 0.6046 -0.0464 -0.0339 -0.0237 961  LYS A NZ  
48  N N   . GLN A 11  ? 0.3685 0.4622 0.4705 -0.0161 0.0076  -0.0203 962  GLN A N   
49  C CA  . GLN A 11  ? 0.3507 0.4302 0.4403 -0.0199 0.0005  -0.0143 962  GLN A CA  
50  C C   . GLN A 11  ? 0.3246 0.3878 0.4289 -0.0187 -0.0106 -0.0224 962  GLN A C   
51  O O   . GLN A 11  ? 0.3141 0.3754 0.4230 -0.0136 -0.0064 -0.0343 962  GLN A O   
52  C CB  . GLN A 11  ? 0.4183 0.4956 0.4762 -0.0141 0.0070  -0.0167 962  GLN A CB  
53  C CG  . GLN A 11  ? 0.4400 0.5027 0.4733 -0.0196 -0.0046 -0.0088 962  GLN A CG  
54  C CD  . GLN A 11  ? 0.4923 0.5502 0.4848 -0.0151 0.0036  -0.0160 962  GLN A CD  
55  O OE1 . GLN A 11  ? 0.4666 0.5285 0.4586 -0.0061 0.0168  -0.0281 962  GLN A OE1 
56  N NE2 . GLN A 11  ? 0.5159 0.5616 0.4729 -0.0206 -0.0059 -0.0096 962  GLN A NE2 
57  N N   . ILE A 12  ? 0.3235 0.3752 0.4378 -0.0230 -0.0240 -0.0145 963  ILE A N   
58  C CA  . ILE A 12  ? 0.3179 0.3598 0.4555 -0.0193 -0.0341 -0.0226 963  ILE A CA  
59  C C   . ILE A 12  ? 0.3471 0.3866 0.4681 -0.0176 -0.0428 -0.0241 963  ILE A C   
60  O O   . ILE A 12  ? 0.3682 0.4037 0.4581 -0.0207 -0.0505 -0.0138 963  ILE A O   
61  C CB  . ILE A 12  ? 0.3384 0.3680 0.5040 -0.0209 -0.0479 -0.0146 963  ILE A CB  
62  C CG1 . ILE A 12  ? 0.3211 0.3475 0.4977 -0.0262 -0.0411 -0.0147 963  ILE A CG1 
63  C CG2 . ILE A 12  ? 0.3452 0.3724 0.5484 -0.0141 -0.0530 -0.0265 963  ILE A CG2 
64  C CD1 . ILE A 12  ? 0.3045 0.3359 0.4889 -0.0238 -0.0281 -0.0342 963  ILE A CD1 
65  N N   . VAL A 13  ? 0.3448 0.3851 0.4840 -0.0147 -0.0412 -0.0375 964  VAL A N   
66  C CA  . VAL A 13  ? 0.3474 0.3843 0.4743 -0.0159 -0.0498 -0.0432 964  VAL A CA  
67  C C   . VAL A 13  ? 0.3662 0.4072 0.5378 -0.0166 -0.0587 -0.0514 964  VAL A C   
68  O O   . VAL A 13  ? 0.3518 0.3988 0.5616 -0.0137 -0.0503 -0.0558 964  VAL A O   
69  C CB  . VAL A 13  ? 0.3256 0.3596 0.4272 -0.0140 -0.0327 -0.0528 964  VAL A CB  
70  C CG1 . VAL A 13  ? 0.3161 0.3518 0.3807 -0.0116 -0.0231 -0.0464 964  VAL A CG1 
71  C CG2 . VAL A 13  ? 0.3175 0.3544 0.4397 -0.0115 -0.0160 -0.0599 964  VAL A CG2 
72  N N   . TRP A 14  ? 0.3917 0.4305 0.5590 -0.0210 -0.0755 -0.0549 965  TRP A N   
73  C CA  . TRP A 14  ? 0.3848 0.4325 0.5987 -0.0247 -0.0826 -0.0644 965  TRP A CA  
74  C C   . TRP A 14  ? 0.3655 0.4057 0.5674 -0.0301 -0.0673 -0.0770 965  TRP A C   
75  O O   . TRP A 14  ? 0.4371 0.4622 0.5941 -0.0319 -0.0684 -0.0802 965  TRP A O   
76  C CB  . TRP A 14  ? 0.4327 0.4829 0.6552 -0.0289 -0.1184 -0.0596 965  TRP A CB  
77  C CG  . TRP A 14  ? 0.4257 0.4809 0.6740 -0.0221 -0.1360 -0.0442 965  TRP A CG  
78  C CD1 . TRP A 14  ? 0.4525 0.4949 0.6610 -0.0208 -0.1503 -0.0264 965  TRP A CD1 
79  C CD2 . TRP A 14  ? 0.4315 0.5026 0.7533 -0.0151 -0.1378 -0.0447 965  TRP A CD2 
80  N NE1 . TRP A 14  ? 0.4691 0.5138 0.7218 -0.0134 -0.1642 -0.0139 965  TRP A NE1 
81  C CE2 . TRP A 14  ? 0.4365 0.4992 0.7609 -0.0080 -0.1567 -0.0266 965  TRP A CE2 
82  C CE3 . TRP A 14  ? 0.4021 0.4929 0.7890 -0.0139 -0.1228 -0.0585 965  TRP A CE3 
83  C CZ2 . TRP A 14  ? 0.4378 0.5087 0.8304 0.0029  -0.1632 -0.0239 965  TRP A CZ2 
84  C CZ3 . TRP A 14  ? 0.4051 0.5098 0.8613 -0.0031 -0.1260 -0.0573 965  TRP A CZ3 
85  C CH2 . TRP A 14  ? 0.4256 0.5192 0.8857 0.0065  -0.1472 -0.0412 965  TRP A CH2 
86  N N   . VAL A 15  ? 0.3776 0.4262 0.6215 -0.0327 -0.0519 -0.0839 966  VAL A N   
87  C CA  . VAL A 15  ? 0.4023 0.4405 0.6426 -0.0398 -0.0366 -0.0922 966  VAL A CA  
88  C C   . VAL A 15  ? 0.4157 0.4660 0.7101 -0.0517 -0.0466 -0.0994 966  VAL A C   
89  O O   . VAL A 15  ? 0.3481 0.4223 0.7012 -0.0516 -0.0438 -0.0995 966  VAL A O   
90  C CB  . VAL A 15  ? 0.3894 0.4252 0.6257 -0.0359 -0.0054 -0.0909 966  VAL A CB  
91  C CG1 . VAL A 15  ? 0.4221 0.4385 0.6446 -0.0427 0.0098  -0.0942 966  VAL A CG1 
92  C CG2 . VAL A 15  ? 0.3777 0.4087 0.5731 -0.0256 -0.0014 -0.0840 966  VAL A CG2 
93  N N   . LYS A 16  ? 0.4281 0.4622 0.7065 -0.0621 -0.0579 -0.1072 967  LYS A N   
94  C CA  . LYS A 16  ? 0.4228 0.4676 0.7551 -0.0778 -0.0674 -0.1151 967  LYS A CA  
95  C C   . LYS A 16  ? 0.4111 0.4522 0.7652 -0.0844 -0.0329 -0.1152 967  LYS A C   
96  O O   . LYS A 16  ? 0.4336 0.4446 0.7468 -0.0857 -0.0168 -0.1155 967  LYS A O   
97  C CB  . LYS A 16  ? 0.4652 0.4871 0.7671 -0.0892 -0.0924 -0.1262 967  LYS A CB  
98  C CG  . LYS A 16  ? 0.4929 0.5278 0.8565 -0.1095 -0.1100 -0.1355 967  LYS A CG  
99  C CD  . LYS A 16  ? 0.5353 0.5412 0.8608 -0.1230 -0.1388 -0.1509 967  LYS A CD  
100 C CE  . LYS A 16  ? 0.5888 0.6190 0.9794 -0.1429 -0.1749 -0.1588 967  LYS A CE  
101 N N   . LEU A 17  ? 0.4329 0.5040 0.8526 -0.0881 -0.0204 -0.1145 968  LEU A N   
102 C CA  . LEU A 17  ? 0.4661 0.5362 0.9073 -0.0976 0.0156  -0.1131 968  LEU A CA  
103 C C   . LEU A 17  ? 0.5476 0.6226 1.0416 -0.1209 0.0103  -0.1193 968  LEU A C   
104 O O   . LEU A 17  ? 0.5770 0.6344 1.0700 -0.1340 0.0360  -0.1164 968  LEU A O   
105 C CB  . LEU A 17  ? 0.4692 0.5681 0.9483 -0.0890 0.0406  -0.1112 968  LEU A CB  
106 C CG  . LEU A 17  ? 0.4687 0.5606 0.9014 -0.0697 0.0459  -0.1075 968  LEU A CG  
107 C CD1 . LEU A 17  ? 0.5063 0.6249 0.9853 -0.0615 0.0653  -0.1118 968  LEU A CD1 
108 C CD2 . LEU A 17  ? 0.5190 0.5793 0.8827 -0.0682 0.0672  -0.1014 968  LEU A CD2 
109 N N   . GLY A 18  ? 0.5595 0.6576 1.1001 -0.1274 -0.0250 -0.1261 969  GLY A N   
110 C CA  . GLY A 18  ? 0.5748 0.6748 1.1603 -0.1520 -0.0424 -0.1347 969  GLY A CA  
111 C C   . GLY A 18  ? 0.5899 0.7081 1.1910 -0.1504 -0.0933 -0.1403 969  GLY A C   
112 O O   . GLY A 18  ? 0.5598 0.6816 1.1289 -0.1309 -0.1089 -0.1348 969  GLY A O   
113 N N   . ASN A 19  ? 0.6156 0.7453 1.2666 -0.1722 -0.1216 -0.1498 970  ASN A N   
114 C CA  . ASN A 19  ? 0.6502 0.7920 1.3034 -0.1729 -0.1780 -0.1548 970  ASN A CA  
115 C C   . ASN A 19  ? 0.5743 0.7657 1.2927 -0.1574 -0.1959 -0.1447 970  ASN A C   
116 O O   . ASN A 19  ? 0.5926 0.7862 1.2874 -0.1484 -0.2392 -0.1406 970  ASN A O   
117 C CB  . ASN A 19  ? 0.6959 0.8363 1.3859 -0.2026 -0.2083 -0.1696 970  ASN A CB  
118 C CG  . ASN A 19  ? 0.7656 0.8461 1.3840 -0.2153 -0.1952 -0.1814 970  ASN A CG  
119 O OD1 . ASN A 19  ? 0.8003 0.8392 1.3238 -0.2000 -0.1891 -0.1826 970  ASN A OD1 
120 N ND2 . ASN A 19  ? 0.7980 0.8731 1.4661 -0.2425 -0.1880 -0.1894 970  ASN A ND2 
121 N N   . TYR A 20  ? 0.4541 0.6815 1.2505 -0.1535 -0.1606 -0.1401 971  TYR A N   
122 C CA  . TYR A 20  ? 0.4081 0.6819 1.2799 -0.1361 -0.1705 -0.1328 971  TYR A CA  
123 C C   . TYR A 20  ? 0.3443 0.6131 1.1932 -0.1117 -0.1292 -0.1258 971  TYR A C   
124 O O   . TYR A 20  ? 0.3067 0.6108 1.2268 -0.0969 -0.1223 -0.1233 971  TYR A O   
125 C CB  . TYR A 20  ? 0.3699 0.6980 1.3698 -0.1518 -0.1679 -0.1378 971  TYR A CB  
126 C CG  . TYR A 20  ? 0.3792 0.7173 1.4090 -0.1745 -0.2228 -0.1447 971  TYR A CG  
127 C CD1 . TYR A 20  ? 0.4042 0.7158 1.4128 -0.2039 -0.2217 -0.1559 971  TYR A CD1 
128 C CD2 . TYR A 20  ? 0.3894 0.7585 1.4635 -0.1665 -0.2797 -0.1399 971  TYR A CD2 
129 C CE1 . TYR A 20  ? 0.4312 0.7488 1.4642 -0.2273 -0.2761 -0.1662 971  TYR A CE1 
130 C CE2 . TYR A 20  ? 0.4262 0.8057 1.5248 -0.1886 -0.3368 -0.1471 971  TYR A CE2 
131 C CZ  . TYR A 20  ? 0.4529 0.8061 1.5289 -0.2199 -0.3350 -0.1623 971  TYR A CZ  
132 O OH  . TYR A 20  ? 0.5063 0.8677 1.6043 -0.2436 -0.3961 -0.1727 971  TYR A OH  
133 N N   . ARG A 21  ? 0.3365 0.5610 1.0888 -0.1072 -0.1043 -0.1243 972  ARG A N   
134 C CA  . ARG A 21  ? 0.3013 0.5177 1.0239 -0.0867 -0.0714 -0.1193 972  ARG A CA  
135 C C   . ARG A 21  ? 0.3222 0.4963 0.9404 -0.0778 -0.0762 -0.1140 972  ARG A C   
136 O O   . ARG A 21  ? 0.3021 0.4445 0.8588 -0.0869 -0.0667 -0.1163 972  ARG A O   
137 C CB  . ARG A 21  ? 0.2929 0.5135 1.0322 -0.0916 -0.0160 -0.1231 972  ARG A CB  
138 C CG  . ARG A 21  ? 0.2985 0.5143 1.0145 -0.0715 0.0139  -0.1222 972  ARG A CG  
139 C CD  . ARG A 21  ? 0.2801 0.5353 1.0849 -0.0566 0.0150  -0.1262 972  ARG A CD  
140 N NE  . ARG A 21  ? 0.2708 0.5620 1.1574 -0.0663 0.0496  -0.1339 972  ARG A NE  
141 C CZ  . ARG A 21  ? 0.2862 0.6152 1.2589 -0.0535 0.0680  -0.1414 972  ARG A CZ  
142 N NH1 . ARG A 21  ? 0.3095 0.6390 1.2957 -0.0291 0.0535  -0.1422 972  ARG A NH1 
143 N NH2 . ARG A 21  ? 0.2766 0.6411 1.3232 -0.0650 0.1042  -0.1482 972  ARG A NH2 
144 N N   . TRP A 22  ? 0.3299 0.5035 0.9341 -0.0596 -0.0893 -0.1062 973  TRP A N   
145 C CA  . TRP A 22  ? 0.3735 0.5143 0.8899 -0.0506 -0.0909 -0.0991 973  TRP A CA  
146 C C   . TRP A 22  ? 0.3544 0.4954 0.8732 -0.0356 -0.0643 -0.0969 973  TRP A C   
147 O O   . TRP A 22  ? 0.3092 0.4733 0.8951 -0.0272 -0.0600 -0.0991 973  TRP A O   
148 C CB  . TRP A 22  ? 0.4301 0.5650 0.9216 -0.0473 -0.1358 -0.0896 973  TRP A CB  
149 C CG  . TRP A 22  ? 0.4798 0.6027 0.9393 -0.0626 -0.1621 -0.0953 973  TRP A CG  
150 C CD1 . TRP A 22  ? 0.4992 0.6412 1.0103 -0.0762 -0.1901 -0.1019 973  TRP A CD1 
151 C CD2 . TRP A 22  ? 0.5106 0.5994 0.8815 -0.0664 -0.1620 -0.0980 973  TRP A CD2 
152 N NE1 . TRP A 22  ? 0.5296 0.6455 0.9817 -0.0897 -0.2089 -0.1103 973  TRP A NE1 
153 C CE2 . TRP A 22  ? 0.5812 0.6635 0.9462 -0.0824 -0.1901 -0.1087 973  TRP A CE2 
154 C CE3 . TRP A 22  ? 0.5329 0.5974 0.8334 -0.0580 -0.1404 -0.0939 973  TRP A CE3 
155 C CZ2 . TRP A 22  ? 0.6045 0.6522 0.8896 -0.0882 -0.1944 -0.1176 973  TRP A CZ2 
156 C CZ3 . TRP A 22  ? 0.5541 0.5913 0.7851 -0.0622 -0.1435 -0.1002 973  TRP A CZ3 
157 C CH2 . TRP A 22  ? 0.5988 0.6251 0.8189 -0.0765 -0.1691 -0.1132 973  TRP A CH2 
158 N N   . TRP A 23  ? 0.3240 0.4398 0.7740 -0.0317 -0.0481 -0.0942 974  TRP A N   
159 C CA  . TRP A 23  ? 0.3390 0.4511 0.7843 -0.0210 -0.0228 -0.0957 974  TRP A CA  
160 C C   . TRP A 23  ? 0.3655 0.4551 0.7447 -0.0163 -0.0284 -0.0872 974  TRP A C   
161 O O   . TRP A 23  ? 0.3841 0.4592 0.7095 -0.0213 -0.0299 -0.0842 974  TRP A O   
162 C CB  . TRP A 23  ? 0.3511 0.4621 0.7912 -0.0262 0.0164  -0.1044 974  TRP A CB  
163 C CG  . TRP A 23  ? 0.3720 0.4882 0.8324 -0.0175 0.0422  -0.1128 974  TRP A CG  
164 C CD1 . TRP A 23  ? 0.3830 0.4815 0.7992 -0.0110 0.0527  -0.1144 974  TRP A CD1 
165 C CD2 . TRP A 23  ? 0.4092 0.5500 0.9422 -0.0141 0.0609  -0.1234 974  TRP A CD2 
166 N NE1 . TRP A 23  ? 0.4116 0.5160 0.8582 -0.0043 0.0762  -0.1274 974  TRP A NE1 
167 C CE2 . TRP A 23  ? 0.4115 0.5426 0.9312 -0.0045 0.0845  -0.1334 974  TRP A CE2 
168 C CE3 . TRP A 23  ? 0.4156 0.5881 1.0278 -0.0186 0.0604  -0.1269 974  TRP A CE3 
169 C CZ2 . TRP A 23  ? 0.4285 0.5770 1.0051 0.0029  0.1118  -0.1483 974  TRP A CZ2 
170 C CZ3 . TRP A 23  ? 0.4166 0.6130 1.0955 -0.0112 0.0876  -0.1391 974  TRP A CZ3 
171 C CH2 . TRP A 23  ? 0.4760 0.6590 1.1345 0.0004  0.1155  -0.1506 974  TRP A CH2 
172 N N   . PRO A 24  ? 0.3584 0.4444 0.7460 -0.0066 -0.0305 -0.0841 975  PRO A N   
173 C CA  . PRO A 24  ? 0.3279 0.3959 0.6623 -0.0051 -0.0335 -0.0755 975  PRO A CA  
174 C C   . PRO A 24  ? 0.3282 0.3889 0.6279 -0.0065 -0.0064 -0.0828 975  PRO A C   
175 O O   . PRO A 24  ? 0.3308 0.3946 0.6475 -0.0054 0.0158  -0.0946 975  PRO A O   
176 C CB  . PRO A 24  ? 0.3636 0.4271 0.7297 0.0033  -0.0456 -0.0704 975  PRO A CB  
177 C CG  . PRO A 24  ? 0.3695 0.4469 0.7989 0.0100  -0.0311 -0.0846 975  PRO A CG  
178 C CD  . PRO A 24  ? 0.3433 0.4407 0.7963 0.0033  -0.0306 -0.0888 975  PRO A CD  
179 N N   . ALA A 25  ? 0.3256 0.3776 0.5761 -0.0088 -0.0086 -0.0753 976  ALA A N   
180 C CA  . ALA A 25  ? 0.3279 0.3749 0.5441 -0.0096 0.0093  -0.0787 976  ALA A CA  
181 C C   . ALA A 25  ? 0.3273 0.3718 0.5114 -0.0100 0.0013  -0.0686 976  ALA A C   
182 O O   . ALA A 25  ? 0.3415 0.3859 0.5219 -0.0108 -0.0135 -0.0582 976  ALA A O   
183 C CB  . ALA A 25  ? 0.3462 0.3911 0.5459 -0.0125 0.0202  -0.0807 976  ALA A CB  
184 N N   . GLU A 26  ? 0.3045 0.3488 0.4643 -0.0100 0.0114  -0.0701 977  GLU A N   
185 C CA  . GLU A 26  ? 0.2911 0.3409 0.4309 -0.0109 0.0062  -0.0609 977  GLU A CA  
186 C C   . GLU A 26  ? 0.2899 0.3428 0.4053 -0.0067 0.0139  -0.0594 977  GLU A C   
187 O O   . GLU A 26  ? 0.2995 0.3475 0.4054 -0.0056 0.0222  -0.0641 977  GLU A O   
188 C CB  . GLU A 26  ? 0.2637 0.3130 0.4081 -0.0152 0.0045  -0.0639 977  GLU A CB  
189 C CG  . GLU A 26  ? 0.2679 0.3295 0.4040 -0.0191 -0.0009 -0.0535 977  GLU A CG  
190 C CD  . GLU A 26  ? 0.2681 0.3278 0.4146 -0.0278 -0.0072 -0.0563 977  GLU A CD  
191 O OE1 . GLU A 26  ? 0.2818 0.3567 0.4293 -0.0337 -0.0114 -0.0490 977  GLU A OE1 
192 O OE2 . GLU A 26  ? 0.2992 0.3424 0.4571 -0.0292 -0.0075 -0.0671 977  GLU A OE2 
193 N N   . ILE A 27  ? 0.3298 0.3887 0.4333 -0.0036 0.0121  -0.0521 978  ILE A N   
194 C CA  . ILE A 27  ? 0.3619 0.4220 0.4489 0.0043  0.0190  -0.0506 978  ILE A CA  
195 C C   . ILE A 27  ? 0.3646 0.4383 0.4513 0.0060  0.0178  -0.0466 978  ILE A C   
196 O O   . ILE A 27  ? 0.3303 0.4200 0.4282 0.0012  0.0123  -0.0423 978  ILE A O   
197 C CB  . ILE A 27  ? 0.3761 0.4397 0.4519 0.0094  0.0213  -0.0475 978  ILE A CB  
198 C CG1 . ILE A 27  ? 0.3746 0.4221 0.4422 0.0063  0.0173  -0.0533 978  ILE A CG1 
199 C CG2 . ILE A 27  ? 0.3555 0.4203 0.4238 0.0214  0.0294  -0.0467 978  ILE A CG2 
200 C CD1 . ILE A 27  ? 0.3820 0.4283 0.4259 0.0099  0.0205  -0.0539 978  ILE A CD1 
201 N N   . CYS A 28  ? 0.3518 0.4179 0.4254 0.0118  0.0207  -0.0461 979  CYS A N   
202 C CA  . CYS A 28  ? 0.3588 0.4359 0.4274 0.0138  0.0138  -0.0416 979  CYS A CA  
203 C C   . CYS A 28  ? 0.4121 0.5016 0.4855 0.0274  0.0127  -0.0325 979  CYS A C   
204 O O   . CYS A 28  ? 0.4083 0.4838 0.4763 0.0371  0.0208  -0.0317 979  CYS A O   
205 C CB  . CYS A 28  ? 0.3939 0.4519 0.4381 0.0118  0.0164  -0.0438 979  CYS A CB  
206 S SG  . CYS A 28  ? 0.3943 0.4387 0.4392 -0.0001 0.0255  -0.0582 979  CYS A SG  
207 N N   . ASN A 29  ? 0.3857 0.5014 0.4743 0.0282  0.0023  -0.0268 980  ASN A N   
208 C CA  . ASN A 29  ? 0.3619 0.4915 0.4615 0.0440  -0.0016 -0.0174 980  ASN A CA  
209 C C   . ASN A 29  ? 0.3990 0.5047 0.4696 0.0495  -0.0087 -0.0116 980  ASN A C   
210 O O   . ASN A 29  ? 0.4090 0.5088 0.4578 0.0390  -0.0184 -0.0132 980  ASN A O   
211 C CB  . ASN A 29  ? 0.3673 0.5360 0.4981 0.0407  -0.0144 -0.0124 980  ASN A CB  
212 C CG  . ASN A 29  ? 0.3694 0.5622 0.5278 0.0596  -0.0187 -0.0023 980  ASN A CG  
213 O OD1 . ASN A 29  ? 0.3847 0.5589 0.5308 0.0758  -0.0198 0.0036  980  ASN A OD1 
214 N ND2 . ASN A 29  ? 0.3326 0.5665 0.5333 0.0580  -0.0197 0.0008  980  ASN A ND2 
215 N N   . PRO A 30  ? 0.4101 0.4960 0.4747 0.0648  -0.0026 -0.0052 981  PRO A N   
216 C CA  . PRO A 30  ? 0.4595 0.5185 0.4934 0.0688  -0.0091 0.0057  981  PRO A CA  
217 C C   . PRO A 30  ? 0.4881 0.5662 0.5186 0.0723  -0.0337 0.0178  981  PRO A C   
218 O O   . PRO A 30  ? 0.5570 0.6138 0.5473 0.0684  -0.0421 0.0259  981  PRO A O   
219 C CB  . PRO A 30  ? 0.4844 0.5193 0.5240 0.0867  0.0001  0.0114  981  PRO A CB  
220 C CG  . PRO A 30  ? 0.4545 0.5143 0.5300 0.0960  0.0081  0.0029  981  PRO A CG  
221 C CD  . PRO A 30  ? 0.4230 0.5024 0.5018 0.0771  0.0121  -0.0090 981  PRO A CD  
222 N N   . ARG A 31  ? 0.4706 0.5902 0.5424 0.0783  -0.0456 0.0195  982  ARG A N   
223 C CA  . ARG A 31  ? 0.4945 0.6370 0.5700 0.0798  -0.0746 0.0300  982  ARG A CA  
224 C C   . ARG A 31  ? 0.5175 0.6604 0.5638 0.0561  -0.0856 0.0193  982  ARG A C   
225 O O   . ARG A 31  ? 0.5256 0.6759 0.5548 0.0531  -0.1120 0.0253  982  ARG A O   
226 C CB  . ARG A 31  ? 0.4932 0.6865 0.6335 0.0911  -0.0831 0.0342  982  ARG A CB  
227 C CG  . ARG A 31  ? 0.5309 0.7231 0.7025 0.1167  -0.0668 0.0393  982  ARG A CG  
228 N N   . SER A 32  ? 0.4852 0.6173 0.5246 0.0407  -0.0673 0.0028  983  SER A N   
229 C CA  . SER A 32  ? 0.4955 0.6278 0.5185 0.0202  -0.0755 -0.0116 983  SER A CA  
230 C C   . SER A 32  ? 0.5346 0.6279 0.5016 0.0114  -0.0643 -0.0206 983  SER A C   
231 O O   . SER A 32  ? 0.5876 0.6751 0.5294 -0.0024 -0.0729 -0.0332 983  SER A O   
232 C CB  . SER A 32  ? 0.4767 0.6235 0.5363 0.0095  -0.0645 -0.0230 983  SER A CB  
233 O OG  . SER A 32  ? 0.4547 0.6419 0.5656 0.0128  -0.0717 -0.0156 983  SER A OG  
234 N N   . VAL A 33  ? 0.4944 0.5612 0.4444 0.0181  -0.0434 -0.0158 984  VAL A N   
235 C CA  . VAL A 33  ? 0.5012 0.5360 0.4073 0.0091  -0.0258 -0.0236 984  VAL A CA  
236 C C   . VAL A 33  ? 0.5603 0.5756 0.4048 0.0077  -0.0366 -0.0135 984  VAL A C   
237 O O   . VAL A 33  ? 0.5959 0.6195 0.4348 0.0171  -0.0605 0.0037  984  VAL A O   
238 C CB  . VAL A 33  ? 0.4558 0.4722 0.3726 0.0125  0.0000  -0.0221 984  VAL A CB  
239 C CG1 . VAL A 33  ? 0.4230 0.4567 0.3884 0.0130  0.0053  -0.0310 984  VAL A CG1 
240 C CG2 . VAL A 33  ? 0.4899 0.4904 0.3984 0.0257  -0.0006 -0.0019 984  VAL A CG2 
241 N N   . PRO A 34  ? 0.5800 0.5696 0.3782 -0.0032 -0.0182 -0.0229 985  PRO A N   
242 C CA  . PRO A 34  ? 0.6875 0.6579 0.4158 -0.0060 -0.0306 -0.0120 985  PRO A CA  
243 C C   . PRO A 34  ? 0.7363 0.6868 0.4441 0.0056  -0.0326 0.0185  985  PRO A C   
244 O O   . PRO A 34  ? 0.6916 0.6362 0.4355 0.0135  -0.0162 0.0262  985  PRO A O   
245 C CB  . PRO A 34  ? 0.7107 0.6576 0.3935 -0.0202 -0.0018 -0.0309 985  PRO A CB  
246 C CG  . PRO A 34  ? 0.6358 0.5985 0.3739 -0.0243 0.0113  -0.0561 985  PRO A CG  
247 C CD  . PRO A 34  ? 0.5717 0.5530 0.3756 -0.0135 0.0093  -0.0451 985  PRO A CD  
248 N N   . LEU A 35  ? 0.8027 0.7395 0.4514 0.0063  -0.0547 0.0355  986  LEU A N   
249 C CA  . LEU A 35  ? 0.8583 0.7709 0.4860 0.0190  -0.0623 0.0692  986  LEU A CA  
250 C C   . LEU A 35  ? 0.8562 0.7334 0.4706 0.0138  -0.0223 0.0759  986  LEU A C   
251 O O   . LEU A 35  ? 0.8681 0.7312 0.5109 0.0252  -0.0180 0.0933  986  LEU A O   
252 C CB  . LEU A 35  ? 0.9255 0.8224 0.4762 0.0175  -0.0930 0.0883  986  LEU A CB  
253 N N   . ASN A 36  ? 0.8633 0.7273 0.4399 -0.0037 0.0076  0.0603  987  ASN A N   
254 C CA  . ASN A 36  ? 0.8830 0.7180 0.4487 -0.0127 0.0469  0.0674  987  ASN A CA  
255 C C   . ASN A 36  ? 0.7961 0.6443 0.4426 -0.0101 0.0651  0.0554  987  ASN A C   
256 O O   . ASN A 36  ? 0.7934 0.6185 0.4488 -0.0147 0.0881  0.0667  987  ASN A O   
257 C CB  . ASN A 36  ? 0.9185 0.7446 0.4334 -0.0312 0.0782  0.0496  987  ASN A CB  
258 C CG  . ASN A 36  ? 0.8545 0.7099 0.4237 -0.0355 0.0935  0.0133  987  ASN A CG  
259 O OD1 . ASN A 36  ? 0.8175 0.6987 0.4214 -0.0293 0.0686  -0.0017 987  ASN A OD1 
260 N ND2 . ASN A 36  ? 0.8567 0.7085 0.4398 -0.0459 0.1341  0.0012  987  ASN A ND2 
261 N N   . ILE A 37  ? 0.7236 0.6061 0.4246 -0.0054 0.0545  0.0332  988  ILE A N   
262 C CA  . ILE A 37  ? 0.6832 0.5774 0.4534 -0.0008 0.0626  0.0252  988  ILE A CA  
263 C C   . ILE A 37  ? 0.6905 0.5800 0.4846 0.0168  0.0434  0.0428  988  ILE A C   
264 O O   . ILE A 37  ? 0.6713 0.5452 0.4935 0.0189  0.0552  0.0456  988  ILE A O   
265 C CB  . ILE A 37  ? 0.6156 0.5432 0.4315 -0.0024 0.0601  -0.0011 988  ILE A CB  
266 C CG1 . ILE A 37  ? 0.6392 0.5680 0.4394 -0.0162 0.0812  -0.0213 988  ILE A CG1 
267 C CG2 . ILE A 37  ? 0.5766 0.5128 0.4512 0.0017  0.0652  -0.0069 988  ILE A CG2 
268 C CD1 . ILE A 37  ? 0.6590 0.5715 0.4588 -0.0267 0.1161  -0.0214 988  ILE A CD1 
269 N N   . GLN A 38  ? 0.7136 0.6165 0.5006 0.0293  0.0140  0.0526  989  GLN A N   
270 C CA  . GLN A 38  ? 0.7775 0.6770 0.5916 0.0499  -0.0027 0.0696  989  GLN A CA  
271 C C   . GLN A 38  ? 0.7918 0.6433 0.5823 0.0535  0.0071  0.0932  989  GLN A C   
272 O O   . GLN A 38  ? 0.8479 0.6846 0.6728 0.0654  0.0108  0.0963  989  GLN A O   
273 C CB  . GLN A 38  ? 0.8040 0.7281 0.6159 0.0623  -0.0375 0.0801  989  GLN A CB  
274 C CG  . GLN A 38  ? 0.8246 0.7956 0.6751 0.0587  -0.0470 0.0584  989  GLN A CG  
275 C CD  . GLN A 38  ? 0.8402 0.8408 0.6955 0.0659  -0.0826 0.0669  989  GLN A CD  
276 O OE1 . GLN A 38  ? 0.9565 0.9427 0.7652 0.0667  -0.1026 0.0839  989  GLN A OE1 
277 N NE2 . GLN A 38  ? 0.8419 0.8851 0.7536 0.0693  -0.0915 0.0561  989  GLN A NE2 
278 N N   . GLY A 39  ? 0.8500 0.6741 0.5791 0.0413  0.0137  0.1082  990  GLY A N   
279 C CA  . GLY A 39  ? 0.9308 0.7041 0.6268 0.0420  0.0211  0.1376  990  GLY A CA  
280 C C   . GLY A 39  ? 0.9238 0.6700 0.6282 0.0241  0.0576  0.1333  990  GLY A C   
281 O O   . GLY A 39  ? 0.9834 0.6842 0.6624 0.0203  0.0671  0.1581  990  GLY A O   
282 N N   . LEU A 40  ? 0.8361 0.6094 0.5797 0.0126  0.0760  0.1037  991  LEU A N   
283 C CA  . LEU A 40  ? 0.8501 0.6067 0.6154 -0.0051 0.1068  0.0977  991  LEU A CA  
284 C C   . LEU A 40  ? 0.8171 0.5503 0.6234 0.0049  0.1011  0.1004  991  LEU A C   
285 O O   . LEU A 40  ? 0.7235 0.4798 0.5679 0.0188  0.0865  0.0837  991  LEU A O   
286 C CB  . LEU A 40  ? 0.7749 0.5710 0.5819 -0.0157 0.1201  0.0656  991  LEU A CB  
287 C CG  . LEU A 40  ? 0.8346 0.6511 0.6168 -0.0286 0.1365  0.0531  991  LEU A CG  
288 C CD1 . LEU A 40  ? 0.7788 0.6318 0.6175 -0.0325 0.1427  0.0233  991  LEU A CD1 
289 C CD2 . LEU A 40  ? 0.9141 0.7036 0.6575 -0.0472 0.1692  0.0675  991  LEU A CD2 
290 N N   . LYS A 41  ? 0.8697 0.5559 0.6676 -0.0043 0.1153  0.1192  992  LYS A N   
291 C CA  . LYS A 41  ? 0.9031 0.5598 0.7415 0.0008  0.1136  0.1154  992  LYS A CA  
292 C C   . LYS A 41  ? 0.8517 0.5430 0.7429 -0.0053 0.1167  0.0800  992  LYS A C   
293 O O   . LYS A 41  ? 0.8248 0.5467 0.7289 -0.0227 0.1308  0.0652  992  LYS A O   
294 C CB  . LYS A 41  ? 0.9880 0.5885 0.8164 -0.0174 0.1334  0.1369  992  LYS A CB  
295 C CG  . LYS A 41  ? 1.0375 0.5842 0.8252 -0.0043 0.1225  0.1745  992  LYS A CG  
296 N N   . HIS A 42  ? 0.7854 0.4731 0.7049 0.0113  0.1026  0.0666  993  HIS A N   
297 C CA  . HIS A 42  ? 0.7072 0.4177 0.6657 0.0059  0.1020  0.0364  993  HIS A CA  
298 C C   . HIS A 42  ? 0.7145 0.3902 0.6882 0.0199  0.0942  0.0275  993  HIS A C   
299 O O   . HIS A 42  ? 0.7103 0.3528 0.6721 0.0390  0.0883  0.0437  993  HIS A O   
300 C CB  . HIS A 42  ? 0.6576 0.4230 0.6221 0.0148  0.0914  0.0215  993  HIS A CB  
301 C CG  . HIS A 42  ? 0.6777 0.4539 0.6322 0.0404  0.0751  0.0296  993  HIS A CG  
302 N ND1 . HIS A 42  ? 0.7064 0.4897 0.6318 0.0471  0.0672  0.0496  993  HIS A ND1 
303 C CD2 . HIS A 42  ? 0.6566 0.4398 0.6291 0.0608  0.0654  0.0200  993  HIS A CD2 
304 C CE1 . HIS A 42  ? 0.6729 0.4706 0.6073 0.0703  0.0502  0.0532  993  HIS A CE1 
305 N NE2 . HIS A 42  ? 0.6699 0.4685 0.6346 0.0796  0.0520  0.0356  993  HIS A NE2 
306 N N   . ASP A 43  ? 0.6725 0.3541 0.6716 0.0111  0.0934  0.0012  994  ASP A N   
307 C CA  . ASP A 43  ? 0.6912 0.3382 0.6986 0.0225  0.0881  -0.0148 994  ASP A CA  
308 C C   . ASP A 43  ? 0.6488 0.3194 0.6532 0.0520  0.0794  -0.0220 994  ASP A C   
309 O O   . ASP A 43  ? 0.5503 0.2712 0.5559 0.0553  0.0751  -0.0259 994  ASP A O   
310 C CB  . ASP A 43  ? 0.7043 0.3546 0.7319 0.0016  0.0860  -0.0424 994  ASP A CB  
311 C CG  . ASP A 43  ? 0.7533 0.3771 0.7981 -0.0286 0.0951  -0.0371 994  ASP A CG  
312 O OD1 . ASP A 43  ? 0.7826 0.3663 0.8185 -0.0320 0.1052  -0.0142 994  ASP A OD1 
313 O OD2 . ASP A 43  ? 0.7368 0.3817 0.8068 -0.0498 0.0919  -0.0535 994  ASP A OD2 
314 N N   . LEU A 44  ? 0.6899 0.3229 0.6955 0.0731  0.0787  -0.0242 995  LEU A N   
315 C CA  . LEU A 44  ? 0.6751 0.3303 0.6873 0.1026  0.0757  -0.0324 995  LEU A CA  
316 C C   . LEU A 44  ? 0.6710 0.3608 0.6841 0.0970  0.0769  -0.0616 995  LEU A C   
317 O O   . LEU A 44  ? 0.7189 0.3849 0.7273 0.0825  0.0780  -0.0838 995  LEU A O   
318 C CB  . LEU A 44  ? 0.7415 0.3404 0.7598 0.1249  0.0789  -0.0349 995  LEU A CB  
319 C CG  . LEU A 44  ? 0.7438 0.3608 0.7790 0.1609  0.0801  -0.0403 995  LEU A CG  
320 C CD1 . LEU A 44  ? 0.7418 0.3990 0.7862 0.1754  0.0687  -0.0098 995  LEU A CD1 
321 C CD2 . LEU A 44  ? 0.7936 0.3460 0.8377 0.1817  0.0858  -0.0482 995  LEU A CD2 
322 N N   . GLY A 45  ? 0.6264 0.3704 0.6442 0.1068  0.0748  -0.0604 996  GLY A N   
323 C CA  . GLY A 45  ? 0.6172 0.3949 0.6308 0.1013  0.0762  -0.0814 996  GLY A CA  
324 C C   . GLY A 45  ? 0.6177 0.4293 0.6298 0.0764  0.0690  -0.0789 996  GLY A C   
325 O O   . GLY A 45  ? 0.7594 0.5944 0.7652 0.0688  0.0665  -0.0930 996  GLY A O   
326 N N   . ASP A 46  ? 0.5768 0.3866 0.5922 0.0637  0.0666  -0.0616 997  ASP A N   
327 C CA  . ASP A 46  ? 0.5339 0.3786 0.5540 0.0458  0.0628  -0.0587 997  ASP A CA  
328 C C   . ASP A 46  ? 0.4884 0.3748 0.5103 0.0562  0.0589  -0.0500 997  ASP A C   
329 O O   . ASP A 46  ? 0.5223 0.4133 0.5453 0.0740  0.0578  -0.0401 997  ASP A O   
330 C CB  . ASP A 46  ? 0.5460 0.3771 0.5666 0.0302  0.0678  -0.0450 997  ASP A CB  
331 C CG  . ASP A 46  ? 0.5778 0.3746 0.6078 0.0120  0.0722  -0.0526 997  ASP A CG  
332 O OD1 . ASP A 46  ? 0.5530 0.3311 0.5863 0.0100  0.0674  -0.0708 997  ASP A OD1 
333 O OD2 . ASP A 46  ? 0.6145 0.4023 0.6476 -0.0021 0.0814  -0.0405 997  ASP A OD2 
334 N N   . PHE A 47  ? 0.5114 0.4287 0.5389 0.0447  0.0549  -0.0534 998  PHE A N   
335 C CA  . PHE A 47  ? 0.4774 0.4291 0.5083 0.0483  0.0501  -0.0447 998  PHE A CA  
336 C C   . PHE A 47  ? 0.4862 0.4459 0.5182 0.0319  0.0500  -0.0433 998  PHE A C   
337 O O   . PHE A 47  ? 0.4363 0.3852 0.4759 0.0192  0.0538  -0.0504 998  PHE A O   
338 C CB  . PHE A 47  ? 0.4644 0.4440 0.5025 0.0525  0.0482  -0.0516 998  PHE A CB  
339 C CG  . PHE A 47  ? 0.4553 0.4331 0.4904 0.0407  0.0463  -0.0639 998  PHE A CG  
340 C CD1 . PHE A 47  ? 0.4542 0.4447 0.4983 0.0265  0.0397  -0.0640 998  PHE A CD1 
341 C CD2 . PHE A 47  ? 0.5007 0.4632 0.5227 0.0448  0.0494  -0.0762 998  PHE A CD2 
342 C CE1 . PHE A 47  ? 0.4444 0.4349 0.4885 0.0174  0.0323  -0.0718 998  PHE A CE1 
343 C CE2 . PHE A 47  ? 0.4817 0.4431 0.4941 0.0331  0.0421  -0.0857 998  PHE A CE2 
344 C CZ  . PHE A 47  ? 0.4726 0.4488 0.4979 0.0197  0.0316  -0.0817 998  PHE A CZ  
345 N N   . PRO A 48  ? 0.4514 0.4303 0.4791 0.0322  0.0456  -0.0362 999  PRO A N   
346 C CA  . PRO A 48  ? 0.4196 0.4028 0.4455 0.0189  0.0493  -0.0390 999  PRO A CA  
347 C C   . PRO A 48  ? 0.3848 0.3892 0.4316 0.0119  0.0449  -0.0494 999  PRO A C   
348 O O   . PRO A 48  ? 0.3800 0.4014 0.4341 0.0160  0.0369  -0.0495 999  PRO A O   
349 C CB  . PRO A 48  ? 0.4466 0.4351 0.4504 0.0222  0.0437  -0.0295 999  PRO A CB  
350 C CG  . PRO A 48  ? 0.4650 0.4664 0.4748 0.0370  0.0320  -0.0218 999  PRO A CG  
351 C CD  . PRO A 48  ? 0.4490 0.4479 0.4766 0.0440  0.0365  -0.0276 999  PRO A CD  
352 N N   . VAL A 49  ? 0.3849 0.3878 0.4441 0.0017  0.0514  -0.0566 1000 VAL A N   
353 C CA  . VAL A 49  ? 0.3355 0.3547 0.4164 -0.0027 0.0455  -0.0641 1000 VAL A CA  
354 C C   . VAL A 49  ? 0.3438 0.3628 0.4231 -0.0077 0.0552  -0.0700 1000 VAL A C   
355 O O   . VAL A 49  ? 0.4011 0.4082 0.4633 -0.0106 0.0693  -0.0688 1000 VAL A O   
356 C CB  . VAL A 49  ? 0.3219 0.3425 0.4303 -0.0072 0.0409  -0.0697 1000 VAL A CB  
357 C CG1 . VAL A 49  ? 0.3356 0.3511 0.4332 -0.0035 0.0324  -0.0676 1000 VAL A CG1 
358 C CG2 . VAL A 49  ? 0.3812 0.3948 0.5078 -0.0148 0.0535  -0.0745 1000 VAL A CG2 
359 N N   . PHE A 50  ? 0.3625 0.3908 0.4573 -0.0091 0.0493  -0.0767 1001 PHE A N   
360 C CA  . PHE A 50  ? 0.3866 0.4122 0.4864 -0.0126 0.0598  -0.0887 1001 PHE A CA  
361 C C   . PHE A 50  ? 0.3527 0.3841 0.4987 -0.0129 0.0613  -0.0961 1001 PHE A C   
362 O O   . PHE A 50  ? 0.3206 0.3570 0.4875 -0.0110 0.0453  -0.0931 1001 PHE A O   
363 C CB  . PHE A 50  ? 0.3819 0.4094 0.4707 -0.0135 0.0486  -0.0923 1001 PHE A CB  
364 C CG  . PHE A 50  ? 0.3977 0.4168 0.4908 -0.0162 0.0580  -0.1097 1001 PHE A CG  
365 C CD1 . PHE A 50  ? 0.4053 0.4136 0.4615 -0.0191 0.0731  -0.1190 1001 PHE A CD1 
366 C CD2 . PHE A 50  ? 0.3987 0.4167 0.5288 -0.0152 0.0519  -0.1170 1001 PHE A CD2 
367 C CE1 . PHE A 50  ? 0.4237 0.4210 0.4785 -0.0209 0.0853  -0.1399 1001 PHE A CE1 
368 C CE2 . PHE A 50  ? 0.3886 0.3939 0.5250 -0.0153 0.0624  -0.1366 1001 PHE A CE2 
369 C CZ  . PHE A 50  ? 0.4022 0.3979 0.5007 -0.0179 0.0806  -0.1503 1001 PHE A CZ  
370 N N   . PHE A 51  ? 0.3760 0.4078 0.5403 -0.0153 0.0803  -0.1038 1002 PHE A N   
371 C CA  . PHE A 51  ? 0.3662 0.4092 0.5862 -0.0136 0.0809  -0.1110 1002 PHE A CA  
372 C C   . PHE A 51  ? 0.3738 0.4147 0.6124 -0.0086 0.0870  -0.1252 1002 PHE A C   
373 O O   . PHE A 51  ? 0.3329 0.3666 0.5522 -0.0096 0.1091  -0.1379 1002 PHE A O   
374 C CB  . PHE A 51  ? 0.4110 0.4617 0.6574 -0.0190 0.1011  -0.1141 1002 PHE A CB  
375 C CG  . PHE A 51  ? 0.4334 0.4817 0.6746 -0.0252 0.0925  -0.1031 1002 PHE A CG  
376 C CD1 . PHE A 51  ? 0.4504 0.5072 0.7221 -0.0255 0.0694  -0.1000 1002 PHE A CD1 
377 C CD2 . PHE A 51  ? 0.5107 0.5437 0.7124 -0.0305 0.1059  -0.0959 1002 PHE A CD2 
378 C CE1 . PHE A 51  ? 0.4904 0.5400 0.7548 -0.0323 0.0619  -0.0950 1002 PHE A CE1 
379 C CE2 . PHE A 51  ? 0.5837 0.6076 0.7835 -0.0359 0.0992  -0.0884 1002 PHE A CE2 
380 C CZ  . PHE A 51  ? 0.5022 0.5340 0.7332 -0.0372 0.0779  -0.0903 1002 PHE A CZ  
381 N N   . PHE A 52  ? 0.3452 0.3892 0.6203 -0.0034 0.0677  -0.1230 1003 PHE A N   
382 C CA  . PHE A 52  ? 0.3855 0.4226 0.6912 0.0038  0.0711  -0.1364 1003 PHE A CA  
383 C C   . PHE A 52  ? 0.3660 0.4161 0.7231 0.0092  0.0947  -0.1509 1003 PHE A C   
384 O O   . PHE A 52  ? 0.3367 0.4049 0.7161 0.0055  0.1020  -0.1467 1003 PHE A O   
385 C CB  . PHE A 52  ? 0.3767 0.4100 0.7092 0.0083  0.0422  -0.1245 1003 PHE A CB  
386 C CG  . PHE A 52  ? 0.3537 0.3779 0.6432 0.0017  0.0250  -0.1105 1003 PHE A CG  
387 C CD1 . PHE A 52  ? 0.3817 0.3908 0.6447 -0.0021 0.0269  -0.1175 1003 PHE A CD1 
388 C CD2 . PHE A 52  ? 0.3479 0.3797 0.6246 -0.0013 0.0076  -0.0922 1003 PHE A CD2 
389 C CE1 . PHE A 52  ? 0.3682 0.3759 0.6026 -0.0097 0.0124  -0.1039 1003 PHE A CE1 
390 C CE2 . PHE A 52  ? 0.3675 0.3953 0.6101 -0.0069 -0.0026 -0.0800 1003 PHE A CE2 
391 C CZ  . PHE A 52  ? 0.3486 0.3673 0.5756 -0.0112 0.0000  -0.0846 1003 PHE A CZ  
392 N N   . GLY A 53  ? 0.4087 0.4492 0.7867 0.0174  0.1083  -0.1695 1004 GLY A N   
393 C CA  . GLY A 53  ? 0.4217 0.4763 0.8515 0.0249  0.1392  -0.1879 1004 GLY A CA  
394 C C   . GLY A 53  ? 0.4704 0.5237 0.8513 0.0157  0.1761  -0.1986 1004 GLY A C   
395 O O   . GLY A 53  ? 0.5330 0.5721 0.8923 0.0185  0.2027  -0.2206 1004 GLY A O   
396 N N   . SER A 54  ? 0.4643 0.5277 0.8220 0.0043  0.1775  -0.1827 1005 SER A N   
397 C CA  . SER A 54  ? 0.4909 0.5489 0.7970 -0.0060 0.2103  -0.1856 1005 SER A CA  
398 C C   . SER A 54  ? 0.5280 0.5587 0.7438 -0.0115 0.2031  -0.1830 1005 SER A C   
399 O O   . SER A 54  ? 0.5519 0.5709 0.7146 -0.0177 0.2293  -0.1893 1005 SER A O   
400 C CB  . SER A 54  ? 0.4558 0.5286 0.7747 -0.0170 0.2128  -0.1676 1005 SER A CB  
401 O OG  . SER A 54  ? 0.4199 0.4864 0.7198 -0.0190 0.1771  -0.1497 1005 SER A OG  
402 N N   . HIS A 55  ? 0.5086 0.5314 0.7077 -0.0102 0.1676  -0.1723 1006 HIS A N   
403 C CA  . HIS A 55  ? 0.5425 0.5464 0.6709 -0.0148 0.1544  -0.1697 1006 HIS A CA  
404 C C   . HIS A 55  ? 0.5661 0.5648 0.6383 -0.0228 0.1626  -0.1550 1006 HIS A C   
405 O O   . HIS A 55  ? 0.6123 0.5951 0.6223 -0.0273 0.1702  -0.1594 1006 HIS A O   
406 C CB  . HIS A 55  ? 0.5891 0.5736 0.6895 -0.0140 0.1644  -0.1950 1006 HIS A CB  
407 C CG  . HIS A 55  ? 0.5878 0.5704 0.7476 -0.0042 0.1657  -0.2127 1006 HIS A CG  
408 N ND1 . HIS A 55  ? 0.6792 0.6525 0.8482 0.0014  0.1965  -0.2404 1006 HIS A ND1 
409 C CD2 . HIS A 55  ? 0.5598 0.5451 0.7709 0.0021  0.1405  -0.2058 1006 HIS A CD2 
410 C CE1 . HIS A 55  ? 0.6700 0.6402 0.9009 0.0128  0.1889  -0.2504 1006 HIS A CE1 
411 N NE2 . HIS A 55  ? 0.6164 0.5931 0.8724 0.0126  0.1537  -0.2273 1006 HIS A NE2 
412 N N   . ASP A 56  ? 0.5636 0.5714 0.6550 -0.0248 0.1600  -0.1375 1007 ASP A N   
413 C CA  . ASP A 56  ? 0.5701 0.5659 0.6111 -0.0309 0.1647  -0.1206 1007 ASP A CA  
414 C C   . ASP A 56  ? 0.4575 0.4553 0.5053 -0.0281 0.1385  -0.1026 1007 ASP A C   
415 O O   . ASP A 56  ? 0.4110 0.4214 0.5033 -0.0244 0.1227  -0.1027 1007 ASP A O   
416 C CB  . ASP A 56  ? 0.6524 0.6469 0.6963 -0.0393 0.1999  -0.1188 1007 ASP A CB  
417 C CG  . ASP A 56  ? 0.6715 0.6890 0.7958 -0.0399 0.2107  -0.1257 1007 ASP A CG  
418 O OD1 . ASP A 56  ? 0.6498 0.6795 0.8187 -0.0352 0.1846  -0.1228 1007 ASP A OD1 
419 O OD2 . ASP A 56  ? 0.6634 0.6886 0.8061 -0.0456 0.2458  -0.1338 1007 ASP A OD2 
420 N N   . TYR A 57  ? 0.4592 0.4429 0.4587 -0.0286 0.1329  -0.0874 1008 TYR A N   
421 C CA  . TYR A 57  ? 0.4392 0.4219 0.4408 -0.0228 0.1110  -0.0724 1008 TYR A CA  
422 C C   . TYR A 57  ? 0.4892 0.4593 0.4988 -0.0273 0.1223  -0.0611 1008 TYR A C   
423 O O   . TYR A 57  ? 0.4994 0.4566 0.4910 -0.0355 0.1448  -0.0566 1008 TYR A O   
424 C CB  . TYR A 57  ? 0.4582 0.4336 0.4127 -0.0177 0.0945  -0.0613 1008 TYR A CB  
425 C CG  . TYR A 57  ? 0.4845 0.4707 0.4300 -0.0170 0.0797  -0.0721 1008 TYR A CG  
426 C CD1 . TYR A 57  ? 0.5216 0.4992 0.4321 -0.0233 0.0893  -0.0851 1008 TYR A CD1 
427 C CD2 . TYR A 57  ? 0.4390 0.4411 0.4077 -0.0119 0.0580  -0.0702 1008 TYR A CD2 
428 C CE1 . TYR A 57  ? 0.5497 0.5323 0.4529 -0.0251 0.0729  -0.0980 1008 TYR A CE1 
429 C CE2 . TYR A 57  ? 0.4595 0.4707 0.4266 -0.0147 0.0436  -0.0790 1008 TYR A CE2 
430 C CZ  . TYR A 57  ? 0.4921 0.4922 0.4282 -0.0216 0.0489  -0.0936 1008 TYR A CZ  
431 O OH  . TYR A 57  ? 0.4440 0.4501 0.3824 -0.0261 0.0311  -0.1031 1008 TYR A OH  
432 N N   . TYR A 58  ? 0.5131 0.4843 0.5478 -0.0236 0.1082  -0.0574 1009 TYR A N   
433 C CA  . TYR A 58  ? 0.5384 0.4896 0.5759 -0.0280 0.1146  -0.0477 1009 TYR A CA  
434 C C   . TYR A 58  ? 0.5173 0.4637 0.5568 -0.0177 0.0940  -0.0446 1009 TYR A C   
435 O O   . TYR A 58  ? 0.4576 0.4222 0.5085 -0.0107 0.0787  -0.0514 1009 TYR A O   
436 C CB  . TYR A 58  ? 0.5737 0.5310 0.6562 -0.0415 0.1300  -0.0554 1009 TYR A CB  
437 C CG  . TYR A 58  ? 0.6414 0.5839 0.7132 -0.0550 0.1597  -0.0471 1009 TYR A CG  
438 N N   . TRP A 59  ? 0.5206 0.4392 0.5455 -0.0164 0.0966  -0.0337 1010 TRP A N   
439 C CA  . TRP A 59  ? 0.5462 0.4524 0.5730 -0.0061 0.0838  -0.0337 1010 TRP A CA  
440 C C   . TRP A 59  ? 0.5309 0.4335 0.5889 -0.0160 0.0819  -0.0470 1010 TRP A C   
441 O O   . TRP A 59  ? 0.4940 0.3876 0.5704 -0.0314 0.0928  -0.0480 1010 TRP A O   
442 C CB  . TRP A 59  ? 0.5629 0.4341 0.5642 0.0005  0.0869  -0.0168 1010 TRP A CB  
443 C CG  . TRP A 59  ? 0.5699 0.4463 0.5405 0.0125  0.0798  -0.0025 1010 TRP A CG  
444 C CD1 . TRP A 59  ? 0.5738 0.4462 0.5125 0.0064  0.0866  0.0090  1010 TRP A CD1 
445 C CD2 . TRP A 59  ? 0.5391 0.4272 0.5084 0.0320  0.0634  0.0015  1010 TRP A CD2 
446 N NE1 . TRP A 59  ? 0.5863 0.4655 0.5013 0.0200  0.0699  0.0203  1010 TRP A NE1 
447 C CE2 . TRP A 59  ? 0.5487 0.4405 0.4885 0.0361  0.0556  0.0164  1010 TRP A CE2 
448 C CE3 . TRP A 59  ? 0.5592 0.4554 0.5486 0.0458  0.0558  -0.0065 1010 TRP A CE3 
449 C CZ2 . TRP A 59  ? 0.5570 0.4654 0.4982 0.0538  0.0366  0.0249  1010 TRP A CZ2 
450 C CZ3 . TRP A 59  ? 0.5901 0.5040 0.5826 0.0644  0.0435  0.0013  1010 TRP A CZ3 
451 C CH2 . TRP A 59  ? 0.5728 0.4952 0.5466 0.0679  0.0321  0.0172  1010 TRP A CH2 
452 N N   . VAL A 60  ? 0.4967 0.4080 0.5597 -0.0089 0.0679  -0.0572 1011 VAL A N   
453 C CA  . VAL A 60  ? 0.4889 0.3985 0.5735 -0.0191 0.0595  -0.0713 1011 VAL A CA  
454 C C   . VAL A 60  ? 0.5190 0.4068 0.5858 -0.0102 0.0515  -0.0797 1011 VAL A C   
455 O O   . VAL A 60  ? 0.4806 0.3688 0.5274 0.0069  0.0523  -0.0760 1011 VAL A O   
456 C CB  . VAL A 60  ? 0.4672 0.4105 0.5723 -0.0225 0.0485  -0.0782 1011 VAL A CB  
457 C CG1 . VAL A 60  ? 0.4905 0.4519 0.6189 -0.0298 0.0602  -0.0750 1011 VAL A CG1 
458 C CG2 . VAL A 60  ? 0.4315 0.3905 0.5172 -0.0091 0.0405  -0.0763 1011 VAL A CG2 
459 N N   . HIS A 61  ? 0.5336 0.4036 0.6105 -0.0223 0.0445  -0.0926 1012 HIS A N   
460 C CA  . HIS A 61  ? 0.6181 0.4643 0.6734 -0.0167 0.0366  -0.1078 1012 HIS A CA  
461 C C   . HIS A 61  ? 0.5765 0.4481 0.6169 -0.0117 0.0248  -0.1150 1012 HIS A C   
462 O O   . HIS A 61  ? 0.4944 0.3911 0.5511 -0.0222 0.0119  -0.1156 1012 HIS A O   
463 C CB  . HIS A 61  ? 0.6477 0.4663 0.7160 -0.0356 0.0280  -0.1223 1012 HIS A CB  
464 C CG  . HIS A 61  ? 0.7763 0.5685 0.8643 -0.0468 0.0409  -0.1130 1012 HIS A CG  
465 N ND1 . HIS A 61  ? 0.8744 0.6449 0.9478 -0.0346 0.0569  -0.0963 1012 HIS A ND1 
466 C CD2 . HIS A 61  ? 0.8861 0.6709 1.0084 -0.0706 0.0402  -0.1155 1012 HIS A CD2 
467 C CE1 . HIS A 61  ? 0.9047 0.6505 0.9949 -0.0507 0.0671  -0.0873 1012 HIS A CE1 
468 N NE2 . HIS A 61  ? 0.9587 0.7147 1.0821 -0.0736 0.0593  -0.0992 1012 HIS A NE2 
469 N N   . GLN A 62  ? 0.5887 0.4519 0.6000 0.0045  0.0301  -0.1200 1013 GLN A N   
470 C CA  . GLN A 62  ? 0.5821 0.4648 0.5699 0.0093  0.0248  -0.1252 1013 GLN A CA  
471 C C   . GLN A 62  ? 0.5712 0.4482 0.5470 -0.0066 0.0045  -0.1391 1013 GLN A C   
472 O O   . GLN A 62  ? 0.5639 0.4652 0.5312 -0.0097 -0.0064 -0.1341 1013 GLN A O   
473 C CB  . GLN A 62  ? 0.6269 0.4987 0.5885 0.0291  0.0400  -0.1321 1013 GLN A CB  
474 C CG  . GLN A 62  ? 0.7038 0.5306 0.6430 0.0310  0.0422  -0.1544 1013 GLN A CG  
475 C CD  . GLN A 62  ? 0.7630 0.5783 0.6818 0.0547  0.0622  -0.1647 1013 GLN A CD  
476 O OE1 . GLN A 62  ? 0.8070 0.5824 0.7023 0.0579  0.0660  -0.1874 1013 GLN A OE1 
477 N NE2 . GLN A 62  ? 0.7309 0.5819 0.6619 0.0706  0.0751  -0.1503 1013 GLN A NE2 
478 N N   . GLY A 63  ? 0.5555 0.4010 0.5335 -0.0181 -0.0035 -0.1542 1014 GLY A N   
479 C CA  . GLY A 63  ? 0.5992 0.4406 0.5704 -0.0360 -0.0297 -0.1681 1014 GLY A CA  
480 C C   . GLY A 63  ? 0.5846 0.4602 0.5987 -0.0500 -0.0490 -0.1570 1014 GLY A C   
481 O O   . GLY A 63  ? 0.5883 0.4687 0.5981 -0.0619 -0.0763 -0.1642 1014 GLY A O   
482 N N   . ARG A 64  ? 0.5302 0.4295 0.5841 -0.0469 -0.0358 -0.1399 1015 ARG A N   
483 C CA  A ARG A 64  ? 0.4863 0.4167 0.5909 -0.0568 -0.0470 -0.1316 1015 ARG A CA  
484 C CA  B ARG A 64  ? 0.4830 0.4134 0.5878 -0.0567 -0.0466 -0.1315 1015 ARG A CA  
485 C C   . ARG A 64  ? 0.4523 0.4118 0.5572 -0.0464 -0.0478 -0.1172 1015 ARG A C   
486 O O   . ARG A 64  ? 0.4033 0.3869 0.5504 -0.0492 -0.0527 -0.1101 1015 ARG A O   
487 C CB  A ARG A 64  ? 0.4842 0.4150 0.6318 -0.0635 -0.0276 -0.1264 1015 ARG A CB  
488 C CB  B ARG A 64  ? 0.4736 0.4048 0.6196 -0.0622 -0.0261 -0.1255 1015 ARG A CB  
489 C CG  A ARG A 64  ? 0.5282 0.4367 0.6984 -0.0823 -0.0333 -0.1384 1015 ARG A CG  
490 C CG  B ARG A 64  ? 0.5189 0.4172 0.6722 -0.0759 -0.0232 -0.1360 1015 ARG A CG  
491 C CD  A ARG A 64  ? 0.5246 0.4269 0.7272 -0.0901 -0.0077 -0.1297 1015 ARG A CD  
492 C CD  B ARG A 64  ? 0.5294 0.4397 0.7334 -0.0981 -0.0430 -0.1446 1015 ARG A CD  
493 N NE  A ARG A 64  ? 0.5204 0.4573 0.7524 -0.0859 0.0079  -0.1163 1015 ARG A NE  
494 N NE  B ARG A 64  ? 0.6055 0.4783 0.8126 -0.1139 -0.0424 -0.1563 1015 ARG A NE  
495 C CZ  A ARG A 64  ? 0.4609 0.3954 0.6724 -0.0748 0.0316  -0.1037 1015 ARG A CZ  
496 C CZ  B ARG A 64  ? 0.6215 0.4741 0.8435 -0.1197 -0.0171 -0.1482 1015 ARG A CZ  
497 N NH1 A ARG A 64  ? 0.4326 0.3357 0.6002 -0.0644 0.0415  -0.0985 1015 ARG A NH1 
498 N NH1 B ARG A 64  ? 0.5899 0.4586 0.8197 -0.1111 0.0087  -0.1297 1015 ARG A NH1 
499 N NH2 A ARG A 64  ? 0.4090 0.3724 0.6456 -0.0733 0.0440  -0.0974 1015 ARG A NH2 
500 N NH2 B ARG A 64  ? 0.6980 0.5103 0.9231 -0.1352 -0.0183 -0.1581 1015 ARG A NH2 
501 N N   . VAL A 65  ? 0.4742 0.4299 0.5344 -0.0348 -0.0420 -0.1137 1016 VAL A N   
502 C CA  . VAL A 65  ? 0.4610 0.4391 0.5212 -0.0267 -0.0388 -0.0988 1016 VAL A CA  
503 C C   . VAL A 65  ? 0.5290 0.5067 0.5480 -0.0261 -0.0526 -0.0959 1016 VAL A C   
504 O O   . VAL A 65  ? 0.5083 0.4698 0.4814 -0.0224 -0.0457 -0.1043 1016 VAL A O   
505 C CB  . VAL A 65  ? 0.4184 0.3983 0.4690 -0.0148 -0.0145 -0.0926 1016 VAL A CB  
506 C CG1 . VAL A 65  ? 0.4321 0.4338 0.4864 -0.0106 -0.0137 -0.0792 1016 VAL A CG1 
507 C CG2 . VAL A 65  ? 0.4200 0.3944 0.4959 -0.0154 0.0002  -0.0924 1016 VAL A CG2 
508 N N   . PHE A 66  ? 0.4755 0.4691 0.5107 -0.0288 -0.0697 -0.0835 1017 PHE A N   
509 C CA  . PHE A 66  ? 0.5375 0.5287 0.5329 -0.0308 -0.0857 -0.0747 1017 PHE A CA  
510 C C   . PHE A 66  ? 0.5421 0.5477 0.5508 -0.0271 -0.0832 -0.0544 1017 PHE A C   
511 O O   . PHE A 66  ? 0.4462 0.4636 0.5039 -0.0247 -0.0806 -0.0504 1017 PHE A O   
512 C CB  . PHE A 66  ? 0.5790 0.5669 0.5787 -0.0406 -0.1210 -0.0775 1017 PHE A CB  
513 C CG  . PHE A 66  ? 0.6338 0.6034 0.6175 -0.0484 -0.1280 -0.0993 1017 PHE A CG  
514 C CD1 . PHE A 66  ? 0.6211 0.5925 0.6559 -0.0533 -0.1231 -0.1103 1017 PHE A CD1 
515 C CD2 . PHE A 66  ? 0.6904 0.6371 0.6043 -0.0522 -0.1358 -0.1100 1017 PHE A CD2 
516 C CE1 . PHE A 66  ? 0.6457 0.5946 0.6681 -0.0631 -0.1289 -0.1308 1017 PHE A CE1 
517 C CE2 . PHE A 66  ? 0.7615 0.6844 0.6590 -0.0603 -0.1421 -0.1344 1017 PHE A CE2 
518 C CZ  . PHE A 66  ? 0.6945 0.6178 0.6493 -0.0665 -0.1403 -0.1442 1017 PHE A CZ  
519 N N   . PRO A 67  ? 0.5844 0.5864 0.5479 -0.0277 -0.0821 -0.0423 1018 PRO A N   
520 C CA  . PRO A 67  ? 0.5652 0.5759 0.5406 -0.0273 -0.0790 -0.0217 1018 PRO A CA  
521 C C   . PRO A 67  ? 0.5445 0.5561 0.5610 -0.0287 -0.1051 -0.0096 1018 PRO A C   
522 O O   . PRO A 67  ? 0.5809 0.5873 0.5952 -0.0316 -0.1326 -0.0089 1018 PRO A O   
523 C CB  . PRO A 67  ? 0.6149 0.6176 0.5270 -0.0317 -0.0759 -0.0100 1018 PRO A CB  
524 C CG  . PRO A 67  ? 0.6803 0.6758 0.5530 -0.0288 -0.0603 -0.0307 1018 PRO A CG  
525 C CD  . PRO A 67  ? 0.6401 0.6277 0.5366 -0.0295 -0.0777 -0.0487 1018 PRO A CD  
526 N N   . TYR A 68  ? 0.5115 0.5291 0.5676 -0.0257 -0.0979 -0.0021 1019 TYR A N   
527 C CA  . TYR A 68  ? 0.4879 0.5014 0.5830 -0.0241 -0.1190 0.0112  1019 TYR A CA  
528 C C   . TYR A 68  ? 0.5520 0.5516 0.6115 -0.0296 -0.1278 0.0372  1019 TYR A C   
529 O O   . TYR A 68  ? 0.6033 0.6032 0.6433 -0.0341 -0.1071 0.0444  1019 TYR A O   
530 C CB  . TYR A 68  ? 0.4684 0.4879 0.6130 -0.0192 -0.1023 0.0032  1019 TYR A CB  
531 C CG  . TYR A 68  ? 0.4662 0.4792 0.6615 -0.0138 -0.1159 0.0100  1019 TYR A CG  
532 C CD1 . TYR A 68  ? 0.4562 0.4521 0.6476 -0.0163 -0.1221 0.0299  1019 TYR A CD1 
533 C CD2 . TYR A 68  ? 0.4210 0.4434 0.6725 -0.0062 -0.1181 -0.0042 1019 TYR A CD2 
534 C CE1 . TYR A 68  ? 0.4597 0.4431 0.7007 -0.0093 -0.1332 0.0344  1019 TYR A CE1 
535 C CE2 . TYR A 68  ? 0.4415 0.4573 0.7451 0.0022  -0.1268 -0.0008 1019 TYR A CE2 
536 C CZ  . TYR A 68  ? 0.4477 0.4409 0.7444 0.0015  -0.1351 0.0179  1019 TYR A CZ  
537 O OH  . TYR A 68  ? 0.4765 0.4555 0.8256 0.0114  -0.1433 0.0204  1019 TYR A OH  
538 N N   . VAL A 69  ? 0.5739 0.5622 0.6271 -0.0303 -0.1594 0.0534  1020 VAL A N   
539 C CA  . VAL A 69  ? 0.6428 0.6125 0.6473 -0.0374 -0.1704 0.0821  1020 VAL A CA  
540 C C   . VAL A 69  ? 0.6920 0.6482 0.7446 -0.0320 -0.1950 0.1016  1020 VAL A C   
541 O O   . VAL A 69  ? 0.6572 0.6172 0.7520 -0.0237 -0.2228 0.0987  1020 VAL A O   
542 C CB  . VAL A 69  ? 0.7063 0.6681 0.6467 -0.0426 -0.1928 0.0861  1020 VAL A CB  
543 C CG1 . VAL A 69  ? 0.7899 0.7280 0.6734 -0.0507 -0.2094 0.1212  1020 VAL A CG1 
544 C CG2 . VAL A 69  ? 0.7064 0.6760 0.6007 -0.0458 -0.1661 0.0626  1020 VAL A CG2 
545 N N   . GLU A 70  ? 0.6914 0.6320 0.7435 -0.0370 -0.1845 0.1212  1021 GLU A N   
546 C CA  A GLU A 70  ? 0.7297 0.6475 0.8236 -0.0318 -0.2063 0.1422  1021 GLU A CA  
547 C CA  B GLU A 70  ? 0.7229 0.6428 0.8244 -0.0311 -0.2028 0.1383  1021 GLU A CA  
548 C C   A GLU A 70  ? 0.8103 0.7127 0.8815 -0.0293 -0.2492 0.1676  1021 GLU A C   
549 C C   B GLU A 70  ? 0.8028 0.7106 0.9140 -0.0229 -0.2474 0.1573  1021 GLU A C   
550 O O   A GLU A 70  ? 0.8301 0.7264 0.8248 -0.0395 -0.2562 0.1819  1021 GLU A O   
551 O O   B GLU A 70  ? 0.7965 0.7086 0.9796 -0.0084 -0.2634 0.1491  1021 GLU A O   
552 C CB  . GLU A 70  ? 0.7648 0.6624 0.8442 -0.0438 -0.1891 0.1632  1021 GLU A CB  
553 C CG  . GLU A 70  ? 0.7979 0.6628 0.9239 -0.0392 -0.2076 0.1836  1021 GLU A CG  
554 C CD  . GLU A 70  ? 0.8059 0.6508 0.9263 -0.0548 -0.1877 0.1996  1021 GLU A CD  
555 O OE1 . GLU A 70  ? 0.7664 0.6255 0.8442 -0.0706 -0.1613 0.2019  1021 GLU A OE1 
556 O OE2 . GLU A 70  ? 0.8576 0.6721 1.0232 -0.0510 -0.1988 0.2091  1021 GLU A OE2 
557 N N   A GLY A 71  ? 0.8263 0.7231 0.9636 -0.0149 -0.2780 0.1722  1022 GLY A N   
558 N N   B GLY A 71  ? 0.8588 0.7542 0.8983 -0.0317 -0.2670 0.1810  1022 GLY A N   
559 C CA  A GLY A 71  ? 0.8749 0.7594 1.0060 -0.0095 -0.3264 0.1984  1022 GLY A CA  
560 C CA  B GLY A 71  ? 0.9156 0.7945 0.9534 -0.0259 -0.3161 0.2075  1022 GLY A CA  
561 C C   A GLY A 71  ? 0.8614 0.7753 1.0086 -0.0045 -0.3505 0.1787  1022 GLY A C   
562 C C   B GLY A 71  ? 0.9190 0.8204 0.9650 -0.0205 -0.3467 0.1908  1022 GLY A C   
563 O O   A GLY A 71  ? 0.8397 0.7603 1.0482 0.0088  -0.3871 0.1846  1022 GLY A O   
564 O O   B GLY A 71  ? 0.9514 0.8418 0.9640 -0.0215 -0.3898 0.2127  1022 GLY A O   
565 N N   A ASP A 72  ? 0.6150 0.9951 1.1500 -0.1734 -0.0128 0.1218  1023 ASP A N   
566 N N   B ASP A 72  ? 0.6201 0.9980 1.1536 -0.1741 -0.0124 0.1157  1023 ASP A N   
567 C CA  A ASP A 72  ? 0.6082 1.0241 1.1035 -0.1840 -0.0091 0.0898  1023 ASP A CA  
568 C CA  B ASP A 72  ? 0.6107 1.0253 1.1065 -0.1838 -0.0091 0.0891  1023 ASP A CA  
569 C C   . ASP A 72  ? 0.6105 0.9379 1.0977 -0.1573 -0.0165 0.0780  1023 ASP A C   
570 O O   . ASP A 72  ? 0.6612 0.9276 1.1415 -0.1467 -0.0169 0.0321  1023 ASP A O   
571 C CB  . ASP A 72  ? 0.5963 1.0347 1.0800 -0.2033 0.0066  0.0188  1023 ASP A CB  
572 N N   . LYS A 73  ? 0.5979 0.9306 1.0967 -0.1486 -0.0209 0.1262  1024 LYS A N   
573 C CA  . LYS A 73  ? 0.5969 0.8605 1.0878 -0.1279 -0.0253 0.1159  1024 LYS A CA  
574 C C   . LYS A 73  ? 0.5885 0.8841 1.0357 -0.1357 -0.0245 0.0872  1024 LYS A C   
575 O O   . LYS A 73  ? 0.5477 0.8107 0.9877 -0.1221 -0.0283 0.0927  1024 LYS A O   
576 C CB  . LYS A 73  ? 0.6167 0.8698 1.1618 -0.1156 -0.0226 0.1759  1024 LYS A CB  
577 N N   . SER A 74  ? 0.6082 0.9657 1.0360 -0.1598 -0.0143 0.0480  1025 SER A N   
578 C CA  . SER A 74  ? 0.5883 0.9856 0.9911 -0.1750 -0.0039 0.0072  1025 SER A CA  
579 C C   . SER A 74  ? 0.5908 0.8942 0.9930 -0.1488 -0.0084 -0.0190 1025 SER A C   
580 O O   . SER A 74  ? 0.5711 0.8759 0.9544 -0.1446 -0.0109 -0.0144 1025 SER A O   
581 C CB  . SER A 74  ? 0.5912 1.0503 1.0029 -0.2073 0.0201  -0.0536 1025 SER A CB  
582 N N   . PHE A 75  ? 0.5434 0.7769 0.9696 -0.1334 -0.0107 -0.0398 1026 PHE A N   
583 C CA  . PHE A 75  ? 0.5256 0.6927 0.9602 -0.1135 -0.0171 -0.0535 1026 PHE A CA  
584 C C   . PHE A 75  ? 0.4846 0.6050 0.8974 -0.0958 -0.0344 -0.0232 1026 PHE A C   
585 O O   . PHE A 75  ? 0.4614 0.5580 0.8623 -0.0864 -0.0390 -0.0269 1026 PHE A O   
586 C CB  . PHE A 75  ? 0.5305 0.6609 1.0064 -0.1060 -0.0188 -0.0640 1026 PHE A CB  
587 C CG  . PHE A 75  ? 0.5405 0.7019 1.0685 -0.1208 0.0060  -0.1012 1026 PHE A CG  
588 C CD1 . PHE A 75  ? 0.5372 0.6981 1.1170 -0.1221 0.0262  -0.1322 1026 PHE A CD1 
589 C CD2 . PHE A 75  ? 0.5488 0.7390 1.0912 -0.1345 0.0143  -0.1080 1026 PHE A CD2 
590 C CE1 . PHE A 75  ? 0.5543 0.7408 1.2129 -0.1382 0.0606  -0.1763 1026 PHE A CE1 
591 C CE2 . PHE A 75  ? 0.5453 0.7649 1.1503 -0.1513 0.0444  -0.1518 1026 PHE A CE2 
592 C CZ  . PHE A 75  ? 0.5582 0.7742 1.2283 -0.1537 0.0705  -0.1891 1026 PHE A CZ  
593 N N   . ALA A 76  ? 0.4559 0.5642 0.8755 -0.0937 -0.0392 0.0015  1027 ALA A N   
594 C CA  . ALA A 76  ? 0.4743 0.5396 0.8974 -0.0836 -0.0441 0.0159  1027 ALA A CA  
595 C C   . ALA A 76  ? 0.4970 0.5742 0.9133 -0.0788 -0.0410 0.0381  1027 ALA A C   
596 O O   . ALA A 76  ? 0.4675 0.5116 0.8728 -0.0708 -0.0437 0.0281  1027 ALA A O   
597 C CB  . ALA A 76  ? 0.4979 0.5537 0.9559 -0.0864 -0.0390 0.0325  1027 ALA A CB  
598 N N   . GLU A 77  ? 0.5456 0.6852 0.9695 -0.0873 -0.0362 0.0714  1028 GLU A N   
599 C CA  . GLU A 77  ? 0.6483 0.8227 1.0789 -0.0858 -0.0343 0.1100  1028 GLU A CA  
600 C C   . GLU A 77  ? 0.6379 0.8258 1.0238 -0.0881 -0.0371 0.0828  1028 GLU A C   
601 O O   . GLU A 77  ? 0.6101 0.7719 0.9943 -0.0766 -0.0385 0.0910  1028 GLU A O   
602 C CB  . GLU A 77  ? 0.7159 0.9875 1.1721 -0.1023 -0.0317 0.1671  1028 GLU A CB  
603 C CG  . GLU A 77  ? 0.7850 1.0383 1.3160 -0.0942 -0.0251 0.2140  1028 GLU A CG  
604 C CD  . GLU A 77  ? 0.8545 1.2127 1.4103 -0.1142 -0.0255 0.2698  1028 GLU A CD  
605 O OE1 . GLU A 77  ? 0.8952 1.3609 1.4097 -0.1395 -0.0304 0.2793  1028 GLU A OE1 
606 O OE2 . GLU A 77  ? 0.9596 1.3030 1.5791 -0.1096 -0.0188 0.3017  1028 GLU A OE2 
607 N N   . GLY A 78  ? 0.6106 0.8356 0.9727 -0.1042 -0.0328 0.0445  1029 GLY A N   
608 C CA  . GLY A 78  ? 0.5700 0.7894 0.9117 -0.1058 -0.0283 0.0038  1029 GLY A CA  
609 C C   . GLY A 78  ? 0.5610 0.6964 0.9007 -0.0821 -0.0378 -0.0041 1029 GLY A C   
610 O O   . GLY A 78  ? 0.6149 0.7439 0.9385 -0.0762 -0.0395 -0.0032 1029 GLY A O   
611 N N   . GLN A 79  ? 0.5064 0.5912 0.8606 -0.0729 -0.0444 -0.0099 1030 GLN A N   
612 C CA  . GLN A 79  ? 0.4894 0.5265 0.8389 -0.0615 -0.0541 -0.0170 1030 GLN A CA  
613 C C   . GLN A 79  ? 0.5140 0.5272 0.8546 -0.0553 -0.0553 -0.0033 1030 GLN A C   
614 O O   . GLN A 79  ? 0.4724 0.4738 0.7965 -0.0501 -0.0583 -0.0084 1030 GLN A O   
615 C CB  . GLN A 79  ? 0.4807 0.5015 0.8496 -0.0630 -0.0619 -0.0232 1030 GLN A CB  
616 C CG  . GLN A 79  ? 0.4261 0.4628 0.8309 -0.0649 -0.0564 -0.0345 1030 GLN A CG  
617 C CD  . GLN A 79  ? 0.4453 0.4809 0.8687 -0.0591 -0.0534 -0.0399 1030 GLN A CD  
618 O OE1 . GLN A 79  ? 0.4158 0.4414 0.8364 -0.0538 -0.0672 -0.0241 1030 GLN A OE1 
619 N NE2 . GLN A 79  ? 0.4689 0.5257 0.9171 -0.0654 -0.0322 -0.0649 1030 GLN A NE2 
620 N N   A THR A 80  ? 0.5170 0.5238 0.8833 -0.0566 -0.0483 0.0132  1031 THR A N   
621 N N   B THR A 80  ? 0.5280 0.5346 0.8942 -0.0565 -0.0484 0.0131  1031 THR A N   
622 C CA  A THR A 80  ? 0.5328 0.5138 0.9255 -0.0525 -0.0378 0.0206  1031 THR A CA  
623 C CA  B THR A 80  ? 0.5517 0.5319 0.9431 -0.0526 -0.0382 0.0193  1031 THR A CA  
624 C C   A THR A 80  ? 0.5293 0.5287 0.9189 -0.0447 -0.0356 0.0459  1031 THR A C   
625 C C   B THR A 80  ? 0.5417 0.5408 0.9330 -0.0447 -0.0352 0.0465  1031 THR A C   
626 O O   A THR A 80  ? 0.5326 0.5070 0.9225 -0.0402 -0.0315 0.0358  1031 THR A O   
627 O O   B THR A 80  ? 0.5470 0.5206 0.9422 -0.0401 -0.0301 0.0379  1031 THR A O   
628 C CB  A THR A 80  ? 0.5468 0.5209 1.0047 -0.0546 -0.0213 0.0409  1031 THR A CB  
629 C CB  B THR A 80  ? 0.5805 0.5495 1.0346 -0.0559 -0.0220 0.0329  1031 THR A CB  
630 O OG1 A THR A 80  ? 0.5268 0.5456 1.0161 -0.0503 -0.0177 0.0958  1031 THR A OG1 
631 O OG1 B THR A 80  ? 0.5893 0.5418 1.0408 -0.0680 -0.0230 -0.0019 1031 THR A OG1 
632 C CG2 A THR A 80  ? 0.5399 0.5122 0.9985 -0.0640 -0.0248 0.0238  1031 THR A CG2 
633 C CG2 B THR A 80  ? 0.5916 0.5355 1.1096 -0.0518 0.0008  0.0415  1031 THR A CG2 
634 N N   . SER A 81  ? 0.5139 0.5708 0.9005 -0.0485 -0.0375 0.0774  1032 SER A N   
635 C CA  . SER A 81  ? 0.5879 0.6876 0.9696 -0.0476 -0.0375 0.1071  1032 SER A CA  
636 C C   . SER A 81  ? 0.5808 0.6693 0.9109 -0.0461 -0.0439 0.0708  1032 SER A C   
637 O O   . SER A 81  ? 0.5947 0.6804 0.9250 -0.0394 -0.0428 0.0833  1032 SER A O   
638 C CB  . SER A 81  ? 0.6167 0.8163 1.0058 -0.0641 -0.0382 0.1520  1032 SER A CB  
639 O OG  . SER A 81  ? 0.6668 0.9149 1.0065 -0.0836 -0.0403 0.1142  1032 SER A OG  
640 N N   . ILE A 82  ? 0.5767 0.6565 0.8802 -0.0509 -0.0477 0.0307  1033 ILE A N   
641 C CA  . ILE A 82  ? 0.5626 0.6200 0.8447 -0.0464 -0.0509 0.0017  1033 ILE A CA  
642 C C   . ILE A 82  ? 0.5654 0.5702 0.8456 -0.0358 -0.0568 -0.0013 1033 ILE A C   
643 O O   . ILE A 82  ? 0.5578 0.5528 0.8229 -0.0306 -0.0584 -0.0044 1033 ILE A O   
644 C CB  . ILE A 82  ? 0.5611 0.6153 0.8561 -0.0509 -0.0489 -0.0287 1033 ILE A CB  
645 C CG1 . ILE A 82  ? 0.5313 0.6435 0.8377 -0.0699 -0.0333 -0.0483 1033 ILE A CG1 
646 C CG2 . ILE A 82  ? 0.5602 0.5943 0.8602 -0.0439 -0.0504 -0.0423 1033 ILE A CG2 
647 C CD1 . ILE A 82  ? 0.5142 0.6163 0.8653 -0.0734 -0.0233 -0.0765 1033 ILE A CD1 
648 N N   . ASN A 83  ? 0.5436 0.5254 0.8385 -0.0383 -0.0578 -0.0065 1034 ASN A N   
649 C CA  . ASN A 83  ? 0.5500 0.5074 0.8419 -0.0423 -0.0589 -0.0231 1034 ASN A CA  
650 C C   . ASN A 83  ? 0.5772 0.5175 0.8877 -0.0387 -0.0443 -0.0198 1034 ASN A C   
651 O O   . ASN A 83  ? 0.6046 0.5355 0.9044 -0.0441 -0.0422 -0.0402 1034 ASN A O   
652 C CB  . ASN A 83  ? 0.5537 0.5088 0.8622 -0.0561 -0.0576 -0.0377 1034 ASN A CB  
653 C CG  . ASN A 83  ? 0.5738 0.5508 0.8754 -0.0612 -0.0734 -0.0363 1034 ASN A CG  
654 O OD1 . ASN A 83  ? 0.5210 0.5097 0.8191 -0.0551 -0.0823 -0.0275 1034 ASN A OD1 
655 N ND2 . ASN A 83  ? 0.5317 0.5158 0.8480 -0.0727 -0.0735 -0.0423 1034 ASN A ND2 
656 N N   . LYS A 84  ? 0.5854 0.5317 0.9362 -0.0323 -0.0326 0.0108  1035 LYS A N   
657 C CA  . LYS A 84  ? 0.6598 0.5942 1.0646 -0.0257 -0.0136 0.0301  1035 LYS A CA  
658 C C   . LYS A 84  ? 0.6482 0.5961 1.0213 -0.0176 -0.0209 0.0417  1035 LYS A C   
659 O O   . LYS A 84  ? 0.7227 0.6470 1.1055 -0.0159 -0.0113 0.0255  1035 LYS A O   
660 C CB  . LYS A 84  ? 0.6628 0.6215 1.1395 -0.0209 -0.0020 0.0838  1035 LYS A CB  
661 N N   . THR A 85  ? 0.5893 0.5820 0.9256 -0.0176 -0.0347 0.0609  1036 THR A N   
662 C CA  . THR A 85  ? 0.5626 0.5783 0.8638 -0.0153 -0.0412 0.0636  1036 THR A CA  
663 C C   . THR A 85  ? 0.5552 0.5332 0.8218 -0.0126 -0.0464 0.0262  1036 THR A C   
664 O O   . THR A 85  ? 0.5722 0.5539 0.8244 -0.0081 -0.0472 0.0287  1036 THR A O   
665 C CB  . THR A 85  ? 0.5320 0.6077 0.8002 -0.0277 -0.0479 0.0615  1036 THR A CB  
666 O OG1 . THR A 85  ? 0.4696 0.6021 0.7646 -0.0373 -0.0452 0.0995  1036 THR A OG1 
667 C CG2 . THR A 85  ? 0.5374 0.6547 0.7797 -0.0324 -0.0489 0.0631  1036 THR A CG2 
668 N N   . PHE A 86  ? 0.5710 0.5260 0.8271 -0.0180 -0.0515 -0.0015 1037 PHE A N   
669 C CA  . PHE A 86  ? 0.5489 0.4945 0.7782 -0.0207 -0.0602 -0.0228 1037 PHE A CA  
670 C C   . PHE A 86  ? 0.5530 0.4817 0.7875 -0.0228 -0.0500 -0.0342 1037 PHE A C   
671 O O   . PHE A 86  ? 0.5505 0.4812 0.7627 -0.0198 -0.0547 -0.0367 1037 PHE A O   
672 C CB  . PHE A 86  ? 0.5151 0.4676 0.7427 -0.0319 -0.0698 -0.0344 1037 PHE A CB  
673 C CG  . PHE A 86  ? 0.4851 0.4563 0.6962 -0.0398 -0.0822 -0.0374 1037 PHE A CG  
674 C CD1 . PHE A 86  ? 0.4703 0.4511 0.6859 -0.0310 -0.0903 -0.0224 1037 PHE A CD1 
675 C CD2 . PHE A 86  ? 0.4817 0.4737 0.6829 -0.0614 -0.0821 -0.0554 1037 PHE A CD2 
676 C CE1 . PHE A 86  ? 0.4506 0.4611 0.6673 -0.0381 -0.1028 -0.0083 1037 PHE A CE1 
677 C CE2 . PHE A 86  ? 0.4904 0.5268 0.6757 -0.0752 -0.0961 -0.0475 1037 PHE A CE2 
678 C CZ  . PHE A 86  ? 0.4740 0.5192 0.6693 -0.0609 -0.1088 -0.0156 1037 PHE A CZ  
679 N N   . LYS A 87  ? 0.5533 0.4664 0.8294 -0.0298 -0.0311 -0.0455 1038 LYS A N   
680 C CA  . LYS A 87  ? 0.5722 0.4674 0.8854 -0.0339 -0.0076 -0.0633 1038 LYS A CA  
681 C C   . LYS A 87  ? 0.5370 0.4298 0.8571 -0.0166 -0.0060 -0.0344 1038 LYS A C   
682 O O   . LYS A 87  ? 0.5541 0.4413 0.8629 -0.0201 -0.0008 -0.0547 1038 LYS A O   
683 C CB  . LYS A 87  ? 0.5487 0.4239 0.9487 -0.0393 0.0237  -0.0705 1038 LYS A CB  
684 N N   . LYS A 88  ? 0.5260 0.4373 0.8640 -0.0029 -0.0104 0.0133  1039 LYS A N   
685 C CA  . LYS A 88  ? 0.5473 0.4809 0.8914 0.0086  -0.0117 0.0501  1039 LYS A CA  
686 C C   . LYS A 88  ? 0.5254 0.4667 0.7932 0.0080  -0.0303 0.0290  1039 LYS A C   
687 O O   . LYS A 88  ? 0.4977 0.4356 0.7579 0.0127  -0.0285 0.0289  1039 LYS A O   
688 C CB  . LYS A 88  ? 0.5588 0.5487 0.9269 0.0108  -0.0170 0.1080  1039 LYS A CB  
689 C CG  . LYS A 88  ? 0.6159 0.6554 1.0152 0.0165  -0.0155 0.1633  1039 LYS A CG  
690 C CD  . LYS A 88  ? 0.6302 0.7619 1.0524 0.0075  -0.0229 0.2289  1039 LYS A CD  
691 C CE  . LYS A 88  ? 0.6350 0.8488 1.0755 0.0045  -0.0275 0.2893  1039 LYS A CE  
692 N N   . ALA A 89  ? 0.5071 0.4572 0.7337 0.0023  -0.0448 0.0124  1040 ALA A N   
693 C CA  . ALA A 89  ? 0.4614 0.4184 0.6477 0.0018  -0.0563 -0.0028 1040 ALA A CA  
694 C C   . ALA A 89  ? 0.4578 0.3937 0.6303 0.0002  -0.0580 -0.0213 1040 ALA A C   
695 O O   . ALA A 89  ? 0.4224 0.3614 0.5775 0.0044  -0.0611 -0.0212 1040 ALA A O   
696 C CB  . ALA A 89  ? 0.4803 0.4469 0.6625 -0.0038 -0.0634 -0.0141 1040 ALA A CB  
697 N N   . LEU A 90  ? 0.4652 0.3920 0.6448 -0.0115 -0.0544 -0.0405 1041 LEU A N   
698 C CA  . LEU A 90  ? 0.4582 0.3931 0.6200 -0.0246 -0.0547 -0.0621 1041 LEU A CA  
699 C C   . LEU A 90  ? 0.5097 0.4281 0.6845 -0.0196 -0.0383 -0.0685 1041 LEU A C   
700 O O   . LEU A 90  ? 0.5074 0.4367 0.6550 -0.0222 -0.0443 -0.0737 1041 LEU A O   
701 C CB  . LEU A 90  ? 0.4853 0.4393 0.6519 -0.0511 -0.0485 -0.0920 1041 LEU A CB  
702 C CG  . LEU A 90  ? 0.4827 0.4699 0.6382 -0.0627 -0.0667 -0.0829 1041 LEU A CG  
703 C CD1 . LEU A 90  ? 0.5264 0.5478 0.6870 -0.0974 -0.0561 -0.1192 1041 LEU A CD1 
704 C CD2 . LEU A 90  ? 0.4602 0.4841 0.5980 -0.0622 -0.0898 -0.0541 1041 LEU A CD2 
705 N N   . GLU A 91  ? 0.4756 0.3732 0.7040 -0.0120 -0.0171 -0.0609 1042 GLU A N   
706 C CA  . GLU A 91  ? 0.5652 0.4484 0.8321 -0.0066 0.0036  -0.0617 1042 GLU A CA  
707 C C   . GLU A 91  ? 0.5339 0.4287 0.7744 0.0108  -0.0111 -0.0269 1042 GLU A C   
708 O O   . GLU A 91  ? 0.4970 0.3887 0.7270 0.0116  -0.0078 -0.0361 1042 GLU A O   
709 C CB  . GLU A 91  ? 0.6439 0.5055 1.0134 -0.0041 0.0378  -0.0556 1042 GLU A CB  
710 C CG  . GLU A 91  ? 0.6933 0.5651 1.1104 0.0114  0.0356  0.0018  1042 GLU A CG  
711 C CD  . GLU A 91  ? 0.7720 0.6215 1.3030 0.0073  0.0714  -0.0010 1042 GLU A CD  
712 O OE1 . GLU A 91  ? 0.8228 0.6885 1.4187 0.0196  0.0742  0.0583  1042 GLU A OE1 
713 O OE2 . GLU A 91  ? 0.8405 0.6665 1.4058 -0.0126 0.1002  -0.0636 1042 GLU A OE2 
714 N N   . GLU A 92  ? 0.5368 0.4553 0.7651 0.0188  -0.0252 0.0065  1043 GLU A N   
715 C CA  . GLU A 92  ? 0.4992 0.4478 0.6984 0.0247  -0.0365 0.0273  1043 GLU A CA  
716 C C   . GLU A 92  ? 0.5049 0.4465 0.6552 0.0223  -0.0477 0.0007  1043 GLU A C   
717 O O   . GLU A 92  ? 0.4668 0.4136 0.6058 0.0267  -0.0478 0.0046  1043 GLU A O   
718 C CB  . GLU A 92  ? 0.5021 0.4974 0.6929 0.0197  -0.0446 0.0483  1043 GLU A CB  
719 C CG  . GLU A 92  ? 0.5107 0.5403 0.7579 0.0210  -0.0367 0.0977  1043 GLU A CG  
720 C CD  . GLU A 92  ? 0.5443 0.6516 0.7737 0.0062  -0.0452 0.1191  1043 GLU A CD  
721 O OE1 . GLU A 92  ? 0.5077 0.6294 0.6892 -0.0055 -0.0507 0.0807  1043 GLU A OE1 
722 O OE2 . GLU A 92  ? 0.5729 0.7374 0.8480 0.0024  -0.0429 0.1745  1043 GLU A OE2 
723 N N   . ALA A 93  ? 0.4677 0.4037 0.5994 0.0153  -0.0570 -0.0181 1044 ALA A N   
724 C CA  . ALA A 93  ? 0.4343 0.3755 0.5447 0.0138  -0.0675 -0.0256 1044 ALA A CA  
725 C C   . ALA A 93  ? 0.4455 0.3835 0.5424 0.0086  -0.0666 -0.0358 1044 ALA A C   
726 O O   . ALA A 93  ? 0.4134 0.3585 0.4976 0.0114  -0.0721 -0.0317 1044 ALA A O   
727 C CB  . ALA A 93  ? 0.4606 0.4115 0.5806 0.0075  -0.0771 -0.0252 1044 ALA A CB  
728 N N   . ALA A 94  ? 0.4471 0.3814 0.5521 -0.0042 -0.0562 -0.0552 1045 ALA A N   
729 C CA  . ALA A 94  ? 0.4684 0.4135 0.5651 -0.0198 -0.0472 -0.0798 1045 ALA A CA  
730 C C   . ALA A 94  ? 0.4596 0.3825 0.5701 -0.0047 -0.0346 -0.0747 1045 ALA A C   
731 O O   . ALA A 94  ? 0.4524 0.3857 0.5409 -0.0067 -0.0384 -0.0778 1045 ALA A O   
732 C CB  . ALA A 94  ? 0.4861 0.4401 0.6054 -0.0456 -0.0269 -0.1192 1045 ALA A CB  
733 N N   . LYS A 95  ? 0.4809 0.3847 0.6319 0.0106  -0.0229 -0.0552 1046 LYS A N   
734 C CA  . LYS A 95  ? 0.5037 0.4027 0.6813 0.0252  -0.0136 -0.0322 1046 LYS A CA  
735 C C   . LYS A 95  ? 0.4986 0.4161 0.6293 0.0327  -0.0328 -0.0167 1046 LYS A C   
736 O O   . LYS A 95  ? 0.4226 0.3390 0.5437 0.0353  -0.0307 -0.0201 1046 LYS A O   
737 C CB  . LYS A 95  ? 0.5483 0.4531 0.7849 0.0357  -0.0046 0.0072  1046 LYS A CB  
738 C CG  . LYS A 95  ? 0.6227 0.5401 0.9180 0.0484  0.0081  0.0489  1046 LYS A CG  
739 C CD  . LYS A 95  ? 0.6837 0.5975 1.0871 0.0535  0.0324  0.0818  1046 LYS A CD  
740 C CE  . LYS A 95  ? 0.7548 0.6713 1.2602 0.0654  0.0569  0.1212  1046 LYS A CE  
741 N NZ  . LYS A 95  ? 0.7553 0.7316 1.2275 0.0719  0.0338  0.1757  1046 LYS A NZ  
742 N N   . ARG A 96  ? 0.4742 0.4097 0.5821 0.0327  -0.0473 -0.0086 1047 ARG A N   
743 C CA  . ARG A 96  ? 0.4460 0.4019 0.5296 0.0341  -0.0556 -0.0067 1047 ARG A CA  
744 C C   . ARG A 96  ? 0.4531 0.3983 0.5191 0.0321  -0.0622 -0.0206 1047 ARG A C   
745 O O   . ARG A 96  ? 0.4561 0.4058 0.5126 0.0355  -0.0625 -0.0199 1047 ARG A O   
746 C CB  . ARG A 96  ? 0.4548 0.4377 0.5400 0.0275  -0.0580 -0.0086 1047 ARG A CB  
747 C CG  . ARG A 96  ? 0.4478 0.4601 0.5288 0.0206  -0.0544 -0.0226 1047 ARG A CG  
748 C CD  . ARG A 96  ? 0.4331 0.4869 0.5037 0.0166  -0.0509 -0.0101 1047 ARG A CD  
749 N NE  . ARG A 96  ? 0.4276 0.5344 0.5066 0.0095  -0.0505 0.0219  1047 ARG A NE  
750 C CZ  . ARG A 96  ? 0.4272 0.6015 0.5056 -0.0116 -0.0472 0.0200  1047 ARG A CZ  
751 N NH1 . ARG A 96  ? 0.4404 0.6795 0.5335 -0.0194 -0.0501 0.0661  1047 ARG A NH1 
752 N NH2 . ARG A 96  ? 0.4534 0.6400 0.5307 -0.0280 -0.0375 -0.0262 1047 ARG A NH2 
753 N N   . PHE A 97  ? 0.4358 0.3791 0.5005 0.0240  -0.0684 -0.0271 1048 PHE A N   
754 C CA  . PHE A 97  ? 0.4466 0.4056 0.5027 0.0172  -0.0776 -0.0239 1048 PHE A CA  
755 C C   . PHE A 97  ? 0.4836 0.4431 0.5214 0.0143  -0.0716 -0.0338 1048 PHE A C   
756 O O   . PHE A 97  ? 0.4717 0.4414 0.5037 0.0164  -0.0770 -0.0245 1048 PHE A O   
757 C CB  . PHE A 97  ? 0.4607 0.4475 0.5179 0.0004  -0.0870 -0.0204 1048 PHE A CB  
758 C CG  . PHE A 97  ? 0.4772 0.5112 0.5324 -0.0130 -0.0999 -0.0001 1048 PHE A CG  
759 C CD1 . PHE A 97  ? 0.4345 0.4876 0.5329 -0.0064 -0.1103 0.0384  1048 PHE A CD1 
760 C CD2 . PHE A 97  ? 0.5133 0.5834 0.5380 -0.0358 -0.0975 -0.0176 1048 PHE A CD2 
761 C CE1 . PHE A 97  ? 0.4604 0.5726 0.5739 -0.0189 -0.1238 0.0762  1048 PHE A CE1 
762 C CE2 . PHE A 97  ? 0.5057 0.6437 0.5261 -0.0541 -0.1119 0.0101  1048 PHE A CE2 
763 C CZ  . PHE A 97  ? 0.4935 0.6546 0.5597 -0.0437 -0.1277 0.0656  1048 PHE A CZ  
764 N N   . GLN A 98  ? 0.5286 0.4773 0.5710 0.0076  -0.0562 -0.0547 1049 GLN A N   
765 C CA  . GLN A 98  ? 0.5417 0.4896 0.5829 0.0024  -0.0425 -0.0724 1049 GLN A CA  
766 C C   . GLN A 98  ? 0.5187 0.4511 0.5632 0.0225  -0.0415 -0.0538 1049 GLN A C   
767 O O   . GLN A 98  ? 0.4934 0.4336 0.5229 0.0203  -0.0417 -0.0580 1049 GLN A O   
768 C CB  . GLN A 98  ? 0.5788 0.5118 0.6614 -0.0084 -0.0133 -0.1043 1049 GLN A CB  
769 C CG  . GLN A 98  ? 0.6415 0.6092 0.7162 -0.0419 -0.0073 -0.1415 1049 GLN A CG  
770 C CD  . GLN A 98  ? 0.7164 0.7467 0.7444 -0.0691 -0.0201 -0.1506 1049 GLN A CD  
771 O OE1 . GLN A 98  ? 0.7023 0.7377 0.7201 -0.0680 -0.0173 -0.1524 1049 GLN A OE1 
772 N NE2 . GLN A 98  ? 0.7490 0.8401 0.7529 -0.0951 -0.0366 -0.1467 1049 GLN A NE2 
773 N N   . GLU A 99  ? 0.4691 0.3945 0.5320 0.0370  -0.0407 -0.0319 1050 GLU A N   
774 C CA  . GLU A 99  ? 0.4796 0.4161 0.5448 0.0481  -0.0406 -0.0113 1050 GLU A CA  
775 C C   . GLU A 99  ? 0.4835 0.4309 0.5185 0.0469  -0.0527 -0.0157 1050 GLU A C   
776 O O   . GLU A 99  ? 0.4442 0.3951 0.4711 0.0502  -0.0515 -0.0143 1050 GLU A O   
777 C CB  . GLU A 99  ? 0.4756 0.4405 0.5596 0.0516  -0.0414 0.0175  1050 GLU A CB  
778 C CG  . GLU A 99  ? 0.5685 0.5279 0.7078 0.0553  -0.0280 0.0381  1050 GLU A CG  
779 C CD  . GLU A 99  ? 0.6604 0.6671 0.8156 0.0527  -0.0333 0.0741  1050 GLU A CD  
780 O OE1 . GLU A 99  ? 0.6877 0.7328 0.8026 0.0424  -0.0446 0.0670  1050 GLU A OE1 
781 O OE2 . GLU A 99  ? 0.6770 0.6902 0.8971 0.0575  -0.0219 0.1085  1050 GLU A OE2 
782 N N   . LEU A 100 ? 0.4475 0.4002 0.4816 0.0426  -0.0606 -0.0195 1051 LEU A N   
783 C CA  . LEU A 100 ? 0.4252 0.3867 0.4665 0.0420  -0.0634 -0.0214 1051 LEU A CA  
784 C C   . LEU A 100 ? 0.4496 0.4113 0.4852 0.0404  -0.0700 -0.0147 1051 LEU A C   
785 O O   . LEU A 100 ? 0.4862 0.4522 0.5277 0.0434  -0.0684 -0.0121 1051 LEU A O   
786 C CB  . LEU A 100 ? 0.4146 0.3808 0.4879 0.0380  -0.0630 -0.0243 1051 LEU A CB  
787 C CG  . LEU A 100 ? 0.4173 0.4020 0.4970 0.0317  -0.0535 -0.0378 1051 LEU A CG  
788 C CD1 . LEU A 100 ? 0.4331 0.4170 0.5556 0.0268  -0.0485 -0.0463 1051 LEU A CD1 
789 C CD2 . LEU A 100 ? 0.3844 0.4041 0.4639 0.0225  -0.0415 -0.0538 1051 LEU A CD2 
790 N N   . LYS A 101 ? 0.4728 0.4436 0.4987 0.0304  -0.0765 -0.0124 1052 LYS A N   
791 C CA  . LYS A 101 ? 0.5045 0.5048 0.5164 0.0177  -0.0832 -0.0057 1052 LYS A CA  
792 C C   . LYS A 101 ? 0.4930 0.4829 0.4839 0.0200  -0.0730 -0.0218 1052 LYS A C   
793 O O   . LYS A 101 ? 0.5081 0.5177 0.4932 0.0166  -0.0777 -0.0118 1052 LYS A O   
794 C CB  . LYS A 101 ? 0.5123 0.5463 0.5100 -0.0057 -0.0860 -0.0151 1052 LYS A CB  
795 C CG  . LYS A 101 ? 0.5695 0.6713 0.5506 -0.0317 -0.0950 -0.0049 1052 LYS A CG  
796 C CD  . LYS A 101 ? 0.6290 0.7895 0.5923 -0.0675 -0.0943 -0.0247 1052 LYS A CD  
797 C CE  . LYS A 101 ? 0.6536 0.8887 0.5865 -0.1054 -0.0887 -0.0476 1052 LYS A CE  
798 N NZ  . LYS A 101 ? 0.7042 0.9997 0.6222 -0.1489 -0.0763 -0.0921 1052 LYS A NZ  
799 N N   . ALA A 102 ? 0.4576 0.4213 0.4513 0.0255  -0.0579 -0.0400 1053 ALA A N   
800 C CA  . ALA A 102 ? 0.4738 0.4273 0.4701 0.0286  -0.0437 -0.0509 1053 ALA A CA  
801 C C   . ALA A 102 ? 0.4793 0.4311 0.4704 0.0429  -0.0498 -0.0329 1053 ALA A C   
802 O O   . ALA A 102 ? 0.4933 0.4507 0.4743 0.0415  -0.0479 -0.0359 1053 ALA A O   
803 C CB  . ALA A 102 ? 0.4896 0.4195 0.5263 0.0345  -0.0226 -0.0579 1053 ALA A CB  
804 N N   . GLN A 103 ? 0.4583 0.4118 0.4570 0.0508  -0.0548 -0.0208 1054 GLN A N   
805 C CA  . GLN A 103 ? 0.4118 0.3775 0.4111 0.0548  -0.0552 -0.0169 1054 GLN A CA  
806 C C   . GLN A 103 ? 0.4517 0.4206 0.4575 0.0526  -0.0603 -0.0148 1054 GLN A C   
807 O O   . GLN A 103 ? 0.4180 0.3909 0.4211 0.0551  -0.0579 -0.0146 1054 GLN A O   
808 C CB  . GLN A 103 ? 0.4036 0.3904 0.4155 0.0507  -0.0522 -0.0200 1054 GLN A CB  
809 C CG  . GLN A 103 ? 0.4371 0.4459 0.4511 0.0507  -0.0492 -0.0040 1054 GLN A CG  
810 C CD  . GLN A 103 ? 0.4334 0.4891 0.4522 0.0367  -0.0466 -0.0090 1054 GLN A CD  
811 O OE1 . GLN A 103 ? 0.4374 0.5272 0.4568 0.0231  -0.0397 -0.0298 1054 GLN A OE1 
812 N NE2 . GLN A 103 ? 0.4470 0.5116 0.4744 0.0351  -0.0479 0.0041  1054 GLN A NE2 
813 N N   . ARG A 104 ? 0.4499 0.4237 0.4771 0.0481  -0.0669 -0.0056 1055 ARG A N   
814 C CA  . ARG A 104 ? 0.4708 0.4602 0.5327 0.0463  -0.0715 0.0164  1055 ARG A CA  
815 C C   . ARG A 104 ? 0.4833 0.4923 0.5124 0.0398  -0.0787 0.0254  1055 ARG A C   
816 O O   . ARG A 104 ? 0.4762 0.4940 0.5211 0.0422  -0.0782 0.0382  1055 ARG A O   
817 C CB  . ARG A 104 ? 0.5431 0.5507 0.6492 0.0413  -0.0793 0.0426  1055 ARG A CB  
818 C CG  . ARG A 104 ? 0.6308 0.6718 0.8031 0.0396  -0.0844 0.0891  1055 ARG A CG  
819 C CD  . ARG A 104 ? 0.6699 0.7449 0.9048 0.0343  -0.0932 0.1330  1055 ARG A CD  
820 N NE  . ARG A 104 ? 0.7679 0.8768 0.9413 0.0176  -0.1100 0.1342  1055 ARG A NE  
821 C CZ  . ARG A 104 ? 0.8223 0.9947 0.9484 -0.0055 -0.1249 0.1491  1055 ARG A CZ  
822 N NH1 . ARG A 104 ? 0.8665 1.0727 0.9465 -0.0272 -0.1313 0.1329  1055 ARG A NH1 
823 N NH2 . ARG A 104 ? 0.8239 1.0361 0.9503 -0.0125 -0.1302 0.1736  1055 ARG A NH2 
824 N N   . GLU A 105 ? 0.4353 0.4562 0.4268 0.0276  -0.0805 0.0126  1056 GLU A N   
825 C CA  . GLU A 105 ? 0.4667 0.5208 0.4292 0.0109  -0.0806 0.0064  1056 GLU A CA  
826 C C   . GLU A 105 ? 0.4568 0.4838 0.4089 0.0226  -0.0696 -0.0083 1056 GLU A C   
827 O O   . GLU A 105 ? 0.4628 0.5148 0.4064 0.0161  -0.0721 -0.0005 1056 GLU A O   
828 C CB  . GLU A 105 ? 0.5112 0.5859 0.4507 -0.0122 -0.0721 -0.0256 1056 GLU A CB  
829 C CG  . GLU A 105 ? 0.5489 0.6910 0.4868 -0.0382 -0.0872 -0.0059 1056 GLU A CG  
830 C CD  . GLU A 105 ? 0.5765 0.7439 0.4975 -0.0671 -0.0738 -0.0499 1056 GLU A CD  
831 O OE1 . GLU A 105 ? 0.6614 0.7746 0.5928 -0.0592 -0.0503 -0.0913 1056 GLU A OE1 
832 O OE2 . GLU A 105 ? 0.6567 0.9064 0.5665 -0.1000 -0.0852 -0.0389 1056 GLU A OE2 
833 N N   . SER A 106 ? 0.4410 0.4290 0.3983 0.0380  -0.0586 -0.0221 1057 SER A N   
834 C CA  . SER A 106 ? 0.4481 0.4224 0.4046 0.0485  -0.0492 -0.0261 1057 SER A CA  
835 C C   . SER A 106 ? 0.4444 0.4256 0.4053 0.0548  -0.0555 -0.0121 1057 SER A C   
836 O O   . SER A 106 ? 0.4295 0.4159 0.3817 0.0553  -0.0531 -0.0121 1057 SER A O   
837 C CB  . SER A 106 ? 0.4750 0.4334 0.4510 0.0598  -0.0396 -0.0234 1057 SER A CB  
838 O OG  . SER A 106 ? 0.4799 0.4415 0.4642 0.0681  -0.0327 -0.0151 1057 SER A OG  
839 N N   . LYS A 107 ? 0.4552 0.4373 0.4411 0.0572  -0.0583 -0.0058 1058 LYS A N   
840 C CA  . LYS A 107 ? 0.4557 0.4435 0.4724 0.0590  -0.0539 -0.0027 1058 LYS A CA  
841 C C   . LYS A 107 ? 0.4558 0.4600 0.4892 0.0558  -0.0616 0.0234  1058 LYS A C   
842 O O   . LYS A 107 ? 0.4620 0.4704 0.5064 0.0580  -0.0581 0.0279  1058 LYS A O   
843 C CB  . LYS A 107 ? 0.4202 0.4088 0.4877 0.0562  -0.0440 -0.0126 1058 LYS A CB  
844 N N   . GLU A 108 ? 0.4648 0.4923 0.5045 0.0472  -0.0731 0.0464  1059 GLU A N   
845 C CA  . GLU A 108 ? 0.4787 0.5563 0.5350 0.0357  -0.0851 0.0875  1059 GLU A CA  
846 C C   . GLU A 108 ? 0.4637 0.5602 0.4662 0.0261  -0.0857 0.0745  1059 GLU A C   
847 O O   . GLU A 108 ? 0.4434 0.5702 0.4620 0.0224  -0.0898 0.1012  1059 GLU A O   
848 C CB  . GLU A 108 ? 0.5152 0.6425 0.5785 0.0192  -0.0994 0.1167  1059 GLU A CB  
849 C CG  . GLU A 108 ? 0.5603 0.6866 0.7139 0.0282  -0.0991 0.1538  1059 GLU A CG  
850 C CD  . GLU A 108 ? 0.6406 0.8128 0.7984 0.0134  -0.1133 0.1802  1059 GLU A CD  
851 O OE1 . GLU A 108 ? 0.6581 0.8625 0.7425 -0.0074 -0.1210 0.1588  1059 GLU A OE1 
852 O OE2 . GLU A 108 ? 0.6244 0.8012 0.8682 0.0203  -0.1121 0.2168  1059 GLU A OE2 
853 N N   . ALA A 109 ? 0.4628 0.5418 0.4166 0.0218  -0.0773 0.0338  1060 ALA A N   
854 C CA  . ALA A 109 ? 0.4695 0.5641 0.3895 0.0102  -0.0691 0.0117  1060 ALA A CA  
855 C C   . ALA A 109 ? 0.4279 0.4939 0.3562 0.0285  -0.0643 0.0147  1060 ALA A C   
856 O O   . ALA A 109 ? 0.4282 0.5215 0.3468 0.0203  -0.0651 0.0211  1060 ALA A O   
857 C CB  . ALA A 109 ? 0.4984 0.5709 0.4037 0.0048  -0.0506 -0.0330 1060 ALA A CB  
858 N N   . LEU A 110 ? 0.4157 0.4406 0.3618 0.0481  -0.0592 0.0098  1061 LEU A N   
859 C CA  . LEU A 110 ? 0.3963 0.4080 0.3491 0.0590  -0.0530 0.0070  1061 LEU A CA  
860 C C   . LEU A 110 ? 0.3841 0.4101 0.3739 0.0590  -0.0557 0.0292  1061 LEU A C   
861 O O   . LEU A 110 ? 0.3724 0.3969 0.3646 0.0629  -0.0503 0.0264  1061 LEU A O   
862 C CB  . LEU A 110 ? 0.4186 0.4158 0.3808 0.0670  -0.0462 -0.0052 1061 LEU A CB  
863 C CG  . LEU A 110 ? 0.4594 0.4500 0.4092 0.0706  -0.0412 -0.0104 1061 LEU A CG  
864 C CD1 . LEU A 110 ? 0.4335 0.4429 0.3929 0.0707  -0.0387 -0.0092 1061 LEU A CD1 
865 C CD2 . LEU A 110 ? 0.4738 0.4614 0.4185 0.0735  -0.0326 -0.0124 1061 LEU A CD2 
866 N N   . GLU A 111 ? 0.3599 0.4016 0.3935 0.0553  -0.0617 0.0561  1062 GLU A N   
867 C CA  . GLU A 111 ? 0.3924 0.4528 0.4979 0.0560  -0.0604 0.0924  1062 GLU A CA  
868 C C   . GLU A 111 ? 0.4045 0.5206 0.5006 0.0434  -0.0748 0.1342  1062 GLU A C   
869 O O   . GLU A 111 ? 0.3938 0.5330 0.5573 0.0448  -0.0740 0.1758  1062 GLU A O   
870 C CB  . GLU A 111 ? 0.4070 0.4698 0.5958 0.0576  -0.0569 0.1169  1062 GLU A CB  
871 C CG  . GLU A 111 ? 0.4415 0.4645 0.6524 0.0623  -0.0364 0.0688  1062 GLU A CG  
872 C CD  . GLU A 111 ? 0.5188 0.5400 0.7995 0.0619  -0.0306 0.0799  1062 GLU A CD  
873 O OE1 . GLU A 111 ? 0.5696 0.6046 0.8183 0.0590  -0.0479 0.0991  1062 GLU A OE1 
874 O OE2 . GLU A 111 ? 0.6683 0.6762 1.0446 0.0615  -0.0038 0.0629  1062 GLU A OE2 
875 N N   . ILE A 112 ? 0.4368 0.5862 0.4623 0.0264  -0.0843 0.1235  1063 ILE A N   
876 C CA  . ILE A 112 ? 0.5082 0.7384 0.5134 0.0017  -0.0958 0.1536  1063 ILE A CA  
877 C C   . ILE A 112 ? 0.5549 0.7697 0.5044 -0.0007 -0.0847 0.1101  1063 ILE A C   
878 O O   . ILE A 112 ? 0.6354 0.8061 0.5475 0.0036  -0.0713 0.0580  1063 ILE A O   
879 C CB  . ILE A 112 ? 0.5689 0.8727 0.5400 -0.0298 -0.1067 0.1585  1063 ILE A CB  
880 C CG1 . ILE A 112 ? 0.5872 0.8981 0.6148 -0.0244 -0.1167 0.1988  1063 ILE A CG1 
881 C CG2 . ILE A 112 ? 0.6167 1.0415 0.5710 -0.0676 -0.1194 0.1956  1063 ILE A CG2 
882 C CD1 . ILE A 112 ? 0.5623 0.8790 0.6992 -0.0077 -0.1200 0.2683  1063 ILE A CD1 
883 N N   . GLU A 113 ? 0.5613 0.8076 0.5224 -0.0044 -0.0874 0.1356  1064 GLU A N   
884 C CA  . GLU A 113 ? 0.6459 0.8855 0.5603 -0.0090 -0.0758 0.0969  1064 GLU A CA  
885 C C   . GLU A 113 ? 0.7117 1.0347 0.5787 -0.0503 -0.0752 0.0775  1064 GLU A C   
886 O O   . GLU A 113 ? 0.7611 1.1797 0.6321 -0.0793 -0.0915 0.1189  1064 GLU A O   
887 C CB  . GLU A 113 ? 0.6295 0.8808 0.5712 -0.0024 -0.0778 0.1284  1064 GLU A CB  
888 C CG  . GLU A 113 ? 0.6637 0.8641 0.5777 0.0112  -0.0621 0.0852  1064 GLU A CG  
889 O OXT . GLU A 113 ? 0.7866 1.0910 0.6218 -0.0588 -0.0545 0.0180  1064 GLU A OXT 
# 
loop_
_pdbx_poly_seq_scheme.asym_id 
_pdbx_poly_seq_scheme.entity_id 
_pdbx_poly_seq_scheme.seq_id 
_pdbx_poly_seq_scheme.mon_id 
_pdbx_poly_seq_scheme.ndb_seq_num 
_pdbx_poly_seq_scheme.pdb_seq_num 
_pdbx_poly_seq_scheme.auth_seq_num 
_pdbx_poly_seq_scheme.pdb_mon_id 
_pdbx_poly_seq_scheme.auth_mon_id 
_pdbx_poly_seq_scheme.pdb_strand_id 
_pdbx_poly_seq_scheme.pdb_ins_code 
_pdbx_poly_seq_scheme.hetero 
A 1 1   GLY 1   952  ?    ?   ?   A . n 
A 1 2   LYS 2   953  ?    ?   ?   A . n 
A 1 3   ALA 3   954  ?    ?   ?   A . n 
A 1 4   GLY 4   955  ?    ?   ?   A . n 
A 1 5   LYS 5   956  ?    ?   ?   A . n 
A 1 6   LYS 6   957  957  LYS LYS A . n 
A 1 7   LEU 7   958  958  LEU LEU A . n 
A 1 8   HIS 8   959  959  HIS HIS A . n 
A 1 9   TYR 9   960  960  TYR TYR A . n 
A 1 10  LYS 10  961  961  LYS LYS A . n 
A 1 11  GLN 11  962  962  GLN GLN A . n 
A 1 12  ILE 12  963  963  ILE ILE A . n 
A 1 13  VAL 13  964  964  VAL VAL A . n 
A 1 14  TRP 14  965  965  TRP TRP A . n 
A 1 15  VAL 15  966  966  VAL VAL A . n 
A 1 16  LYS 16  967  967  LYS LYS A . n 
A 1 17  LEU 17  968  968  LEU LEU A . n 
A 1 18  GLY 18  969  969  GLY GLY A . n 
A 1 19  ASN 19  970  970  ASN ASN A . n 
A 1 20  TYR 20  971  971  TYR TYR A . n 
A 1 21  ARG 21  972  972  ARG ARG A . n 
A 1 22  TRP 22  973  973  TRP TRP A . n 
A 1 23  TRP 23  974  974  TRP TRP A . n 
A 1 24  PRO 24  975  975  PRO PRO A . n 
A 1 25  ALA 25  976  976  ALA ALA A . n 
A 1 26  GLU 26  977  977  GLU GLU A . n 
A 1 27  ILE 27  978  978  ILE ILE A . n 
A 1 28  CYS 28  979  979  CYS CYS A . n 
A 1 29  ASN 29  980  980  ASN ASN A . n 
A 1 30  PRO 30  981  981  PRO PRO A . n 
A 1 31  ARG 31  982  982  ARG ARG A . n 
A 1 32  SER 32  983  983  SER SER A . n 
A 1 33  VAL 33  984  984  VAL VAL A . n 
A 1 34  PRO 34  985  985  PRO PRO A . n 
A 1 35  LEU 35  986  986  LEU LEU A . n 
A 1 36  ASN 36  987  987  ASN ASN A . n 
A 1 37  ILE 37  988  988  ILE ILE A . n 
A 1 38  GLN 38  989  989  GLN GLN A . n 
A 1 39  GLY 39  990  990  GLY GLY A . n 
A 1 40  LEU 40  991  991  LEU LEU A . n 
A 1 41  LYS 41  992  992  LYS LYS A . n 
A 1 42  HIS 42  993  993  HIS HIS A . n 
A 1 43  ASP 43  994  994  ASP ASP A . n 
A 1 44  LEU 44  995  995  LEU LEU A . n 
A 1 45  GLY 45  996  996  GLY GLY A . n 
A 1 46  ASP 46  997  997  ASP ASP A . n 
A 1 47  PHE 47  998  998  PHE PHE A . n 
A 1 48  PRO 48  999  999  PRO PRO A . n 
A 1 49  VAL 49  1000 1000 VAL VAL A . n 
A 1 50  PHE 50  1001 1001 PHE PHE A . n 
A 1 51  PHE 51  1002 1002 PHE PHE A . n 
A 1 52  PHE 52  1003 1003 PHE PHE A . n 
A 1 53  GLY 53  1004 1004 GLY GLY A . n 
A 1 54  SER 54  1005 1005 SER SER A . n 
A 1 55  HIS 55  1006 1006 HIS HIS A . n 
A 1 56  ASP 56  1007 1007 ASP ASP A . n 
A 1 57  TYR 57  1008 1008 TYR TYR A . n 
A 1 58  TYR 58  1009 1009 TYR TYR A . n 
A 1 59  TRP 59  1010 1010 TRP TRP A . n 
A 1 60  VAL 60  1011 1011 VAL VAL A . n 
A 1 61  HIS 61  1012 1012 HIS HIS A . n 
A 1 62  GLN 62  1013 1013 GLN GLN A . n 
A 1 63  GLY 63  1014 1014 GLY GLY A . n 
A 1 64  ARG 64  1015 1015 ARG ARG A . n 
A 1 65  VAL 65  1016 1016 VAL VAL A . n 
A 1 66  PHE 66  1017 1017 PHE PHE A . n 
A 1 67  PRO 67  1018 1018 PRO PRO A . n 
A 1 68  TYR 68  1019 1019 TYR TYR A . n 
A 1 69  VAL 69  1020 1020 VAL VAL A . n 
A 1 70  GLU 70  1021 1021 GLU GLU A . n 
A 1 71  GLY 71  1022 1022 GLY GLY A . n 
A 1 72  ASP 72  1023 1023 ASP ASP A . n 
A 1 73  LYS 73  1024 1024 LYS LYS A . n 
A 1 74  SER 74  1025 1025 SER SER A . n 
A 1 75  PHE 75  1026 1026 PHE PHE A . n 
A 1 76  ALA 76  1027 1027 ALA ALA A . n 
A 1 77  GLU 77  1028 1028 GLU GLU A . n 
A 1 78  GLY 78  1029 1029 GLY GLY A . n 
A 1 79  GLN 79  1030 1030 GLN GLN A . n 
A 1 80  THR 80  1031 1031 THR THR A . n 
A 1 81  SER 81  1032 1032 SER SER A . n 
A 1 82  ILE 82  1033 1033 ILE ILE A . n 
A 1 83  ASN 83  1034 1034 ASN ASN A . n 
A 1 84  LYS 84  1035 1035 LYS LYS A . n 
A 1 85  THR 85  1036 1036 THR THR A . n 
A 1 86  PHE 86  1037 1037 PHE PHE A . n 
A 1 87  LYS 87  1038 1038 LYS LYS A . n 
A 1 88  LYS 88  1039 1039 LYS LYS A . n 
A 1 89  ALA 89  1040 1040 ALA ALA A . n 
A 1 90  LEU 90  1041 1041 LEU LEU A . n 
A 1 91  GLU 91  1042 1042 GLU GLU A . n 
A 1 92  GLU 92  1043 1043 GLU GLU A . n 
A 1 93  ALA 93  1044 1044 ALA ALA A . n 
A 1 94  ALA 94  1045 1045 ALA ALA A . n 
A 1 95  LYS 95  1046 1046 LYS LYS A . n 
A 1 96  ARG 96  1047 1047 ARG ARG A . n 
A 1 97  PHE 97  1048 1048 PHE PHE A . n 
A 1 98  GLN 98  1049 1049 GLN GLN A . n 
A 1 99  GLU 99  1050 1050 GLU GLU A . n 
A 1 100 LEU 100 1051 1051 LEU LEU A . n 
A 1 101 LYS 101 1052 1052 LYS LYS A . n 
A 1 102 ALA 102 1053 1053 ALA ALA A . n 
A 1 103 GLN 103 1054 1054 GLN GLN A . n 
A 1 104 ARG 104 1055 1055 ARG ARG A . n 
A 1 105 GLU 105 1056 1056 GLU GLU A . n 
A 1 106 SER 106 1057 1057 SER SER A . n 
A 1 107 LYS 107 1058 1058 LYS LYS A . n 
A 1 108 GLU 108 1059 1059 GLU GLU A . n 
A 1 109 ALA 109 1060 1060 ALA ALA A . n 
A 1 110 LEU 110 1061 1061 LEU LEU A . n 
A 1 111 GLU 111 1062 1062 GLU GLU A . n 
A 1 112 ILE 112 1063 1063 ILE ILE A . n 
A 1 113 GLU 113 1064 1064 GLU GLU A . n 
# 
_pdbx_SG_project.id                    1 
_pdbx_SG_project.project_name          ? 
_pdbx_SG_project.full_name_of_center   'Structural Genomics Consortium' 
_pdbx_SG_project.initial_of_center     SGC 
# 
loop_
_pdbx_nonpoly_scheme.asym_id 
_pdbx_nonpoly_scheme.entity_id 
_pdbx_nonpoly_scheme.mon_id 
_pdbx_nonpoly_scheme.ndb_seq_num 
_pdbx_nonpoly_scheme.pdb_seq_num 
_pdbx_nonpoly_scheme.auth_seq_num 
_pdbx_nonpoly_scheme.pdb_mon_id 
_pdbx_nonpoly_scheme.auth_mon_id 
_pdbx_nonpoly_scheme.pdb_strand_id 
_pdbx_nonpoly_scheme.pdb_ins_code 
B 2 UNX 1  1101 1  UNX UNX A . 
C 2 UNX 1  1102 2  UNX UNX A . 
D 2 UNX 1  1103 3  UNX UNX A . 
E 2 UNX 1  1104 4  UNX UNX A . 
F 2 UNX 1  1105 6  UNX UNX A . 
G 2 UNX 1  1106 10 UNX UNX A . 
H 2 UNX 1  1107 11 UNX UNX A . 
I 2 UNX 1  1108 12 UNX UNX A . 
J 3 HOH 1  1201 2  HOH HOH A . 
J 3 HOH 2  1202 3  HOH HOH A . 
J 3 HOH 3  1203 4  HOH HOH A . 
J 3 HOH 4  1204 5  HOH HOH A . 
J 3 HOH 5  1205 14 HOH HOH A . 
J 3 HOH 6  1206 19 HOH HOH A . 
J 3 HOH 7  1207 23 HOH HOH A . 
J 3 HOH 8  1208 26 HOH HOH A . 
J 3 HOH 9  1209 30 HOH HOH A . 
J 3 HOH 10 1210 36 HOH HOH A . 
J 3 HOH 11 1211 39 HOH HOH A . 
J 3 HOH 12 1212 40 HOH HOH A . 
J 3 HOH 13 1213 43 HOH HOH A . 
J 3 HOH 14 1214 44 HOH HOH A . 
J 3 HOH 15 1215 53 HOH HOH A . 
J 3 HOH 16 1216 56 HOH HOH A . 
J 3 HOH 17 1217 58 HOH HOH A . 
J 3 HOH 18 1218 60 HOH HOH A . 
J 3 HOH 19 1219 61 HOH HOH A . 
J 3 HOH 20 1220 62 HOH HOH A . 
J 3 HOH 21 1221 63 HOH HOH A . 
J 3 HOH 22 1222 65 HOH HOH A . 
J 3 HOH 23 1223 66 HOH HOH A . 
J 3 HOH 24 1224 67 HOH HOH A . 
J 3 HOH 25 1225 68 HOH HOH A . 
J 3 HOH 26 1226 69 HOH HOH A . 
J 3 HOH 27 1227 70 HOH HOH A . 
J 3 HOH 28 1228 71 HOH HOH A . 
J 3 HOH 29 1229 73 HOH HOH A . 
J 3 HOH 30 1230 74 HOH HOH A . 
# 
_pdbx_struct_assembly.id                   1 
_pdbx_struct_assembly.details              software_defined_assembly 
_pdbx_struct_assembly.method_details       PISA 
_pdbx_struct_assembly.oligomeric_details   dimeric 
_pdbx_struct_assembly.oligomeric_count     2 
# 
_pdbx_struct_assembly_gen.assembly_id       1 
_pdbx_struct_assembly_gen.oper_expression   1,2 
_pdbx_struct_assembly_gen.asym_id_list      A,B,C,D,E,F,G,H,I,J 
# 
loop_
_pdbx_struct_assembly_prop.biol_id 
_pdbx_struct_assembly_prop.type 
_pdbx_struct_assembly_prop.value 
_pdbx_struct_assembly_prop.details 
1 'ABSA (A^2)' 3600  ? 
1 MORE         -20   ? 
1 'SSA (A^2)'  12700 ? 
# 
loop_
_pdbx_struct_oper_list.id 
_pdbx_struct_oper_list.type 
_pdbx_struct_oper_list.name 
_pdbx_struct_oper_list.symmetry_operation 
_pdbx_struct_oper_list.matrix[1][1] 
_pdbx_struct_oper_list.matrix[1][2] 
_pdbx_struct_oper_list.matrix[1][3] 
_pdbx_struct_oper_list.vector[1] 
_pdbx_struct_oper_list.matrix[2][1] 
_pdbx_struct_oper_list.matrix[2][2] 
_pdbx_struct_oper_list.matrix[2][3] 
_pdbx_struct_oper_list.vector[2] 
_pdbx_struct_oper_list.matrix[3][1] 
_pdbx_struct_oper_list.matrix[3][2] 
_pdbx_struct_oper_list.matrix[3][3] 
_pdbx_struct_oper_list.vector[3] 
1 'identity operation'         1_555 x,y,z       1.0000000000  0.0000000000  0.0000000000  0.0000000000  0.0000000000  1.0000000000 0.0000000000 0.0000000000  0.0000000000  0.0000000000 1.0000000000  0.0000000000  
2 'crystal symmetry operation' 4_567 x,-y+1,-z+2 -0.8107053422 -0.5771268705 -0.0983942251 -7.2597405803 -0.5771268705 0.7595606155 0.2999870776 -2.0370181287 -0.0983942251 0.2999870776 -0.9488552733 -2.0185352457 
# 
loop_
_pdbx_audit_revision_history.ordinal 
_pdbx_audit_revision_history.data_content_type 
_pdbx_audit_revision_history.major_revision 
_pdbx_audit_revision_history.minor_revision 
_pdbx_audit_revision_history.revision_date 
1 'Structure model' 1 0 2015-01-28 
2 'Structure model' 1 1 2021-08-04 
3 'Structure model' 1 2 2023-09-20 
# 
_pdbx_audit_revision_details.ordinal             1 
_pdbx_audit_revision_details.revision_ordinal    1 
_pdbx_audit_revision_details.data_content_type   'Structure model' 
_pdbx_audit_revision_details.provider            repository 
_pdbx_audit_revision_details.type                'Initial release' 
_pdbx_audit_revision_details.description         ? 
_pdbx_audit_revision_details.details             ? 
# 
loop_
_pdbx_audit_revision_group.ordinal 
_pdbx_audit_revision_group.revision_ordinal 
_pdbx_audit_revision_group.data_content_type 
_pdbx_audit_revision_group.group 
1 2 'Structure model' 'Data collection'        
2 2 'Structure model' 'Database references'    
3 3 'Structure model' 'Data collection'        
4 3 'Structure model' 'Database references'    
5 3 'Structure model' 'Refinement description' 
# 
loop_
_pdbx_audit_revision_category.ordinal 
_pdbx_audit_revision_category.revision_ordinal 
_pdbx_audit_revision_category.data_content_type 
_pdbx_audit_revision_category.category 
1 2 'Structure model' citation                      
2 2 'Structure model' citation_author               
3 2 'Structure model' diffrn_source                 
4 2 'Structure model' struct_ref_seq_dif            
5 3 'Structure model' chem_comp_atom                
6 3 'Structure model' chem_comp_bond                
7 3 'Structure model' database_2                    
8 3 'Structure model' pdbx_initial_refinement_model 
# 
loop_
_pdbx_audit_revision_item.ordinal 
_pdbx_audit_revision_item.revision_ordinal 
_pdbx_audit_revision_item.data_content_type 
_pdbx_audit_revision_item.item 
1  2 'Structure model' '_citation.country'                   
2  2 'Structure model' '_citation.journal_abbrev'            
3  2 'Structure model' '_citation.journal_id_ASTM'           
4  2 'Structure model' '_citation.journal_id_CSD'            
5  2 'Structure model' '_citation.journal_id_ISSN'           
6  2 'Structure model' '_citation.journal_volume'            
7  2 'Structure model' '_citation.page_first'                
8  2 'Structure model' '_citation.page_last'                 
9  2 'Structure model' '_citation.pdbx_database_id_DOI'      
10 2 'Structure model' '_citation.pdbx_database_id_PubMed'   
11 2 'Structure model' '_citation.title'                     
12 2 'Structure model' '_citation.year'                      
13 2 'Structure model' '_diffrn_source.type'                 
14 2 'Structure model' '_struct_ref_seq_dif.details'         
15 3 'Structure model' '_database_2.pdbx_DOI'                
16 3 'Structure model' '_database_2.pdbx_database_accession' 
# 
loop_
_pdbx_refine_tls.pdbx_refine_id 
_pdbx_refine_tls.id 
_pdbx_refine_tls.details 
_pdbx_refine_tls.method 
_pdbx_refine_tls.origin_x 
_pdbx_refine_tls.origin_y 
_pdbx_refine_tls.origin_z 
_pdbx_refine_tls.T[1][1] 
_pdbx_refine_tls.T[2][2] 
_pdbx_refine_tls.T[3][3] 
_pdbx_refine_tls.T[1][2] 
_pdbx_refine_tls.T[1][3] 
_pdbx_refine_tls.T[2][3] 
_pdbx_refine_tls.L[1][1] 
_pdbx_refine_tls.L[2][2] 
_pdbx_refine_tls.L[3][3] 
_pdbx_refine_tls.L[1][2] 
_pdbx_refine_tls.L[1][3] 
_pdbx_refine_tls.L[2][3] 
_pdbx_refine_tls.S[1][1] 
_pdbx_refine_tls.S[2][2] 
_pdbx_refine_tls.S[3][3] 
_pdbx_refine_tls.S[1][2] 
_pdbx_refine_tls.S[1][3] 
_pdbx_refine_tls.S[2][3] 
_pdbx_refine_tls.S[2][1] 
_pdbx_refine_tls.S[3][1] 
_pdbx_refine_tls.S[3][2] 
'X-RAY DIFFRACTION' 1 ? refined 12.2706  -0.8646 0.0646 0.0340 0.0481 0.1475 -0.0087 0.0338  -0.0715 4.8997  6.5629 3.8887 0.6324 0.2053  -0.1036 -0.0749 -0.0894 0.1643  -0.0060 -0.0593 0.5640  0.0425 0.3407  0.0131 
'X-RAY DIFFRACTION' 2 ? refined -21.9729 0.1938  1.4236 0.1379 0.0802 0.2437 0.0160  -0.0674 -0.0247 18.5057 2.3073 1.5599 5.8198 -4.6114 -1.5015 0.1975  -0.0511 -0.1462 -0.0434 0.3740  -0.1885 0.1958 -0.2383 0.0490  
# 
loop_
_pdbx_refine_tls_group.pdbx_refine_id 
_pdbx_refine_tls_group.id 
_pdbx_refine_tls_group.refine_tls_id 
_pdbx_refine_tls_group.beg_auth_asym_id 
_pdbx_refine_tls_group.beg_auth_seq_id 
_pdbx_refine_tls_group.end_auth_asym_id 
_pdbx_refine_tls_group.end_auth_seq_id 
_pdbx_refine_tls_group.selection_details 
_pdbx_refine_tls_group.beg_label_asym_id 
_pdbx_refine_tls_group.beg_label_seq_id 
_pdbx_refine_tls_group.end_label_asym_id 
_pdbx_refine_tls_group.end_label_seq_id 
_pdbx_refine_tls_group.selection 
'X-RAY DIFFRACTION' 1 1 A 950  A 1022 ? ? ? ? ? ? 
'X-RAY DIFFRACTION' 2 2 A 1023 A 1064 ? ? ? ? ? ? 
# 
_phasing.method   MR 
# 
loop_
_software.pdbx_ordinal 
_software.name 
_software.version 
_software.date 
_software.type 
_software.contact_author 
_software.contact_author_email 
_software.classification 
_software.location 
_software.language 
_software.citation_id 
1 Aimless     0.3.11 19/08/14         program 'Phil Evans'         ?                           'data scaling'    
http://www.mrc-lmb.cam.ac.uk/harry/pre/aimless.html ?          ? 
2 PHASER      .      ?                program 'Randy J. Read'      cimr-phaser@lists.cam.ac.uk phasing           
http://www-structmed.cimr.cam.ac.uk/phaser/         ?          ? 
3 REFMAC      .      ?                program 'Garib N. Murshudov' garib@ysbl.york.ac.uk       refinement        
http://www.ccp4.ac.uk/dist/html/refmac5.html        Fortran_77 ? 
4 PDB_EXTRACT 3.15   'July. 29, 2014' package PDB                  deposit@deposit.rcsb.org    'data extraction' 
http://sw-tools.pdb.org/apps/PDB_EXTRACT/           C++        ? 
5 XDS         .      ?                ?       ?                    ?                           'data reduction'  ? ?          ? 
6 XDS         .      ?                ?       ?                    ?                           'data scaling'    ? ?          ? 
# 
loop_
_pdbx_validate_torsion.id 
_pdbx_validate_torsion.PDB_model_num 
_pdbx_validate_torsion.auth_comp_id 
_pdbx_validate_torsion.auth_asym_id 
_pdbx_validate_torsion.auth_seq_id 
_pdbx_validate_torsion.PDB_ins_code 
_pdbx_validate_torsion.label_alt_id 
_pdbx_validate_torsion.phi 
_pdbx_validate_torsion.psi 
1 1 ASP A 1023 ? A -69.27 86.06 
2 1 LYS A 1024 ? ? -78.81 21.25 
# 
loop_
_pdbx_unobs_or_zero_occ_atoms.id 
_pdbx_unobs_or_zero_occ_atoms.PDB_model_num 
_pdbx_unobs_or_zero_occ_atoms.polymer_flag 
_pdbx_unobs_or_zero_occ_atoms.occupancy_flag 
_pdbx_unobs_or_zero_occ_atoms.auth_asym_id 
_pdbx_unobs_or_zero_occ_atoms.auth_comp_id 
_pdbx_unobs_or_zero_occ_atoms.auth_seq_id 
_pdbx_unobs_or_zero_occ_atoms.PDB_ins_code 
_pdbx_unobs_or_zero_occ_atoms.auth_atom_id 
_pdbx_unobs_or_zero_occ_atoms.label_alt_id 
_pdbx_unobs_or_zero_occ_atoms.label_asym_id 
_pdbx_unobs_or_zero_occ_atoms.label_comp_id 
_pdbx_unobs_or_zero_occ_atoms.label_seq_id 
_pdbx_unobs_or_zero_occ_atoms.label_atom_id 
1  1 Y 1 A LYS 957  ? CG  ? A LYS 6   CG  
2  1 Y 1 A LYS 957  ? CD  ? A LYS 6   CD  
3  1 Y 1 A LYS 957  ? CE  ? A LYS 6   CE  
4  1 Y 1 A LYS 957  ? NZ  ? A LYS 6   NZ  
5  1 Y 1 A LYS 967  ? NZ  ? A LYS 16  NZ  
6  1 Y 1 A ARG 982  ? CD  ? A ARG 31  CD  
7  1 Y 1 A ARG 982  ? NE  ? A ARG 31  NE  
8  1 Y 1 A ARG 982  ? CZ  ? A ARG 31  CZ  
9  1 Y 1 A ARG 982  ? NH1 ? A ARG 31  NH1 
10 1 Y 1 A ARG 982  ? NH2 ? A ARG 31  NH2 
11 1 Y 1 A LEU 986  ? CG  ? A LEU 35  CG  
12 1 Y 1 A LEU 986  ? CD1 ? A LEU 35  CD1 
13 1 Y 1 A LEU 986  ? CD2 ? A LEU 35  CD2 
14 1 Y 1 A LYS 992  ? CD  ? A LYS 41  CD  
15 1 Y 1 A LYS 992  ? CE  ? A LYS 41  CE  
16 1 Y 1 A LYS 992  ? NZ  ? A LYS 41  NZ  
17 1 Y 1 A TYR 1009 ? CD1 ? A TYR 58  CD1 
18 1 Y 1 A TYR 1009 ? CD2 ? A TYR 58  CD2 
19 1 Y 1 A TYR 1009 ? CE1 ? A TYR 58  CE1 
20 1 Y 1 A TYR 1009 ? CE2 ? A TYR 58  CE2 
21 1 Y 1 A TYR 1009 ? CZ  ? A TYR 58  CZ  
22 1 Y 1 A TYR 1009 ? OH  ? A TYR 58  OH  
23 1 Y 1 A ASP 1023 ? CG  ? A ASP 72  CG  
24 1 Y 1 A ASP 1023 ? OD1 ? A ASP 72  OD1 
25 1 Y 1 A ASP 1023 ? OD2 ? A ASP 72  OD2 
26 1 Y 1 A LYS 1024 ? CG  ? A LYS 73  CG  
27 1 Y 1 A LYS 1024 ? CD  ? A LYS 73  CD  
28 1 Y 1 A LYS 1024 ? CE  ? A LYS 73  CE  
29 1 Y 1 A LYS 1024 ? NZ  ? A LYS 73  NZ  
30 1 Y 1 A SER 1025 ? OG  ? A SER 74  OG  
31 1 Y 1 A LYS 1035 ? CG  ? A LYS 84  CG  
32 1 Y 1 A LYS 1035 ? CD  ? A LYS 84  CD  
33 1 Y 1 A LYS 1035 ? CE  ? A LYS 84  CE  
34 1 Y 1 A LYS 1035 ? NZ  ? A LYS 84  NZ  
35 1 Y 1 A LYS 1038 ? CG  ? A LYS 87  CG  
36 1 Y 1 A LYS 1038 ? CD  ? A LYS 87  CD  
37 1 Y 1 A LYS 1038 ? CE  ? A LYS 87  CE  
38 1 Y 1 A LYS 1038 ? NZ  ? A LYS 87  NZ  
39 1 Y 1 A LYS 1039 ? NZ  ? A LYS 88  NZ  
40 1 Y 1 A LYS 1058 ? CG  ? A LYS 107 CG  
41 1 Y 1 A LYS 1058 ? CD  ? A LYS 107 CD  
42 1 Y 1 A LYS 1058 ? CE  ? A LYS 107 CE  
43 1 Y 1 A LYS 1058 ? NZ  ? A LYS 107 NZ  
44 1 Y 1 A GLU 1064 ? CD  ? A GLU 113 CD  
45 1 Y 1 A GLU 1064 ? OE1 ? A GLU 113 OE1 
46 1 Y 1 A GLU 1064 ? OE2 ? A GLU 113 OE2 
# 
loop_
_pdbx_unobs_or_zero_occ_residues.id 
_pdbx_unobs_or_zero_occ_residues.PDB_model_num 
_pdbx_unobs_or_zero_occ_residues.polymer_flag 
_pdbx_unobs_or_zero_occ_residues.occupancy_flag 
_pdbx_unobs_or_zero_occ_residues.auth_asym_id 
_pdbx_unobs_or_zero_occ_residues.auth_comp_id 
_pdbx_unobs_or_zero_occ_residues.auth_seq_id 
_pdbx_unobs_or_zero_occ_residues.PDB_ins_code 
_pdbx_unobs_or_zero_occ_residues.label_asym_id 
_pdbx_unobs_or_zero_occ_residues.label_comp_id 
_pdbx_unobs_or_zero_occ_residues.label_seq_id 
1 1 Y 1 A GLY 952 ? A GLY 1 
2 1 Y 1 A LYS 953 ? A LYS 2 
3 1 Y 1 A ALA 954 ? A ALA 3 
4 1 Y 1 A GLY 955 ? A GLY 4 
5 1 Y 1 A LYS 956 ? A LYS 5 
# 
loop_
_chem_comp_atom.comp_id 
_chem_comp_atom.atom_id 
_chem_comp_atom.type_symbol 
_chem_comp_atom.pdbx_aromatic_flag 
_chem_comp_atom.pdbx_stereo_config 
_chem_comp_atom.pdbx_ordinal 
ALA N    N N N 1   
ALA CA   C N S 2   
ALA C    C N N 3   
ALA O    O N N 4   
ALA CB   C N N 5   
ALA OXT  O N N 6   
ALA H    H N N 7   
ALA H2   H N N 8   
ALA HA   H N N 9   
ALA HB1  H N N 10  
ALA HB2  H N N 11  
ALA HB3  H N N 12  
ALA HXT  H N N 13  
ARG N    N N N 14  
ARG CA   C N S 15  
ARG C    C N N 16  
ARG O    O N N 17  
ARG CB   C N N 18  
ARG CG   C N N 19  
ARG CD   C N N 20  
ARG NE   N N N 21  
ARG CZ   C N N 22  
ARG NH1  N N N 23  
ARG NH2  N N N 24  
ARG OXT  O N N 25  
ARG H    H N N 26  
ARG H2   H N N 27  
ARG HA   H N N 28  
ARG HB2  H N N 29  
ARG HB3  H N N 30  
ARG HG2  H N N 31  
ARG HG3  H N N 32  
ARG HD2  H N N 33  
ARG HD3  H N N 34  
ARG HE   H N N 35  
ARG HH11 H N N 36  
ARG HH12 H N N 37  
ARG HH21 H N N 38  
ARG HH22 H N N 39  
ARG HXT  H N N 40  
ASN N    N N N 41  
ASN CA   C N S 42  
ASN C    C N N 43  
ASN O    O N N 44  
ASN CB   C N N 45  
ASN CG   C N N 46  
ASN OD1  O N N 47  
ASN ND2  N N N 48  
ASN OXT  O N N 49  
ASN H    H N N 50  
ASN H2   H N N 51  
ASN HA   H N N 52  
ASN HB2  H N N 53  
ASN HB3  H N N 54  
ASN HD21 H N N 55  
ASN HD22 H N N 56  
ASN HXT  H N N 57  
ASP N    N N N 58  
ASP CA   C N S 59  
ASP C    C N N 60  
ASP O    O N N 61  
ASP CB   C N N 62  
ASP CG   C N N 63  
ASP OD1  O N N 64  
ASP OD2  O N N 65  
ASP OXT  O N N 66  
ASP H    H N N 67  
ASP H2   H N N 68  
ASP HA   H N N 69  
ASP HB2  H N N 70  
ASP HB3  H N N 71  
ASP HD2  H N N 72  
ASP HXT  H N N 73  
CYS N    N N N 74  
CYS CA   C N R 75  
CYS C    C N N 76  
CYS O    O N N 77  
CYS CB   C N N 78  
CYS SG   S N N 79  
CYS OXT  O N N 80  
CYS H    H N N 81  
CYS H2   H N N 82  
CYS HA   H N N 83  
CYS HB2  H N N 84  
CYS HB3  H N N 85  
CYS HG   H N N 86  
CYS HXT  H N N 87  
GLN N    N N N 88  
GLN CA   C N S 89  
GLN C    C N N 90  
GLN O    O N N 91  
GLN CB   C N N 92  
GLN CG   C N N 93  
GLN CD   C N N 94  
GLN OE1  O N N 95  
GLN NE2  N N N 96  
GLN OXT  O N N 97  
GLN H    H N N 98  
GLN H2   H N N 99  
GLN HA   H N N 100 
GLN HB2  H N N 101 
GLN HB3  H N N 102 
GLN HG2  H N N 103 
GLN HG3  H N N 104 
GLN HE21 H N N 105 
GLN HE22 H N N 106 
GLN HXT  H N N 107 
GLU N    N N N 108 
GLU CA   C N S 109 
GLU C    C N N 110 
GLU O    O N N 111 
GLU CB   C N N 112 
GLU CG   C N N 113 
GLU CD   C N N 114 
GLU OE1  O N N 115 
GLU OE2  O N N 116 
GLU OXT  O N N 117 
GLU H    H N N 118 
GLU H2   H N N 119 
GLU HA   H N N 120 
GLU HB2  H N N 121 
GLU HB3  H N N 122 
GLU HG2  H N N 123 
GLU HG3  H N N 124 
GLU HE2  H N N 125 
GLU HXT  H N N 126 
GLY N    N N N 127 
GLY CA   C N N 128 
GLY C    C N N 129 
GLY O    O N N 130 
GLY OXT  O N N 131 
GLY H    H N N 132 
GLY H2   H N N 133 
GLY HA2  H N N 134 
GLY HA3  H N N 135 
GLY HXT  H N N 136 
HIS N    N N N 137 
HIS CA   C N S 138 
HIS C    C N N 139 
HIS O    O N N 140 
HIS CB   C N N 141 
HIS CG   C Y N 142 
HIS ND1  N Y N 143 
HIS CD2  C Y N 144 
HIS CE1  C Y N 145 
HIS NE2  N Y N 146 
HIS OXT  O N N 147 
HIS H    H N N 148 
HIS H2   H N N 149 
HIS HA   H N N 150 
HIS HB2  H N N 151 
HIS HB3  H N N 152 
HIS HD1  H N N 153 
HIS HD2  H N N 154 
HIS HE1  H N N 155 
HIS HE2  H N N 156 
HIS HXT  H N N 157 
HOH O    O N N 158 
HOH H1   H N N 159 
HOH H2   H N N 160 
ILE N    N N N 161 
ILE CA   C N S 162 
ILE C    C N N 163 
ILE O    O N N 164 
ILE CB   C N S 165 
ILE CG1  C N N 166 
ILE CG2  C N N 167 
ILE CD1  C N N 168 
ILE OXT  O N N 169 
ILE H    H N N 170 
ILE H2   H N N 171 
ILE HA   H N N 172 
ILE HB   H N N 173 
ILE HG12 H N N 174 
ILE HG13 H N N 175 
ILE HG21 H N N 176 
ILE HG22 H N N 177 
ILE HG23 H N N 178 
ILE HD11 H N N 179 
ILE HD12 H N N 180 
ILE HD13 H N N 181 
ILE HXT  H N N 182 
LEU N    N N N 183 
LEU CA   C N S 184 
LEU C    C N N 185 
LEU O    O N N 186 
LEU CB   C N N 187 
LEU CG   C N N 188 
LEU CD1  C N N 189 
LEU CD2  C N N 190 
LEU OXT  O N N 191 
LEU H    H N N 192 
LEU H2   H N N 193 
LEU HA   H N N 194 
LEU HB2  H N N 195 
LEU HB3  H N N 196 
LEU HG   H N N 197 
LEU HD11 H N N 198 
LEU HD12 H N N 199 
LEU HD13 H N N 200 
LEU HD21 H N N 201 
LEU HD22 H N N 202 
LEU HD23 H N N 203 
LEU HXT  H N N 204 
LYS N    N N N 205 
LYS CA   C N S 206 
LYS C    C N N 207 
LYS O    O N N 208 
LYS CB   C N N 209 
LYS CG   C N N 210 
LYS CD   C N N 211 
LYS CE   C N N 212 
LYS NZ   N N N 213 
LYS OXT  O N N 214 
LYS H    H N N 215 
LYS H2   H N N 216 
LYS HA   H N N 217 
LYS HB2  H N N 218 
LYS HB3  H N N 219 
LYS HG2  H N N 220 
LYS HG3  H N N 221 
LYS HD2  H N N 222 
LYS HD3  H N N 223 
LYS HE2  H N N 224 
LYS HE3  H N N 225 
LYS HZ1  H N N 226 
LYS HZ2  H N N 227 
LYS HZ3  H N N 228 
LYS HXT  H N N 229 
PHE N    N N N 230 
PHE CA   C N S 231 
PHE C    C N N 232 
PHE O    O N N 233 
PHE CB   C N N 234 
PHE CG   C Y N 235 
PHE CD1  C Y N 236 
PHE CD2  C Y N 237 
PHE CE1  C Y N 238 
PHE CE2  C Y N 239 
PHE CZ   C Y N 240 
PHE OXT  O N N 241 
PHE H    H N N 242 
PHE H2   H N N 243 
PHE HA   H N N 244 
PHE HB2  H N N 245 
PHE HB3  H N N 246 
PHE HD1  H N N 247 
PHE HD2  H N N 248 
PHE HE1  H N N 249 
PHE HE2  H N N 250 
PHE HZ   H N N 251 
PHE HXT  H N N 252 
PRO N    N N N 253 
PRO CA   C N S 254 
PRO C    C N N 255 
PRO O    O N N 256 
PRO CB   C N N 257 
PRO CG   C N N 258 
PRO CD   C N N 259 
PRO OXT  O N N 260 
PRO H    H N N 261 
PRO HA   H N N 262 
PRO HB2  H N N 263 
PRO HB3  H N N 264 
PRO HG2  H N N 265 
PRO HG3  H N N 266 
PRO HD2  H N N 267 
PRO HD3  H N N 268 
PRO HXT  H N N 269 
SER N    N N N 270 
SER CA   C N S 271 
SER C    C N N 272 
SER O    O N N 273 
SER CB   C N N 274 
SER OG   O N N 275 
SER OXT  O N N 276 
SER H    H N N 277 
SER H2   H N N 278 
SER HA   H N N 279 
SER HB2  H N N 280 
SER HB3  H N N 281 
SER HG   H N N 282 
SER HXT  H N N 283 
THR N    N N N 284 
THR CA   C N S 285 
THR C    C N N 286 
THR O    O N N 287 
THR CB   C N R 288 
THR OG1  O N N 289 
THR CG2  C N N 290 
THR OXT  O N N 291 
THR H    H N N 292 
THR H2   H N N 293 
THR HA   H N N 294 
THR HB   H N N 295 
THR HG1  H N N 296 
THR HG21 H N N 297 
THR HG22 H N N 298 
THR HG23 H N N 299 
THR HXT  H N N 300 
TRP N    N N N 301 
TRP CA   C N S 302 
TRP C    C N N 303 
TRP O    O N N 304 
TRP CB   C N N 305 
TRP CG   C Y N 306 
TRP CD1  C Y N 307 
TRP CD2  C Y N 308 
TRP NE1  N Y N 309 
TRP CE2  C Y N 310 
TRP CE3  C Y N 311 
TRP CZ2  C Y N 312 
TRP CZ3  C Y N 313 
TRP CH2  C Y N 314 
TRP OXT  O N N 315 
TRP H    H N N 316 
TRP H2   H N N 317 
TRP HA   H N N 318 
TRP HB2  H N N 319 
TRP HB3  H N N 320 
TRP HD1  H N N 321 
TRP HE1  H N N 322 
TRP HE3  H N N 323 
TRP HZ2  H N N 324 
TRP HZ3  H N N 325 
TRP HH2  H N N 326 
TRP HXT  H N N 327 
TYR N    N N N 328 
TYR CA   C N S 329 
TYR C    C N N 330 
TYR O    O N N 331 
TYR CB   C N N 332 
TYR CG   C Y N 333 
TYR CD1  C Y N 334 
TYR CD2  C Y N 335 
TYR CE1  C Y N 336 
TYR CE2  C Y N 337 
TYR CZ   C Y N 338 
TYR OH   O N N 339 
TYR OXT  O N N 340 
TYR H    H N N 341 
TYR H2   H N N 342 
TYR HA   H N N 343 
TYR HB2  H N N 344 
TYR HB3  H N N 345 
TYR HD1  H N N 346 
TYR HD2  H N N 347 
TYR HE1  H N N 348 
TYR HE2  H N N 349 
TYR HH   H N N 350 
TYR HXT  H N N 351 
VAL N    N N N 352 
VAL CA   C N S 353 
VAL C    C N N 354 
VAL O    O N N 355 
VAL CB   C N N 356 
VAL CG1  C N N 357 
VAL CG2  C N N 358 
VAL OXT  O N N 359 
VAL H    H N N 360 
VAL H2   H N N 361 
VAL HA   H N N 362 
VAL HB   H N N 363 
VAL HG11 H N N 364 
VAL HG12 H N N 365 
VAL HG13 H N N 366 
VAL HG21 H N N 367 
VAL HG22 H N N 368 
VAL HG23 H N N 369 
VAL HXT  H N N 370 
# 
loop_
_chem_comp_bond.comp_id 
_chem_comp_bond.atom_id_1 
_chem_comp_bond.atom_id_2 
_chem_comp_bond.value_order 
_chem_comp_bond.pdbx_aromatic_flag 
_chem_comp_bond.pdbx_stereo_config 
_chem_comp_bond.pdbx_ordinal 
ALA N   CA   sing N N 1   
ALA N   H    sing N N 2   
ALA N   H2   sing N N 3   
ALA CA  C    sing N N 4   
ALA CA  CB   sing N N 5   
ALA CA  HA   sing N N 6   
ALA C   O    doub N N 7   
ALA C   OXT  sing N N 8   
ALA CB  HB1  sing N N 9   
ALA CB  HB2  sing N N 10  
ALA CB  HB3  sing N N 11  
ALA OXT HXT  sing N N 12  
ARG N   CA   sing N N 13  
ARG N   H    sing N N 14  
ARG N   H2   sing N N 15  
ARG CA  C    sing N N 16  
ARG CA  CB   sing N N 17  
ARG CA  HA   sing N N 18  
ARG C   O    doub N N 19  
ARG C   OXT  sing N N 20  
ARG CB  CG   sing N N 21  
ARG CB  HB2  sing N N 22  
ARG CB  HB3  sing N N 23  
ARG CG  CD   sing N N 24  
ARG CG  HG2  sing N N 25  
ARG CG  HG3  sing N N 26  
ARG CD  NE   sing N N 27  
ARG CD  HD2  sing N N 28  
ARG CD  HD3  sing N N 29  
ARG NE  CZ   sing N N 30  
ARG NE  HE   sing N N 31  
ARG CZ  NH1  sing N N 32  
ARG CZ  NH2  doub N N 33  
ARG NH1 HH11 sing N N 34  
ARG NH1 HH12 sing N N 35  
ARG NH2 HH21 sing N N 36  
ARG NH2 HH22 sing N N 37  
ARG OXT HXT  sing N N 38  
ASN N   CA   sing N N 39  
ASN N   H    sing N N 40  
ASN N   H2   sing N N 41  
ASN CA  C    sing N N 42  
ASN CA  CB   sing N N 43  
ASN CA  HA   sing N N 44  
ASN C   O    doub N N 45  
ASN C   OXT  sing N N 46  
ASN CB  CG   sing N N 47  
ASN CB  HB2  sing N N 48  
ASN CB  HB3  sing N N 49  
ASN CG  OD1  doub N N 50  
ASN CG  ND2  sing N N 51  
ASN ND2 HD21 sing N N 52  
ASN ND2 HD22 sing N N 53  
ASN OXT HXT  sing N N 54  
ASP N   CA   sing N N 55  
ASP N   H    sing N N 56  
ASP N   H2   sing N N 57  
ASP CA  C    sing N N 58  
ASP CA  CB   sing N N 59  
ASP CA  HA   sing N N 60  
ASP C   O    doub N N 61  
ASP C   OXT  sing N N 62  
ASP CB  CG   sing N N 63  
ASP CB  HB2  sing N N 64  
ASP CB  HB3  sing N N 65  
ASP CG  OD1  doub N N 66  
ASP CG  OD2  sing N N 67  
ASP OD2 HD2  sing N N 68  
ASP OXT HXT  sing N N 69  
CYS N   CA   sing N N 70  
CYS N   H    sing N N 71  
CYS N   H2   sing N N 72  
CYS CA  C    sing N N 73  
CYS CA  CB   sing N N 74  
CYS CA  HA   sing N N 75  
CYS C   O    doub N N 76  
CYS C   OXT  sing N N 77  
CYS CB  SG   sing N N 78  
CYS CB  HB2  sing N N 79  
CYS CB  HB3  sing N N 80  
CYS SG  HG   sing N N 81  
CYS OXT HXT  sing N N 82  
GLN N   CA   sing N N 83  
GLN N   H    sing N N 84  
GLN N   H2   sing N N 85  
GLN CA  C    sing N N 86  
GLN CA  CB   sing N N 87  
GLN CA  HA   sing N N 88  
GLN C   O    doub N N 89  
GLN C   OXT  sing N N 90  
GLN CB  CG   sing N N 91  
GLN CB  HB2  sing N N 92  
GLN CB  HB3  sing N N 93  
GLN CG  CD   sing N N 94  
GLN CG  HG2  sing N N 95  
GLN CG  HG3  sing N N 96  
GLN CD  OE1  doub N N 97  
GLN CD  NE2  sing N N 98  
GLN NE2 HE21 sing N N 99  
GLN NE2 HE22 sing N N 100 
GLN OXT HXT  sing N N 101 
GLU N   CA   sing N N 102 
GLU N   H    sing N N 103 
GLU N   H2   sing N N 104 
GLU CA  C    sing N N 105 
GLU CA  CB   sing N N 106 
GLU CA  HA   sing N N 107 
GLU C   O    doub N N 108 
GLU C   OXT  sing N N 109 
GLU CB  CG   sing N N 110 
GLU CB  HB2  sing N N 111 
GLU CB  HB3  sing N N 112 
GLU CG  CD   sing N N 113 
GLU CG  HG2  sing N N 114 
GLU CG  HG3  sing N N 115 
GLU CD  OE1  doub N N 116 
GLU CD  OE2  sing N N 117 
GLU OE2 HE2  sing N N 118 
GLU OXT HXT  sing N N 119 
GLY N   CA   sing N N 120 
GLY N   H    sing N N 121 
GLY N   H2   sing N N 122 
GLY CA  C    sing N N 123 
GLY CA  HA2  sing N N 124 
GLY CA  HA3  sing N N 125 
GLY C   O    doub N N 126 
GLY C   OXT  sing N N 127 
GLY OXT HXT  sing N N 128 
HIS N   CA   sing N N 129 
HIS N   H    sing N N 130 
HIS N   H2   sing N N 131 
HIS CA  C    sing N N 132 
HIS CA  CB   sing N N 133 
HIS CA  HA   sing N N 134 
HIS C   O    doub N N 135 
HIS C   OXT  sing N N 136 
HIS CB  CG   sing N N 137 
HIS CB  HB2  sing N N 138 
HIS CB  HB3  sing N N 139 
HIS CG  ND1  sing Y N 140 
HIS CG  CD2  doub Y N 141 
HIS ND1 CE1  doub Y N 142 
HIS ND1 HD1  sing N N 143 
HIS CD2 NE2  sing Y N 144 
HIS CD2 HD2  sing N N 145 
HIS CE1 NE2  sing Y N 146 
HIS CE1 HE1  sing N N 147 
HIS NE2 HE2  sing N N 148 
HIS OXT HXT  sing N N 149 
HOH O   H1   sing N N 150 
HOH O   H2   sing N N 151 
ILE N   CA   sing N N 152 
ILE N   H    sing N N 153 
ILE N   H2   sing N N 154 
ILE CA  C    sing N N 155 
ILE CA  CB   sing N N 156 
ILE CA  HA   sing N N 157 
ILE C   O    doub N N 158 
ILE C   OXT  sing N N 159 
ILE CB  CG1  sing N N 160 
ILE CB  CG2  sing N N 161 
ILE CB  HB   sing N N 162 
ILE CG1 CD1  sing N N 163 
ILE CG1 HG12 sing N N 164 
ILE CG1 HG13 sing N N 165 
ILE CG2 HG21 sing N N 166 
ILE CG2 HG22 sing N N 167 
ILE CG2 HG23 sing N N 168 
ILE CD1 HD11 sing N N 169 
ILE CD1 HD12 sing N N 170 
ILE CD1 HD13 sing N N 171 
ILE OXT HXT  sing N N 172 
LEU N   CA   sing N N 173 
LEU N   H    sing N N 174 
LEU N   H2   sing N N 175 
LEU CA  C    sing N N 176 
LEU CA  CB   sing N N 177 
LEU CA  HA   sing N N 178 
LEU C   O    doub N N 179 
LEU C   OXT  sing N N 180 
LEU CB  CG   sing N N 181 
LEU CB  HB2  sing N N 182 
LEU CB  HB3  sing N N 183 
LEU CG  CD1  sing N N 184 
LEU CG  CD2  sing N N 185 
LEU CG  HG   sing N N 186 
LEU CD1 HD11 sing N N 187 
LEU CD1 HD12 sing N N 188 
LEU CD1 HD13 sing N N 189 
LEU CD2 HD21 sing N N 190 
LEU CD2 HD22 sing N N 191 
LEU CD2 HD23 sing N N 192 
LEU OXT HXT  sing N N 193 
LYS N   CA   sing N N 194 
LYS N   H    sing N N 195 
LYS N   H2   sing N N 196 
LYS CA  C    sing N N 197 
LYS CA  CB   sing N N 198 
LYS CA  HA   sing N N 199 
LYS C   O    doub N N 200 
LYS C   OXT  sing N N 201 
LYS CB  CG   sing N N 202 
LYS CB  HB2  sing N N 203 
LYS CB  HB3  sing N N 204 
LYS CG  CD   sing N N 205 
LYS CG  HG2  sing N N 206 
LYS CG  HG3  sing N N 207 
LYS CD  CE   sing N N 208 
LYS CD  HD2  sing N N 209 
LYS CD  HD3  sing N N 210 
LYS CE  NZ   sing N N 211 
LYS CE  HE2  sing N N 212 
LYS CE  HE3  sing N N 213 
LYS NZ  HZ1  sing N N 214 
LYS NZ  HZ2  sing N N 215 
LYS NZ  HZ3  sing N N 216 
LYS OXT HXT  sing N N 217 
PHE N   CA   sing N N 218 
PHE N   H    sing N N 219 
PHE N   H2   sing N N 220 
PHE CA  C    sing N N 221 
PHE CA  CB   sing N N 222 
PHE CA  HA   sing N N 223 
PHE C   O    doub N N 224 
PHE C   OXT  sing N N 225 
PHE CB  CG   sing N N 226 
PHE CB  HB2  sing N N 227 
PHE CB  HB3  sing N N 228 
PHE CG  CD1  doub Y N 229 
PHE CG  CD2  sing Y N 230 
PHE CD1 CE1  sing Y N 231 
PHE CD1 HD1  sing N N 232 
PHE CD2 CE2  doub Y N 233 
PHE CD2 HD2  sing N N 234 
PHE CE1 CZ   doub Y N 235 
PHE CE1 HE1  sing N N 236 
PHE CE2 CZ   sing Y N 237 
PHE CE2 HE2  sing N N 238 
PHE CZ  HZ   sing N N 239 
PHE OXT HXT  sing N N 240 
PRO N   CA   sing N N 241 
PRO N   CD   sing N N 242 
PRO N   H    sing N N 243 
PRO CA  C    sing N N 244 
PRO CA  CB   sing N N 245 
PRO CA  HA   sing N N 246 
PRO C   O    doub N N 247 
PRO C   OXT  sing N N 248 
PRO CB  CG   sing N N 249 
PRO CB  HB2  sing N N 250 
PRO CB  HB3  sing N N 251 
PRO CG  CD   sing N N 252 
PRO CG  HG2  sing N N 253 
PRO CG  HG3  sing N N 254 
PRO CD  HD2  sing N N 255 
PRO CD  HD3  sing N N 256 
PRO OXT HXT  sing N N 257 
SER N   CA   sing N N 258 
SER N   H    sing N N 259 
SER N   H2   sing N N 260 
SER CA  C    sing N N 261 
SER CA  CB   sing N N 262 
SER CA  HA   sing N N 263 
SER C   O    doub N N 264 
SER C   OXT  sing N N 265 
SER CB  OG   sing N N 266 
SER CB  HB2  sing N N 267 
SER CB  HB3  sing N N 268 
SER OG  HG   sing N N 269 
SER OXT HXT  sing N N 270 
THR N   CA   sing N N 271 
THR N   H    sing N N 272 
THR N   H2   sing N N 273 
THR CA  C    sing N N 274 
THR CA  CB   sing N N 275 
THR CA  HA   sing N N 276 
THR C   O    doub N N 277 
THR C   OXT  sing N N 278 
THR CB  OG1  sing N N 279 
THR CB  CG2  sing N N 280 
THR CB  HB   sing N N 281 
THR OG1 HG1  sing N N 282 
THR CG2 HG21 sing N N 283 
THR CG2 HG22 sing N N 284 
THR CG2 HG23 sing N N 285 
THR OXT HXT  sing N N 286 
TRP N   CA   sing N N 287 
TRP N   H    sing N N 288 
TRP N   H2   sing N N 289 
TRP CA  C    sing N N 290 
TRP CA  CB   sing N N 291 
TRP CA  HA   sing N N 292 
TRP C   O    doub N N 293 
TRP C   OXT  sing N N 294 
TRP CB  CG   sing N N 295 
TRP CB  HB2  sing N N 296 
TRP CB  HB3  sing N N 297 
TRP CG  CD1  doub Y N 298 
TRP CG  CD2  sing Y N 299 
TRP CD1 NE1  sing Y N 300 
TRP CD1 HD1  sing N N 301 
TRP CD2 CE2  doub Y N 302 
TRP CD2 CE3  sing Y N 303 
TRP NE1 CE2  sing Y N 304 
TRP NE1 HE1  sing N N 305 
TRP CE2 CZ2  sing Y N 306 
TRP CE3 CZ3  doub Y N 307 
TRP CE3 HE3  sing N N 308 
TRP CZ2 CH2  doub Y N 309 
TRP CZ2 HZ2  sing N N 310 
TRP CZ3 CH2  sing Y N 311 
TRP CZ3 HZ3  sing N N 312 
TRP CH2 HH2  sing N N 313 
TRP OXT HXT  sing N N 314 
TYR N   CA   sing N N 315 
TYR N   H    sing N N 316 
TYR N   H2   sing N N 317 
TYR CA  C    sing N N 318 
TYR CA  CB   sing N N 319 
TYR CA  HA   sing N N 320 
TYR C   O    doub N N 321 
TYR C   OXT  sing N N 322 
TYR CB  CG   sing N N 323 
TYR CB  HB2  sing N N 324 
TYR CB  HB3  sing N N 325 
TYR CG  CD1  doub Y N 326 
TYR CG  CD2  sing Y N 327 
TYR CD1 CE1  sing Y N 328 
TYR CD1 HD1  sing N N 329 
TYR CD2 CE2  doub Y N 330 
TYR CD2 HD2  sing N N 331 
TYR CE1 CZ   doub Y N 332 
TYR CE1 HE1  sing N N 333 
TYR CE2 CZ   sing Y N 334 
TYR CE2 HE2  sing N N 335 
TYR CZ  OH   sing N N 336 
TYR OH  HH   sing N N 337 
TYR OXT HXT  sing N N 338 
VAL N   CA   sing N N 339 
VAL N   H    sing N N 340 
VAL N   H2   sing N N 341 
VAL CA  C    sing N N 342 
VAL CA  CB   sing N N 343 
VAL CA  HA   sing N N 344 
VAL C   O    doub N N 345 
VAL C   OXT  sing N N 346 
VAL CB  CG1  sing N N 347 
VAL CB  CG2  sing N N 348 
VAL CB  HB   sing N N 349 
VAL CG1 HG11 sing N N 350 
VAL CG1 HG12 sing N N 351 
VAL CG1 HG13 sing N N 352 
VAL CG2 HG21 sing N N 353 
VAL CG2 HG22 sing N N 354 
VAL CG2 HG23 sing N N 355 
VAL OXT HXT  sing N N 356 
# 
loop_
_pdbx_entity_nonpoly.entity_id 
_pdbx_entity_nonpoly.name 
_pdbx_entity_nonpoly.comp_id 
2 'UNKNOWN ATOM OR ION' UNX 
3 water                 HOH 
# 
_pdbx_initial_refinement_model.id               1 
_pdbx_initial_refinement_model.entity_id_list   ? 
_pdbx_initial_refinement_model.type             'experimental model' 
_pdbx_initial_refinement_model.source_name      PDB 
_pdbx_initial_refinement_model.accession_code   2DAQ 
_pdbx_initial_refinement_model.details          'pdb entry 2DAQ' 
# 
